data_1MB2
#
_entry.id   1MB2
#
_cell.length_a   228.730
_cell.length_b   92.240
_cell.length_c   157.590
_cell.angle_alpha   90.00
_cell.angle_beta   132.71
_cell.angle_gamma   90.00
#
_symmetry.space_group_name_H-M   'C 1 2 1'
#
loop_
_entity.id
_entity.type
_entity.pdbx_description
1 polymer 'TRYPTOPHAN-TRNA LIGASE'
2 non-polymer TRYPTOPHAN
#
_entity_poly.entity_id   1
_entity_poly.type   'polypeptide(L)'
_entity_poly.pdbx_seq_one_letter_code
;MKTIFSGIQPSGVITIGNYIGALRQFVELQHEYNCYFCIVDQHAITVWQDPHELRQNIRRLAALYLAVGIDPTQATLFIQ
SEVPAHAQAAWMLQCIVYIGELERMTQFKEKSAGKEAVSAGLLTYPPLMAADILLYNTDIVPVGEDQKQHIELTRDLAER
FNKRYGELFTIPEARIPKVGARIMSLVDPTKKMSKSDPNPKAYITLLDDAKTIEKKIKSAVTDSEGTIRYDKEAKPGISN
LLNIYSTLSGQSIEELERQYEGKGYGVFKADLAQVVIETLRPIQERYHHWMESEELDRVLDEGAEKANRVASEMVRKMEQ
AMGLGRRR
;
_entity_poly.pdbx_strand_id   A,B,C,D,E,F
#
# COMPACT_ATOMS: atom_id res chain seq x y z
N MET A 1 -8.06 6.05 18.43
CA MET A 1 -8.72 7.35 18.73
C MET A 1 -7.63 8.31 19.24
N LYS A 2 -7.98 9.56 19.52
CA LYS A 2 -7.00 10.50 20.07
C LYS A 2 -6.82 10.14 21.53
N THR A 3 -5.63 10.37 22.08
CA THR A 3 -5.37 10.03 23.48
C THR A 3 -5.54 11.21 24.43
N ILE A 4 -5.98 10.93 25.65
CA ILE A 4 -6.14 11.98 26.64
C ILE A 4 -5.52 11.54 27.97
N PHE A 5 -4.64 12.37 28.51
CA PHE A 5 -4.04 12.02 29.78
C PHE A 5 -4.51 13.00 30.83
N SER A 6 -4.93 12.50 31.98
CA SER A 6 -5.39 13.33 33.07
C SER A 6 -4.83 12.82 34.39
N GLY A 7 -4.06 13.64 35.08
CA GLY A 7 -3.49 13.25 36.36
C GLY A 7 -4.36 13.75 37.49
N ILE A 8 -4.61 12.91 38.49
CA ILE A 8 -5.45 13.29 39.61
C ILE A 8 -4.67 13.26 40.91
N GLN A 9 -4.56 14.42 41.53
CA GLN A 9 -3.87 14.55 42.81
C GLN A 9 -4.69 13.78 43.82
N PRO A 10 -4.06 12.79 44.49
CA PRO A 10 -4.81 12.02 45.48
C PRO A 10 -5.15 12.89 46.68
N SER A 11 -6.43 13.18 46.85
CA SER A 11 -6.84 14.01 48.00
C SER A 11 -8.19 13.65 48.58
N GLY A 12 -8.74 12.51 48.16
CA GLY A 12 -10.01 12.05 48.70
C GLY A 12 -11.26 12.92 48.76
N VAL A 13 -11.20 14.15 48.26
CA VAL A 13 -12.36 15.04 48.26
C VAL A 13 -12.41 15.88 46.99
N ILE A 14 -13.44 15.66 46.19
CA ILE A 14 -13.63 16.42 44.95
C ILE A 14 -15.02 17.06 45.03
N THR A 15 -15.09 18.34 44.71
CA THR A 15 -16.36 19.08 44.80
C THR A 15 -17.36 18.98 43.65
N ILE A 16 -18.61 19.29 43.99
CA ILE A 16 -19.68 19.27 43.02
C ILE A 16 -19.25 20.18 41.85
N GLY A 17 -18.32 21.09 42.14
CA GLY A 17 -17.81 21.98 41.11
C GLY A 17 -16.90 21.23 40.14
N ASN A 18 -16.05 20.35 40.67
CA ASN A 18 -15.17 19.52 39.84
C ASN A 18 -16.04 18.59 39.00
N TYR A 19 -16.99 17.96 39.68
CA TYR A 19 -17.90 17.03 39.02
C TYR A 19 -18.61 17.71 37.86
N ILE A 20 -19.24 18.84 38.12
CA ILE A 20 -19.96 19.58 37.09
C ILE A 20 -19.08 20.15 35.97
N GLY A 21 -17.97 20.79 36.36
CA GLY A 21 -17.06 21.39 35.39
C GLY A 21 -16.27 20.50 34.47
N ALA A 22 -15.74 19.40 35.00
CA ALA A 22 -14.93 18.49 34.19
C ALA A 22 -15.28 17.01 34.30
N LEU A 23 -15.06 16.44 35.48
CA LEU A 23 -15.29 15.02 35.74
C LEU A 23 -16.49 14.40 35.02
N ARG A 24 -17.67 14.93 35.30
CA ARG A 24 -18.93 14.47 34.71
C ARG A 24 -18.86 14.28 33.20
N GLN A 25 -18.24 15.22 32.51
CA GLN A 25 -18.10 15.19 31.05
C GLN A 25 -17.16 14.11 30.55
N PHE A 26 -16.29 13.62 31.43
CA PHE A 26 -15.36 12.58 31.04
C PHE A 26 -16.09 11.30 30.66
N VAL A 27 -17.12 10.95 31.42
CA VAL A 27 -17.90 9.72 31.17
C VAL A 27 -18.35 9.65 29.71
N GLU A 28 -18.47 10.81 29.08
CA GLU A 28 -18.86 10.86 27.68
C GLU A 28 -17.58 10.68 26.86
N LEU A 29 -16.62 11.58 27.09
CA LEU A 29 -15.33 11.57 26.39
C LEU A 29 -14.63 10.22 26.28
N GLN A 30 -14.76 9.40 27.32
CA GLN A 30 -14.12 8.09 27.36
C GLN A 30 -14.55 7.10 26.29
N HIS A 31 -15.45 7.51 25.41
CA HIS A 31 -15.86 6.61 24.33
C HIS A 31 -15.33 7.16 23.03
N GLU A 32 -15.15 8.47 22.99
CA GLU A 32 -14.66 9.12 21.80
C GLU A 32 -13.13 9.09 21.77
N TYR A 33 -12.52 9.26 22.93
CA TYR A 33 -11.08 9.26 23.02
C TYR A 33 -10.50 8.08 23.78
N ASN A 34 -9.17 8.01 23.78
CA ASN A 34 -8.44 6.97 24.50
C ASN A 34 -7.95 7.66 25.77
N CYS A 35 -8.71 7.48 26.85
CA CYS A 35 -8.39 8.12 28.12
C CYS A 35 -7.57 7.33 29.10
N TYR A 36 -6.72 8.08 29.80
CA TYR A 36 -5.85 7.55 30.83
C TYR A 36 -6.13 8.42 32.06
N PHE A 37 -6.47 7.81 33.19
CA PHE A 37 -6.71 8.58 34.41
C PHE A 37 -5.71 8.12 35.46
N CYS A 38 -4.62 8.86 35.59
CA CYS A 38 -3.57 8.50 36.54
C CYS A 38 -3.67 9.18 37.89
N ILE A 39 -3.69 8.39 38.95
CA ILE A 39 -3.73 8.92 40.31
C ILE A 39 -2.30 9.23 40.74
N VAL A 40 -1.80 10.38 40.29
CA VAL A 40 -0.42 10.81 40.53
C VAL A 40 0.03 10.92 42.00
N ASP A 41 0.29 9.79 42.62
CA ASP A 41 0.71 9.78 44.01
C ASP A 41 2.16 10.21 44.23
N GLN A 42 2.98 10.14 43.18
CA GLN A 42 4.37 10.56 43.34
C GLN A 42 4.46 12.08 43.45
N HIS A 43 3.60 12.76 42.69
CA HIS A 43 3.53 14.21 42.74
C HIS A 43 2.99 14.68 44.09
N ALA A 44 2.14 13.87 44.72
CA ALA A 44 1.54 14.26 45.98
C ALA A 44 2.54 14.22 47.10
N ILE A 45 3.68 13.64 46.82
CA ILE A 45 4.67 13.50 47.86
C ILE A 45 5.63 14.70 47.91
N THR A 46 5.54 15.60 46.93
CA THR A 46 6.37 16.81 46.90
C THR A 46 6.11 17.71 48.12
N VAL A 47 5.04 17.46 48.85
CA VAL A 47 4.71 18.26 50.04
C VAL A 47 4.38 17.27 51.16
N TRP A 48 4.48 17.71 52.41
CA TRP A 48 4.19 16.83 53.52
C TRP A 48 2.87 16.12 53.33
N GLN A 49 2.83 14.84 53.71
CA GLN A 49 1.64 14.01 53.61
C GLN A 49 1.69 13.04 54.77
N ASP A 50 0.54 12.57 55.21
CA ASP A 50 0.56 11.59 56.27
C ASP A 50 0.50 10.31 55.44
N PRO A 51 1.34 9.31 55.77
CA PRO A 51 1.33 8.08 54.97
C PRO A 51 -0.02 7.41 54.92
N HIS A 52 -0.64 7.23 56.08
CA HIS A 52 -1.92 6.58 56.11
C HIS A 52 -2.99 7.37 55.38
N GLU A 53 -3.00 8.68 55.55
CA GLU A 53 -3.98 9.50 54.87
C GLU A 53 -3.83 9.43 53.37
N LEU A 54 -2.59 9.39 52.91
CA LEU A 54 -2.33 9.34 51.48
C LEU A 54 -2.70 7.99 50.87
N ARG A 55 -2.39 6.92 51.60
CA ARG A 55 -2.68 5.58 51.12
C ARG A 55 -4.19 5.47 50.98
N GLN A 56 -4.89 6.05 51.95
CA GLN A 56 -6.35 6.04 51.99
C GLN A 56 -6.97 6.84 50.85
N ASN A 57 -6.49 8.07 50.68
CA ASN A 57 -6.98 8.98 49.64
C ASN A 57 -6.76 8.42 48.24
N ILE A 58 -5.86 7.47 48.10
CA ILE A 58 -5.60 6.89 46.79
C ILE A 58 -6.76 5.94 46.44
N ARG A 59 -7.21 5.17 47.43
CA ARG A 59 -8.33 4.25 47.22
C ARG A 59 -9.60 5.06 47.01
N ARG A 60 -9.82 6.05 47.87
CA ARG A 60 -10.99 6.91 47.81
C ARG A 60 -11.21 7.49 46.43
N LEU A 61 -10.15 8.07 45.89
CA LEU A 61 -10.21 8.70 44.60
C LEU A 61 -10.56 7.74 43.48
N ALA A 62 -10.05 6.52 43.58
CA ALA A 62 -10.30 5.49 42.57
C ALA A 62 -11.73 4.98 42.73
N ALA A 63 -12.13 4.82 43.99
CA ALA A 63 -13.49 4.36 44.29
C ALA A 63 -14.44 5.39 43.66
N LEU A 64 -14.23 6.66 44.04
CA LEU A 64 -15.04 7.76 43.55
C LEU A 64 -15.08 7.98 42.04
N TYR A 65 -13.97 7.70 41.35
CA TYR A 65 -13.92 7.90 39.91
C TYR A 65 -14.73 6.87 39.17
N LEU A 66 -14.78 5.67 39.74
CA LEU A 66 -15.54 4.57 39.14
C LEU A 66 -17.00 4.86 39.48
N ALA A 67 -17.23 5.20 40.75
CA ALA A 67 -18.57 5.51 41.22
C ALA A 67 -19.20 6.56 40.30
N VAL A 68 -18.45 7.59 39.95
CA VAL A 68 -19.00 8.63 39.07
C VAL A 68 -19.34 8.07 37.69
N GLY A 69 -18.70 6.98 37.29
CA GLY A 69 -19.01 6.40 36.00
C GLY A 69 -17.86 6.24 35.02
N ILE A 70 -16.66 5.98 35.52
CA ILE A 70 -15.55 5.78 34.62
C ILE A 70 -15.54 4.29 34.38
N ASP A 71 -15.40 3.89 33.13
CA ASP A 71 -15.42 2.48 32.81
C ASP A 71 -14.02 1.91 32.68
N PRO A 72 -13.61 1.08 33.65
CA PRO A 72 -12.28 0.48 33.64
C PRO A 72 -11.95 -0.42 32.46
N THR A 73 -12.93 -0.68 31.60
CA THR A 73 -12.66 -1.52 30.44
C THR A 73 -12.52 -0.61 29.24
N GLN A 74 -13.16 0.54 29.33
CA GLN A 74 -13.12 1.50 28.25
C GLN A 74 -11.86 2.36 28.38
N ALA A 75 -11.71 3.00 29.53
CA ALA A 75 -10.57 3.86 29.82
C ALA A 75 -9.54 3.18 30.73
N THR A 76 -8.45 3.87 31.02
CA THR A 76 -7.42 3.29 31.89
C THR A 76 -7.26 4.10 33.16
N LEU A 77 -7.47 3.45 34.30
CA LEU A 77 -7.35 4.12 35.59
C LEU A 77 -6.21 3.43 36.36
N PHE A 78 -5.21 4.20 36.79
CA PHE A 78 -4.07 3.64 37.51
C PHE A 78 -3.35 4.58 38.46
N ILE A 79 -2.57 4.00 39.35
CA ILE A 79 -1.77 4.74 40.29
C ILE A 79 -0.39 4.96 39.69
N GLN A 80 0.04 6.22 39.65
CA GLN A 80 1.33 6.59 39.07
C GLN A 80 2.54 5.73 39.47
N SER A 81 2.71 5.48 40.77
CA SER A 81 3.86 4.72 41.25
C SER A 81 3.96 3.23 40.94
N GLU A 82 2.87 2.64 40.43
CA GLU A 82 2.85 1.23 40.07
C GLU A 82 3.22 1.04 38.62
N VAL A 83 3.76 2.11 38.02
CA VAL A 83 4.18 2.09 36.63
C VAL A 83 5.50 2.83 36.62
N PRO A 84 6.58 2.12 36.95
CA PRO A 84 7.97 2.59 37.03
C PRO A 84 8.48 3.53 35.95
N ALA A 85 8.02 3.37 34.72
CA ALA A 85 8.49 4.25 33.64
C ALA A 85 8.34 5.72 33.99
N HIS A 86 7.33 6.08 34.77
CA HIS A 86 7.14 7.49 35.11
C HIS A 86 8.43 8.05 35.74
N ALA A 87 8.89 7.45 36.82
CA ALA A 87 10.09 7.88 37.50
C ALA A 87 11.33 7.73 36.62
N GLN A 88 11.36 6.70 35.79
CA GLN A 88 12.53 6.49 34.94
C GLN A 88 12.67 7.55 33.85
N ALA A 89 11.55 7.93 33.26
CA ALA A 89 11.55 8.93 32.20
C ALA A 89 11.67 10.30 32.81
N ALA A 90 11.28 10.43 34.07
CA ALA A 90 11.38 11.73 34.75
C ALA A 90 12.86 12.10 34.87
N TRP A 91 13.69 11.09 35.13
CA TRP A 91 15.11 11.31 35.27
C TRP A 91 15.72 11.73 33.95
N MET A 92 15.39 11.00 32.89
CA MET A 92 15.91 11.29 31.56
C MET A 92 15.58 12.71 31.09
N LEU A 93 14.38 13.19 31.43
CA LEU A 93 13.98 14.53 31.01
C LEU A 93 14.67 15.58 31.91
N GLN A 94 14.78 15.29 33.21
CA GLN A 94 15.48 16.22 34.10
C GLN A 94 16.82 16.53 33.45
N CYS A 95 17.36 15.54 32.75
CA CYS A 95 18.65 15.71 32.10
C CYS A 95 18.64 16.50 30.80
N ILE A 96 17.48 16.98 30.37
CA ILE A 96 17.44 17.77 29.14
C ILE A 96 16.79 19.09 29.43
N VAL A 97 16.29 19.25 30.66
CA VAL A 97 15.68 20.51 31.02
C VAL A 97 16.74 21.31 31.77
N TYR A 98 16.78 22.62 31.54
CA TYR A 98 17.74 23.48 32.20
C TYR A 98 17.18 23.95 33.53
N ILE A 99 18.06 24.27 34.49
CA ILE A 99 17.64 24.73 35.82
C ILE A 99 16.77 25.97 35.70
N GLY A 100 17.22 26.88 34.84
CA GLY A 100 16.51 28.11 34.61
C GLY A 100 15.05 27.88 34.31
N GLU A 101 14.79 26.98 33.37
CA GLU A 101 13.42 26.68 32.97
C GLU A 101 12.53 26.35 34.16
N LEU A 102 13.05 25.53 35.07
CA LEU A 102 12.29 25.14 36.24
C LEU A 102 12.18 26.25 37.26
N GLU A 103 13.20 27.11 37.31
CA GLU A 103 13.23 28.22 38.25
C GLU A 103 12.29 29.34 37.85
N ARG A 104 12.21 29.61 36.55
CA ARG A 104 11.34 30.66 36.05
C ARG A 104 9.90 30.16 35.91
N MET A 105 9.51 29.21 36.76
CA MET A 105 8.15 28.69 36.69
C MET A 105 7.22 29.47 37.62
N THR A 106 6.13 29.99 37.06
CA THR A 106 5.15 30.79 37.79
C THR A 106 4.35 29.95 38.77
N GLN A 107 5.06 29.19 39.60
CA GLN A 107 4.41 28.33 40.58
C GLN A 107 5.44 27.99 41.65
N PHE A 108 6.71 28.20 41.30
CA PHE A 108 7.79 27.94 42.22
C PHE A 108 7.93 29.13 43.16
N LYS A 109 6.96 30.04 43.10
CA LYS A 109 6.98 31.19 43.97
C LYS A 109 6.85 30.71 45.41
N GLU A 110 6.61 29.41 45.55
CA GLU A 110 6.47 28.74 46.84
C GLU A 110 7.76 28.86 47.64
N LYS A 111 8.82 29.33 46.98
CA LYS A 111 10.11 29.49 47.64
C LYS A 111 10.06 30.55 48.72
N SER A 112 8.88 31.14 48.86
CA SER A 112 8.62 32.17 49.85
C SER A 112 9.74 32.98 50.51
N ALA A 113 9.95 34.20 50.00
CA ALA A 113 10.93 35.18 50.50
C ALA A 113 12.14 34.69 51.29
N GLY A 114 12.68 33.53 50.94
CA GLY A 114 13.85 33.00 51.65
C GLY A 114 13.57 31.77 52.48
N LYS A 115 12.57 30.98 52.06
CA LYS A 115 12.20 29.75 52.78
C LYS A 115 13.34 28.75 52.85
N GLU A 116 13.96 28.49 51.70
CA GLU A 116 15.10 27.55 51.59
C GLU A 116 14.70 26.10 51.90
N ALA A 117 13.85 25.93 52.91
CA ALA A 117 13.38 24.61 53.34
C ALA A 117 12.23 24.15 52.44
N VAL A 118 12.51 24.09 51.14
CA VAL A 118 11.56 23.66 50.14
C VAL A 118 12.11 22.36 49.56
N SER A 119 11.25 21.35 49.41
CA SER A 119 11.68 20.08 48.84
C SER A 119 12.15 20.32 47.43
N ALA A 120 13.14 19.55 46.99
CA ALA A 120 13.64 19.68 45.63
C ALA A 120 12.51 19.14 44.77
N GLY A 121 11.61 18.43 45.41
CA GLY A 121 10.46 17.87 44.72
C GLY A 121 9.65 18.96 44.08
N LEU A 122 9.47 20.06 44.82
CA LEU A 122 8.73 21.19 44.30
C LEU A 122 9.40 21.64 43.01
N LEU A 123 10.69 21.92 43.09
CA LEU A 123 11.39 22.39 41.91
C LEU A 123 11.34 21.44 40.72
N THR A 124 11.56 20.16 40.99
CA THR A 124 11.62 19.15 39.95
C THR A 124 10.37 18.41 39.49
N TYR A 125 9.22 18.67 40.10
CA TYR A 125 8.02 17.93 39.71
C TYR A 125 7.55 18.17 38.25
N PRO A 126 7.90 19.32 37.65
CA PRO A 126 7.46 19.51 36.27
C PRO A 126 8.00 18.45 35.31
N PRO A 127 9.29 18.10 35.42
CA PRO A 127 9.72 17.09 34.46
C PRO A 127 9.05 15.71 34.67
N LEU A 128 8.58 15.45 35.89
CA LEU A 128 7.87 14.19 36.14
C LEU A 128 6.52 14.27 35.43
N MET A 129 5.85 15.42 35.57
CA MET A 129 4.57 15.69 34.92
C MET A 129 4.70 15.63 33.39
N ALA A 130 5.86 15.98 32.88
CA ALA A 130 6.07 15.90 31.45
C ALA A 130 6.11 14.42 31.12
N ALA A 131 6.73 13.62 31.99
CA ALA A 131 6.82 12.17 31.76
C ALA A 131 5.43 11.56 31.73
N ASP A 132 4.66 11.86 32.78
CA ASP A 132 3.30 11.38 32.92
C ASP A 132 2.61 11.57 31.58
N ILE A 133 2.73 12.76 31.01
CA ILE A 133 2.09 13.04 29.74
C ILE A 133 2.72 12.34 28.55
N LEU A 134 3.94 12.74 28.21
CA LEU A 134 4.67 12.20 27.07
C LEU A 134 4.77 10.68 26.92
N LEU A 135 4.83 9.96 28.03
CA LEU A 135 4.96 8.50 27.97
C LEU A 135 3.89 7.74 27.20
N TYR A 136 2.75 8.37 26.96
CA TYR A 136 1.65 7.71 26.28
C TYR A 136 1.24 8.36 24.95
N ASN A 137 2.13 9.16 24.39
CA ASN A 137 1.83 9.84 23.15
C ASN A 137 0.51 10.61 23.21
N THR A 138 0.11 11.08 24.39
CA THR A 138 -1.16 11.81 24.52
C THR A 138 -1.28 13.04 23.61
N ASP A 139 -2.50 13.32 23.19
CA ASP A 139 -2.78 14.45 22.31
C ASP A 139 -3.36 15.61 23.09
N ILE A 140 -4.31 15.30 23.95
CA ILE A 140 -4.96 16.32 24.72
C ILE A 140 -4.70 16.10 26.21
N VAL A 141 -4.53 17.19 26.93
CA VAL A 141 -4.33 17.16 28.36
C VAL A 141 -5.34 18.16 28.89
N PRO A 142 -6.48 17.66 29.43
CA PRO A 142 -7.56 18.50 29.96
C PRO A 142 -7.16 19.19 31.25
N VAL A 143 -6.53 20.34 31.11
CA VAL A 143 -6.11 21.11 32.28
C VAL A 143 -6.80 22.46 32.34
N GLY A 144 -6.70 23.08 33.51
CA GLY A 144 -7.30 24.38 33.73
C GLY A 144 -6.44 25.51 33.19
N GLU A 145 -6.88 26.74 33.47
CA GLU A 145 -6.17 27.92 33.01
C GLU A 145 -4.75 27.88 33.61
N ASP A 146 -4.70 27.67 34.92
CA ASP A 146 -3.49 27.62 35.72
C ASP A 146 -2.37 26.68 35.31
N GLN A 147 -2.73 25.48 34.88
CA GLN A 147 -1.71 24.52 34.50
C GLN A 147 -0.99 24.81 33.20
N LYS A 148 -1.66 25.54 32.31
CA LYS A 148 -1.10 25.85 30.99
C LYS A 148 0.42 25.97 30.96
N GLN A 149 0.97 26.63 31.98
CA GLN A 149 2.42 26.84 32.06
C GLN A 149 3.22 25.56 31.93
N HIS A 150 2.80 24.53 32.66
CA HIS A 150 3.48 23.23 32.62
C HIS A 150 3.34 22.53 31.27
N ILE A 151 2.18 22.67 30.67
CA ILE A 151 1.96 22.05 29.38
C ILE A 151 3.01 22.55 28.39
N GLU A 152 3.19 23.86 28.32
CA GLU A 152 4.16 24.48 27.42
C GLU A 152 5.58 23.93 27.60
N LEU A 153 5.98 23.75 28.85
CA LEU A 153 7.29 23.22 29.13
C LEU A 153 7.43 21.79 28.62
N THR A 154 6.42 20.96 28.86
CA THR A 154 6.49 19.57 28.38
C THR A 154 6.54 19.59 26.85
N ARG A 155 5.81 20.53 26.26
CA ARG A 155 5.80 20.66 24.81
C ARG A 155 7.23 20.92 24.37
N ASP A 156 7.88 21.85 25.08
CA ASP A 156 9.26 22.24 24.82
C ASP A 156 10.21 21.05 24.96
N LEU A 157 10.09 20.32 26.06
CA LEU A 157 10.95 19.16 26.29
C LEU A 157 10.75 18.13 25.20
N ALA A 158 9.49 17.90 24.83
CA ALA A 158 9.18 16.93 23.81
C ALA A 158 9.97 17.22 22.55
N GLU A 159 9.84 18.44 22.04
CA GLU A 159 10.54 18.80 20.81
C GLU A 159 12.05 18.79 20.94
N ARG A 160 12.53 19.32 22.06
CA ARG A 160 13.96 19.38 22.29
C ARG A 160 14.47 17.96 22.16
N PHE A 161 13.82 17.03 22.85
CA PHE A 161 14.20 15.64 22.79
C PHE A 161 14.07 15.09 21.38
N ASN A 162 12.95 15.39 20.71
CA ASN A 162 12.74 14.91 19.35
C ASN A 162 13.84 15.33 18.38
N LYS A 163 14.23 16.60 18.43
CA LYS A 163 15.27 17.07 17.52
C LYS A 163 16.66 16.52 17.85
N ARG A 164 16.96 16.39 19.12
CA ARG A 164 18.26 15.86 19.49
C ARG A 164 18.37 14.36 19.23
N TYR A 165 17.35 13.59 19.61
CA TYR A 165 17.40 12.13 19.45
C TYR A 165 16.52 11.47 18.37
N GLY A 166 15.64 12.24 17.74
CA GLY A 166 14.76 11.71 16.71
C GLY A 166 13.28 11.80 17.08
N GLU A 167 12.40 11.69 16.08
CA GLU A 167 10.96 11.79 16.32
C GLU A 167 10.49 10.63 17.19
N LEU A 168 10.16 10.94 18.43
CA LEU A 168 9.73 9.93 19.38
C LEU A 168 8.43 10.32 20.10
N PHE A 169 8.41 11.52 20.67
CA PHE A 169 7.24 12.03 21.41
C PHE A 169 6.26 12.79 20.53
N THR A 170 5.03 12.88 21.00
CA THR A 170 3.99 13.61 20.30
C THR A 170 3.87 14.89 21.10
N ILE A 171 3.83 16.03 20.41
CA ILE A 171 3.68 17.29 21.13
C ILE A 171 2.22 17.36 21.60
N PRO A 172 2.00 17.46 22.92
CA PRO A 172 0.65 17.54 23.48
C PRO A 172 0.03 18.93 23.43
N GLU A 173 -1.30 18.96 23.47
CA GLU A 173 -2.06 20.20 23.42
C GLU A 173 -2.84 20.37 24.70
N ALA A 174 -2.82 21.57 25.27
CA ALA A 174 -3.54 21.81 26.50
C ALA A 174 -4.98 22.19 26.23
N ARG A 175 -5.89 21.23 26.30
CA ARG A 175 -7.29 21.53 26.06
C ARG A 175 -7.97 21.92 27.36
N ILE A 176 -8.82 22.93 27.27
CA ILE A 176 -9.55 23.45 28.41
C ILE A 176 -10.87 22.69 28.65
N PRO A 177 -11.45 22.82 29.87
CA PRO A 177 -12.72 22.17 30.23
C PRO A 177 -13.92 22.73 29.44
N LYS A 178 -15.00 21.95 29.37
CA LYS A 178 -16.20 22.36 28.66
C LYS A 178 -17.04 23.37 29.42
N VAL A 179 -17.41 23.01 30.64
CA VAL A 179 -18.23 23.82 31.55
C VAL A 179 -19.09 24.95 30.96
N GLY A 180 -18.47 26.08 30.62
CA GLY A 180 -19.19 27.21 30.07
C GLY A 180 -20.05 27.88 31.12
N ALA A 181 -19.80 27.54 32.39
CA ALA A 181 -20.56 28.09 33.50
C ALA A 181 -19.68 28.45 34.70
N ARG A 182 -19.04 27.46 35.33
CA ARG A 182 -18.22 27.68 36.52
C ARG A 182 -19.08 27.68 37.75
N ILE A 183 -18.64 26.99 38.80
CA ILE A 183 -19.40 26.94 40.03
C ILE A 183 -18.66 27.73 41.15
N MET A 184 -19.27 28.82 41.59
CA MET A 184 -18.69 29.68 42.60
C MET A 184 -18.88 29.16 44.01
N SER A 185 -18.17 29.80 44.93
CA SER A 185 -18.25 29.46 46.34
C SER A 185 -19.66 29.80 46.80
N LEU A 186 -20.20 29.00 47.72
CA LEU A 186 -21.54 29.24 48.23
C LEU A 186 -21.47 30.40 49.21
N VAL A 187 -20.28 30.66 49.75
CA VAL A 187 -20.11 31.76 50.73
C VAL A 187 -19.62 33.09 50.17
N ASP A 188 -19.04 33.07 48.97
CA ASP A 188 -18.54 34.25 48.28
C ASP A 188 -18.66 33.94 46.79
N PRO A 189 -19.79 34.33 46.19
CA PRO A 189 -20.11 34.12 44.77
C PRO A 189 -19.19 34.70 43.71
N THR A 190 -18.12 35.35 44.14
CA THR A 190 -17.17 35.93 43.19
C THR A 190 -15.97 35.01 43.09
N LYS A 191 -15.69 34.36 44.21
CA LYS A 191 -14.59 33.41 44.34
C LYS A 191 -15.03 32.12 43.68
N LYS A 192 -14.09 31.30 43.22
CA LYS A 192 -14.45 30.04 42.57
C LYS A 192 -14.48 28.88 43.58
N MET A 193 -15.32 27.87 43.34
CA MET A 193 -15.44 26.76 44.29
C MET A 193 -14.21 25.85 44.33
N SER A 194 -13.68 25.58 45.53
CA SER A 194 -12.50 24.72 45.62
C SER A 194 -12.43 23.99 46.95
N LYS A 195 -11.80 22.81 46.90
CA LYS A 195 -11.58 21.91 48.04
C LYS A 195 -10.67 22.58 49.05
N SER A 196 -9.77 23.40 48.51
CA SER A 196 -8.81 24.12 49.33
C SER A 196 -9.30 25.43 49.92
N ASP A 197 -10.61 25.58 50.01
CA ASP A 197 -11.17 26.80 50.60
C ASP A 197 -11.19 26.55 52.11
N PRO A 198 -10.66 27.50 52.91
CA PRO A 198 -10.64 27.33 54.36
C PRO A 198 -12.03 27.21 55.01
N ASN A 199 -13.07 27.63 54.32
CA ASN A 199 -14.42 27.54 54.89
C ASN A 199 -15.19 26.40 54.21
N PRO A 200 -15.51 25.34 54.96
CA PRO A 200 -16.24 24.15 54.48
C PRO A 200 -17.64 24.45 53.89
N LYS A 201 -18.24 25.53 54.35
CA LYS A 201 -19.56 25.96 53.88
C LYS A 201 -19.45 26.51 52.47
N ALA A 202 -18.23 26.66 51.98
CA ALA A 202 -18.03 27.19 50.64
C ALA A 202 -18.31 26.17 49.55
N TYR A 203 -18.16 24.89 49.87
CA TYR A 203 -18.36 23.84 48.87
C TYR A 203 -19.15 22.64 49.37
N ILE A 204 -19.56 21.83 48.41
CA ILE A 204 -20.29 20.60 48.67
C ILE A 204 -19.44 19.47 48.06
N THR A 205 -19.14 18.46 48.88
CA THR A 205 -18.34 17.32 48.47
C THR A 205 -19.22 16.17 48.00
N LEU A 206 -18.75 15.44 46.99
CA LEU A 206 -19.53 14.31 46.48
C LEU A 206 -19.82 13.28 47.56
N LEU A 207 -19.31 13.48 48.76
CA LEU A 207 -19.55 12.51 49.82
C LEU A 207 -20.21 13.17 51.03
N ASP A 208 -20.71 14.39 50.83
CA ASP A 208 -21.39 15.12 51.89
C ASP A 208 -22.73 14.43 52.11
N ASP A 209 -23.06 14.16 53.37
CA ASP A 209 -24.32 13.50 53.66
C ASP A 209 -25.45 14.52 53.62
N ALA A 210 -26.65 14.03 53.30
CA ALA A 210 -27.85 14.85 53.18
C ALA A 210 -27.92 15.96 54.22
N LYS A 211 -27.80 15.61 55.49
CA LYS A 211 -27.85 16.58 56.58
C LYS A 211 -26.88 17.76 56.36
N THR A 212 -25.72 17.46 55.78
CA THR A 212 -24.70 18.46 55.52
C THR A 212 -24.98 19.27 54.25
N ILE A 213 -25.56 18.62 53.24
CA ILE A 213 -25.89 19.30 52.00
C ILE A 213 -27.03 20.26 52.26
N GLU A 214 -27.94 19.83 53.13
CA GLU A 214 -29.10 20.60 53.51
C GLU A 214 -28.59 21.84 54.20
N LYS A 215 -27.73 21.61 55.19
CA LYS A 215 -27.15 22.69 55.96
C LYS A 215 -26.35 23.72 55.14
N LYS A 216 -25.57 23.27 54.17
CA LYS A 216 -24.74 24.18 53.36
C LYS A 216 -25.46 25.06 52.34
N ILE A 217 -26.54 24.53 51.77
CA ILE A 217 -27.34 25.23 50.78
C ILE A 217 -28.21 26.27 51.46
N LYS A 218 -28.67 25.97 52.67
CA LYS A 218 -29.49 26.91 53.40
C LYS A 218 -28.64 28.15 53.61
N SER A 219 -27.39 27.92 53.99
CA SER A 219 -26.41 28.96 54.25
C SER A 219 -25.90 29.72 53.00
N ALA A 220 -26.00 29.10 51.82
CA ALA A 220 -25.53 29.76 50.60
C ALA A 220 -25.99 31.20 50.56
N VAL A 221 -25.09 32.11 50.20
CA VAL A 221 -25.43 33.53 50.16
C VAL A 221 -26.31 33.91 48.98
N THR A 222 -27.37 34.64 49.27
CA THR A 222 -28.28 35.09 48.22
C THR A 222 -28.16 36.62 48.19
N ASP A 223 -29.29 37.29 48.29
CA ASP A 223 -29.31 38.74 48.29
C ASP A 223 -30.61 39.21 48.95
N SER A 224 -30.89 40.51 48.89
CA SER A 224 -32.10 41.02 49.52
C SER A 224 -33.30 41.21 48.61
N GLU A 225 -33.10 41.16 47.30
CA GLU A 225 -34.21 41.33 46.35
C GLU A 225 -35.34 40.33 46.63
N GLY A 226 -35.00 39.07 46.85
CA GLY A 226 -36.01 38.07 47.11
C GLY A 226 -36.63 37.41 45.87
N THR A 227 -36.04 37.62 44.70
CA THR A 227 -36.58 36.99 43.49
C THR A 227 -35.58 36.03 42.87
N ILE A 228 -36.08 34.98 42.21
CA ILE A 228 -35.22 33.98 41.60
C ILE A 228 -35.01 34.32 40.13
N ARG A 229 -34.09 35.23 39.87
CA ARG A 229 -33.80 35.66 38.51
C ARG A 229 -32.28 35.63 38.25
N TYR A 230 -31.87 35.27 37.02
CA TYR A 230 -30.44 35.20 36.71
C TYR A 230 -29.82 36.58 36.44
N ASP A 231 -28.81 36.91 37.23
CA ASP A 231 -28.14 38.21 37.13
C ASP A 231 -26.69 38.05 37.55
N LYS A 232 -25.77 37.80 36.61
CA LYS A 232 -24.35 37.62 36.95
C LYS A 232 -23.92 38.65 37.98
N GLU A 233 -23.85 39.92 37.60
CA GLU A 233 -23.52 40.98 38.54
C GLU A 233 -24.89 41.26 39.15
N ALA A 234 -24.94 41.97 40.27
CA ALA A 234 -26.21 42.28 40.92
C ALA A 234 -26.76 41.12 41.75
N LYS A 235 -26.96 39.97 41.11
CA LYS A 235 -27.46 38.78 41.82
C LYS A 235 -26.48 37.61 41.64
N PRO A 236 -25.26 37.72 42.20
CA PRO A 236 -24.24 36.67 42.09
C PRO A 236 -24.66 35.35 42.73
N GLY A 237 -25.00 35.42 44.02
CA GLY A 237 -25.42 34.23 44.75
C GLY A 237 -26.56 33.44 44.13
N ILE A 238 -27.67 34.11 43.83
CA ILE A 238 -28.79 33.42 43.22
C ILE A 238 -28.36 32.79 41.90
N SER A 239 -27.70 33.58 41.07
CA SER A 239 -27.24 33.09 39.79
C SER A 239 -26.38 31.83 39.93
N ASN A 240 -25.60 31.74 41.00
CA ASN A 240 -24.76 30.56 41.18
C ASN A 240 -25.65 29.37 41.47
N LEU A 241 -26.45 29.51 42.52
CA LEU A 241 -27.40 28.48 42.93
C LEU A 241 -28.22 27.99 41.73
N LEU A 242 -28.66 28.93 40.89
CA LEU A 242 -29.44 28.56 39.71
C LEU A 242 -28.60 27.74 38.76
N ASN A 243 -27.32 28.08 38.69
CA ASN A 243 -26.40 27.37 37.81
C ASN A 243 -26.27 25.93 38.28
N ILE A 244 -26.10 25.75 39.59
CA ILE A 244 -25.96 24.43 40.14
C ILE A 244 -27.25 23.63 39.88
N TYR A 245 -28.39 24.27 40.17
CA TYR A 245 -29.72 23.68 40.00
C TYR A 245 -29.96 23.21 38.58
N SER A 246 -29.71 24.10 37.65
CA SER A 246 -29.91 23.81 36.24
C SER A 246 -29.08 22.65 35.67
N THR A 247 -27.76 22.64 35.84
CA THR A 247 -26.96 21.55 35.29
C THR A 247 -27.29 20.19 35.87
N LEU A 248 -27.68 20.16 37.14
CA LEU A 248 -27.98 18.89 37.77
C LEU A 248 -29.36 18.31 37.50
N SER A 249 -30.35 19.18 37.30
CA SER A 249 -31.72 18.73 37.06
C SER A 249 -32.08 18.70 35.59
N GLY A 250 -31.28 19.36 34.77
CA GLY A 250 -31.57 19.38 33.35
C GLY A 250 -32.62 20.41 32.97
N GLN A 251 -33.00 21.29 33.89
CA GLN A 251 -34.00 22.31 33.60
C GLN A 251 -33.29 23.62 33.29
N SER A 252 -33.78 24.34 32.29
CA SER A 252 -33.18 25.62 31.91
C SER A 252 -33.32 26.66 33.01
N ILE A 253 -32.56 27.74 32.86
CA ILE A 253 -32.58 28.83 33.82
C ILE A 253 -33.89 29.60 33.62
N GLU A 254 -34.25 29.82 32.35
CA GLU A 254 -35.49 30.51 32.02
C GLU A 254 -36.61 29.74 32.70
N GLU A 255 -36.54 28.41 32.58
CA GLU A 255 -37.52 27.50 33.15
C GLU A 255 -37.62 27.69 34.67
N LEU A 256 -36.47 27.60 35.34
CA LEU A 256 -36.41 27.73 36.79
C LEU A 256 -36.90 29.07 37.32
N GLU A 257 -36.70 30.13 36.54
CA GLU A 257 -37.16 31.46 36.94
C GLU A 257 -38.68 31.44 36.90
N ARG A 258 -39.21 30.98 35.77
CA ARG A 258 -40.64 30.87 35.53
C ARG A 258 -41.30 30.00 36.61
N GLN A 259 -40.60 28.96 37.04
CA GLN A 259 -41.12 28.06 38.07
C GLN A 259 -41.20 28.67 39.44
N TYR A 260 -40.14 29.37 39.80
CA TYR A 260 -40.06 29.99 41.11
C TYR A 260 -40.62 31.40 41.16
N GLU A 261 -41.34 31.74 40.09
CA GLU A 261 -41.99 33.02 39.93
C GLU A 261 -42.20 33.82 41.22
N GLY A 262 -43.32 33.58 41.90
CA GLY A 262 -43.56 34.33 43.12
C GLY A 262 -43.17 33.60 44.38
N LYS A 263 -42.18 32.72 44.26
CA LYS A 263 -41.73 31.98 45.43
C LYS A 263 -40.47 32.66 45.92
N GLY A 264 -40.15 32.46 47.20
CA GLY A 264 -38.95 33.09 47.75
C GLY A 264 -37.77 32.13 47.84
N TYR A 265 -36.65 32.61 48.36
CA TYR A 265 -35.46 31.78 48.49
C TYR A 265 -35.60 30.60 49.46
N GLY A 266 -36.49 30.74 50.45
CA GLY A 266 -36.69 29.69 51.44
C GLY A 266 -36.97 28.31 50.88
N VAL A 267 -37.93 28.26 49.98
CA VAL A 267 -38.32 27.02 49.35
C VAL A 267 -37.32 26.63 48.26
N PHE A 268 -36.84 27.64 47.52
CA PHE A 268 -35.88 27.43 46.43
C PHE A 268 -34.67 26.64 46.92
N LYS A 269 -34.17 27.04 48.08
CA LYS A 269 -33.02 26.40 48.68
C LYS A 269 -33.40 24.98 49.12
N ALA A 270 -34.58 24.84 49.72
CA ALA A 270 -35.06 23.52 50.16
C ALA A 270 -35.23 22.56 48.97
N ASP A 271 -35.55 23.10 47.82
CA ASP A 271 -35.73 22.30 46.62
C ASP A 271 -34.39 21.85 46.07
N LEU A 272 -33.44 22.78 46.04
CA LEU A 272 -32.11 22.54 45.54
C LEU A 272 -31.41 21.49 46.43
N ALA A 273 -31.54 21.66 47.74
CA ALA A 273 -30.94 20.71 48.67
C ALA A 273 -31.32 19.31 48.20
N GLN A 274 -32.58 19.13 47.81
CA GLN A 274 -33.06 17.83 47.36
C GLN A 274 -32.43 17.35 46.06
N VAL A 275 -32.48 18.19 45.03
CA VAL A 275 -31.93 17.81 43.73
C VAL A 275 -30.46 17.38 43.84
N VAL A 276 -29.77 17.93 44.83
CA VAL A 276 -28.37 17.60 45.03
C VAL A 276 -28.28 16.25 45.71
N ILE A 277 -29.08 16.03 46.75
CA ILE A 277 -29.08 14.76 47.46
C ILE A 277 -29.50 13.62 46.51
N GLU A 278 -30.50 13.88 45.69
CA GLU A 278 -31.00 12.89 44.73
C GLU A 278 -29.93 12.59 43.70
N THR A 279 -29.04 13.54 43.47
CA THR A 279 -28.00 13.37 42.47
C THR A 279 -26.73 12.68 43.00
N LEU A 280 -26.42 12.89 44.27
CA LEU A 280 -25.23 12.30 44.86
C LEU A 280 -25.48 10.90 45.42
N ARG A 281 -26.74 10.63 45.75
CA ARG A 281 -27.13 9.35 46.34
C ARG A 281 -26.56 8.12 45.62
N PRO A 282 -26.90 7.92 44.34
CA PRO A 282 -26.35 6.74 43.65
C PRO A 282 -24.82 6.72 43.71
N ILE A 283 -24.22 7.89 43.52
CA ILE A 283 -22.76 8.01 43.56
C ILE A 283 -22.22 7.56 44.91
N GLN A 284 -22.81 8.03 46.00
CA GLN A 284 -22.34 7.62 47.32
C GLN A 284 -22.62 6.16 47.60
N GLU A 285 -23.59 5.59 46.89
CA GLU A 285 -23.94 4.20 47.05
C GLU A 285 -22.81 3.41 46.39
N ARG A 286 -22.72 3.57 45.08
CA ARG A 286 -21.70 2.91 44.28
C ARG A 286 -20.30 3.06 44.89
N TYR A 287 -19.98 4.25 45.38
CA TYR A 287 -18.68 4.50 45.98
C TYR A 287 -18.41 3.50 47.10
N HIS A 288 -19.32 3.40 48.06
CA HIS A 288 -19.12 2.47 49.17
C HIS A 288 -19.03 1.01 48.73
N HIS A 289 -19.72 0.69 47.64
CA HIS A 289 -19.72 -0.66 47.08
C HIS A 289 -18.32 -0.93 46.53
N TRP A 290 -17.67 0.13 46.05
CA TRP A 290 -16.33 0.00 45.50
C TRP A 290 -15.24 -0.04 46.58
N MET A 291 -15.47 0.63 47.70
CA MET A 291 -14.50 0.65 48.81
C MET A 291 -14.45 -0.67 49.55
N GLU A 292 -15.58 -1.39 49.52
CA GLU A 292 -15.75 -2.68 50.19
C GLU A 292 -15.26 -3.82 49.30
N SER A 293 -15.49 -3.69 48.00
CA SER A 293 -15.14 -4.68 47.01
C SER A 293 -13.64 -4.82 46.76
N GLU A 294 -13.19 -6.07 46.61
CA GLU A 294 -11.79 -6.35 46.32
C GLU A 294 -11.60 -6.28 44.80
N GLU A 295 -12.72 -6.02 44.11
CA GLU A 295 -12.72 -5.87 42.66
C GLU A 295 -12.07 -4.53 42.32
N LEU A 296 -11.98 -3.66 43.33
CA LEU A 296 -11.36 -2.36 43.15
C LEU A 296 -9.90 -2.62 42.78
N ASP A 297 -9.18 -3.34 43.65
CA ASP A 297 -7.79 -3.68 43.40
C ASP A 297 -7.58 -4.37 42.07
N ARG A 298 -8.47 -5.27 41.71
CA ARG A 298 -8.32 -5.95 40.44
C ARG A 298 -8.42 -4.97 39.27
N VAL A 299 -9.09 -3.85 39.52
CA VAL A 299 -9.27 -2.83 38.49
C VAL A 299 -7.98 -1.99 38.39
N LEU A 300 -7.47 -1.60 39.54
CA LEU A 300 -6.26 -0.82 39.56
C LEU A 300 -5.20 -1.69 38.92
N ASP A 301 -5.22 -2.99 39.25
CA ASP A 301 -4.27 -3.95 38.71
C ASP A 301 -4.23 -3.95 37.19
N GLU A 302 -5.37 -4.21 36.56
CA GLU A 302 -5.38 -4.22 35.10
C GLU A 302 -5.19 -2.81 34.54
N GLY A 303 -5.36 -1.81 35.40
CA GLY A 303 -5.17 -0.44 34.96
C GLY A 303 -3.69 -0.21 34.72
N ALA A 304 -2.92 -0.44 35.79
CA ALA A 304 -1.47 -0.32 35.76
C ALA A 304 -0.98 -1.17 34.60
N GLU A 305 -1.37 -2.43 34.64
CA GLU A 305 -0.99 -3.39 33.62
C GLU A 305 -1.16 -2.83 32.21
N LYS A 306 -2.34 -2.29 31.91
CA LYS A 306 -2.55 -1.73 30.58
C LYS A 306 -1.60 -0.54 30.35
N ALA A 307 -1.39 0.28 31.39
CA ALA A 307 -0.52 1.45 31.28
C ALA A 307 0.95 1.07 31.11
N ASN A 308 1.38 0.11 31.93
CA ASN A 308 2.75 -0.39 31.89
C ASN A 308 3.14 -0.85 30.49
N ARG A 309 2.21 -1.52 29.82
CA ARG A 309 2.44 -2.00 28.47
C ARG A 309 2.98 -0.91 27.57
N VAL A 310 2.34 0.27 27.62
CA VAL A 310 2.75 1.39 26.77
C VAL A 310 3.95 2.15 27.31
N ALA A 311 3.90 2.50 28.59
CA ALA A 311 4.98 3.24 29.25
C ALA A 311 6.34 2.60 28.99
N SER A 312 6.40 1.29 29.19
CA SER A 312 7.62 0.52 29.00
C SER A 312 8.21 0.63 27.60
N GLU A 313 7.36 0.46 26.60
CA GLU A 313 7.86 0.54 25.25
C GLU A 313 8.35 1.94 24.96
N MET A 314 7.83 2.91 25.70
CA MET A 314 8.23 4.28 25.47
C MET A 314 9.61 4.50 26.09
N VAL A 315 9.81 3.99 27.32
CA VAL A 315 11.08 4.12 28.01
C VAL A 315 12.18 3.35 27.29
N ARG A 316 11.82 2.18 26.78
CA ARG A 316 12.75 1.32 26.06
C ARG A 316 13.34 2.17 24.96
N LYS A 317 12.46 2.84 24.21
CA LYS A 317 12.85 3.71 23.12
C LYS A 317 13.63 4.93 23.61
N MET A 318 13.30 5.42 24.80
CA MET A 318 14.00 6.58 25.34
C MET A 318 15.43 6.20 25.67
N GLU A 319 15.59 5.11 26.43
CA GLU A 319 16.90 4.59 26.83
C GLU A 319 17.71 4.28 25.57
N GLN A 320 17.01 3.83 24.55
CA GLN A 320 17.64 3.48 23.28
C GLN A 320 18.31 4.70 22.67
N ALA A 321 17.59 5.82 22.61
CA ALA A 321 18.11 7.06 22.04
C ALA A 321 19.23 7.68 22.87
N MET A 322 18.97 7.90 24.16
CA MET A 322 19.95 8.50 25.06
C MET A 322 21.28 7.74 25.13
N GLY A 323 21.25 6.45 24.83
CA GLY A 323 22.47 5.66 24.90
C GLY A 323 22.68 4.90 26.21
N LEU A 324 21.65 4.83 27.06
CA LEU A 324 21.74 4.12 28.32
C LEU A 324 21.73 2.60 28.16
N GLY A 325 22.16 1.92 29.23
CA GLY A 325 22.20 0.46 29.24
C GLY A 325 22.73 -0.20 27.98
N ARG A 326 22.22 -1.40 27.69
CA ARG A 326 22.64 -2.17 26.52
C ARG A 326 21.63 -2.23 25.39
N MET B 1 -45.80 -5.93 -37.65
CA MET B 1 -47.23 -6.24 -37.42
C MET B 1 -47.34 -6.89 -36.04
N LYS B 2 -48.46 -7.56 -35.76
CA LYS B 2 -48.60 -8.26 -34.49
C LYS B 2 -47.71 -9.50 -34.57
N THR B 3 -47.11 -9.86 -33.45
CA THR B 3 -46.21 -11.01 -33.43
C THR B 3 -46.86 -12.30 -32.99
N ILE B 4 -46.53 -13.37 -33.73
CA ILE B 4 -47.05 -14.69 -33.44
C ILE B 4 -45.88 -15.61 -33.10
N PHE B 5 -46.01 -16.35 -32.00
CA PHE B 5 -44.94 -17.27 -31.65
C PHE B 5 -45.45 -18.70 -31.57
N SER B 6 -44.91 -19.57 -32.43
CA SER B 6 -45.30 -20.97 -32.46
C SER B 6 -44.14 -21.93 -32.15
N GLY B 7 -44.23 -22.57 -31.00
CA GLY B 7 -43.22 -23.53 -30.58
C GLY B 7 -43.59 -24.92 -31.05
N ILE B 8 -42.71 -25.52 -31.85
CA ILE B 8 -42.91 -26.84 -32.43
C ILE B 8 -42.10 -27.94 -31.75
N GLN B 9 -42.79 -28.94 -31.21
CA GLN B 9 -42.12 -30.07 -30.57
C GLN B 9 -41.52 -30.94 -31.68
N PRO B 10 -40.24 -31.25 -31.57
CA PRO B 10 -39.58 -32.07 -32.59
C PRO B 10 -40.06 -33.52 -32.61
N SER B 11 -40.72 -33.91 -33.71
CA SER B 11 -41.21 -35.29 -33.85
C SER B 11 -41.35 -35.84 -35.29
N GLY B 12 -40.88 -35.09 -36.29
CA GLY B 12 -40.96 -35.56 -37.68
C GLY B 12 -42.32 -35.88 -38.28
N VAL B 13 -43.16 -36.57 -37.53
CA VAL B 13 -44.49 -36.93 -38.01
C VAL B 13 -45.59 -35.92 -37.71
N ILE B 14 -46.11 -35.26 -38.74
CA ILE B 14 -47.23 -34.33 -38.54
C ILE B 14 -48.33 -34.84 -39.47
N THR B 15 -49.50 -35.13 -38.89
CA THR B 15 -50.62 -35.66 -39.64
C THR B 15 -51.30 -34.64 -40.55
N ILE B 16 -52.09 -35.18 -41.49
CA ILE B 16 -52.84 -34.38 -42.44
C ILE B 16 -53.87 -33.54 -41.67
N GLY B 17 -54.09 -33.91 -40.41
CA GLY B 17 -55.03 -33.17 -39.59
C GLY B 17 -54.32 -31.92 -39.13
N ASN B 18 -53.11 -32.09 -38.61
CA ASN B 18 -52.27 -30.97 -38.17
C ASN B 18 -52.17 -30.02 -39.33
N TYR B 19 -51.91 -30.59 -40.49
CA TYR B 19 -51.76 -29.80 -41.69
C TYR B 19 -52.97 -28.90 -41.92
N ILE B 20 -54.12 -29.51 -42.10
CA ILE B 20 -55.37 -28.81 -42.35
C ILE B 20 -55.80 -27.85 -41.23
N GLY B 21 -55.58 -28.23 -39.98
CA GLY B 21 -55.96 -27.40 -38.85
C GLY B 21 -55.11 -26.18 -38.47
N ALA B 22 -53.80 -26.31 -38.57
CA ALA B 22 -52.89 -25.21 -38.23
C ALA B 22 -51.98 -24.84 -39.39
N LEU B 23 -50.93 -25.64 -39.60
CA LEU B 23 -49.93 -25.44 -40.67
C LEU B 23 -50.37 -24.66 -41.90
N ARG B 24 -51.40 -25.15 -42.58
CA ARG B 24 -51.90 -24.52 -43.80
C ARG B 24 -52.15 -23.03 -43.73
N GLN B 25 -52.77 -22.58 -42.65
CA GLN B 25 -53.07 -21.16 -42.50
C GLN B 25 -51.81 -20.33 -42.28
N PHE B 26 -50.85 -20.90 -41.59
CA PHE B 26 -49.60 -20.22 -41.32
C PHE B 26 -48.88 -19.79 -42.60
N VAL B 27 -49.23 -20.40 -43.73
CA VAL B 27 -48.57 -20.05 -44.99
C VAL B 27 -49.07 -18.70 -45.48
N GLU B 28 -50.32 -18.39 -45.18
CA GLU B 28 -50.88 -17.09 -45.56
C GLU B 28 -50.46 -16.15 -44.44
N LEU B 29 -50.98 -16.41 -43.25
CA LEU B 29 -50.69 -15.62 -42.04
C LEU B 29 -49.31 -14.95 -41.99
N GLN B 30 -48.27 -15.72 -42.29
CA GLN B 30 -46.89 -15.25 -42.26
C GLN B 30 -46.65 -13.91 -42.94
N HIS B 31 -47.56 -13.49 -43.82
CA HIS B 31 -47.39 -12.22 -44.52
C HIS B 31 -48.03 -11.07 -43.75
N GLU B 32 -49.08 -11.38 -42.98
CA GLU B 32 -49.79 -10.37 -42.20
C GLU B 32 -49.28 -10.24 -40.76
N TYR B 33 -48.42 -11.15 -40.34
CA TYR B 33 -47.90 -11.08 -38.99
C TYR B 33 -46.41 -11.34 -39.01
N ASN B 34 -45.77 -11.07 -37.89
CA ASN B 34 -44.35 -11.33 -37.74
C ASN B 34 -44.35 -12.69 -37.04
N CYS B 35 -43.98 -13.75 -37.76
CA CYS B 35 -44.00 -15.09 -37.19
C CYS B 35 -42.69 -15.74 -36.80
N TYR B 36 -42.73 -16.45 -35.68
CA TYR B 36 -41.59 -17.17 -35.15
C TYR B 36 -42.00 -18.63 -35.01
N PHE B 37 -41.34 -19.50 -35.77
CA PHE B 37 -41.61 -20.93 -35.72
C PHE B 37 -40.39 -21.54 -35.08
N CYS B 38 -40.55 -21.94 -33.83
CA CYS B 38 -39.44 -22.45 -33.06
C CYS B 38 -39.43 -23.94 -32.71
N ILE B 39 -38.49 -24.67 -33.30
CA ILE B 39 -38.35 -26.10 -33.00
C ILE B 39 -37.84 -26.16 -31.55
N VAL B 40 -38.72 -26.48 -30.60
CA VAL B 40 -38.36 -26.51 -29.17
C VAL B 40 -37.68 -27.74 -28.62
N ASP B 41 -36.52 -28.05 -29.19
CA ASP B 41 -35.76 -29.21 -28.76
C ASP B 41 -35.38 -29.24 -27.28
N GLN B 42 -35.23 -28.09 -26.64
CA GLN B 42 -34.89 -28.09 -25.21
C GLN B 42 -36.06 -28.63 -24.38
N HIS B 43 -37.27 -28.45 -24.89
CA HIS B 43 -38.43 -28.95 -24.19
C HIS B 43 -38.50 -30.46 -24.40
N ALA B 44 -38.21 -30.89 -25.63
CA ALA B 44 -38.23 -32.30 -25.99
C ALA B 44 -37.37 -33.13 -25.06
N ILE B 45 -36.35 -32.50 -24.54
CA ILE B 45 -35.40 -33.16 -23.66
C ILE B 45 -35.98 -33.50 -22.27
N THR B 46 -37.24 -33.16 -22.00
CA THR B 46 -37.80 -33.45 -20.68
C THR B 46 -38.22 -34.91 -20.49
N VAL B 47 -38.30 -35.66 -21.60
CA VAL B 47 -38.68 -37.07 -21.59
C VAL B 47 -37.59 -37.87 -22.32
N TRP B 48 -37.49 -39.17 -22.04
CA TRP B 48 -36.47 -39.97 -22.68
C TRP B 48 -36.48 -39.67 -24.15
N GLN B 49 -35.29 -39.42 -24.68
CA GLN B 49 -35.14 -39.12 -26.09
C GLN B 49 -33.91 -39.87 -26.58
N ASP B 50 -33.96 -40.30 -27.82
CA ASP B 50 -32.84 -40.99 -28.38
C ASP B 50 -32.10 -39.88 -29.09
N PRO B 51 -30.83 -39.68 -28.74
CA PRO B 51 -30.04 -38.62 -29.37
C PRO B 51 -30.11 -38.60 -30.89
N HIS B 52 -29.86 -39.76 -31.51
CA HIS B 52 -29.89 -39.82 -32.96
C HIS B 52 -31.21 -39.35 -33.54
N GLU B 53 -32.32 -39.83 -32.96
CA GLU B 53 -33.64 -39.45 -33.46
C GLU B 53 -34.00 -38.00 -33.22
N LEU B 54 -33.71 -37.51 -32.02
CA LEU B 54 -34.00 -36.13 -31.71
C LEU B 54 -33.31 -35.27 -32.77
N ARG B 55 -32.00 -35.44 -32.90
CA ARG B 55 -31.21 -34.68 -33.86
C ARG B 55 -31.80 -34.84 -35.25
N GLN B 56 -32.27 -36.04 -35.54
CA GLN B 56 -32.84 -36.35 -36.82
C GLN B 56 -34.20 -35.68 -37.05
N ASN B 57 -35.03 -35.70 -36.00
CA ASN B 57 -36.36 -35.09 -36.07
C ASN B 57 -36.34 -33.57 -36.19
N ILE B 58 -35.38 -32.93 -35.52
CA ILE B 58 -35.26 -31.48 -35.57
C ILE B 58 -35.14 -31.07 -37.04
N ARG B 59 -34.31 -31.80 -37.79
CA ARG B 59 -34.12 -31.49 -39.20
C ARG B 59 -35.38 -31.74 -40.03
N ARG B 60 -35.96 -32.93 -39.87
CA ARG B 60 -37.16 -33.31 -40.61
C ARG B 60 -38.29 -32.31 -40.43
N LEU B 61 -38.47 -31.86 -39.20
CA LEU B 61 -39.54 -30.90 -38.94
C LEU B 61 -39.22 -29.58 -39.61
N ALA B 62 -37.98 -29.11 -39.48
CA ALA B 62 -37.56 -27.86 -40.11
C ALA B 62 -37.77 -27.96 -41.62
N ALA B 63 -37.38 -29.09 -42.20
CA ALA B 63 -37.52 -29.32 -43.63
C ALA B 63 -38.99 -29.34 -44.03
N LEU B 64 -39.83 -29.99 -43.23
CA LEU B 64 -41.25 -30.06 -43.54
C LEU B 64 -41.89 -28.67 -43.59
N TYR B 65 -41.57 -27.82 -42.61
CA TYR B 65 -42.14 -26.47 -42.61
C TYR B 65 -41.76 -25.69 -43.85
N LEU B 66 -40.54 -25.86 -44.34
CA LEU B 66 -40.16 -25.15 -45.54
C LEU B 66 -40.97 -25.77 -46.65
N ALA B 67 -41.04 -27.10 -46.66
CA ALA B 67 -41.80 -27.84 -47.69
C ALA B 67 -43.25 -27.33 -47.78
N VAL B 68 -43.95 -27.32 -46.65
CA VAL B 68 -45.35 -26.89 -46.61
C VAL B 68 -45.57 -25.49 -47.19
N GLY B 69 -44.63 -24.57 -46.97
CA GLY B 69 -44.79 -23.23 -47.49
C GLY B 69 -44.31 -22.05 -46.66
N ILE B 70 -43.67 -22.33 -45.53
CA ILE B 70 -43.15 -21.26 -44.69
C ILE B 70 -41.96 -20.62 -45.39
N ASP B 71 -42.05 -19.31 -45.58
CA ASP B 71 -40.99 -18.57 -46.25
C ASP B 71 -40.01 -18.00 -45.23
N PRO B 72 -38.75 -18.46 -45.29
CA PRO B 72 -37.69 -18.02 -44.38
C PRO B 72 -37.31 -16.55 -44.47
N THR B 73 -37.81 -15.84 -45.48
CA THR B 73 -37.53 -14.42 -45.63
C THR B 73 -38.64 -13.68 -44.90
N GLN B 74 -39.82 -14.29 -44.91
CA GLN B 74 -41.00 -13.71 -44.27
C GLN B 74 -41.10 -14.05 -42.79
N ALA B 75 -40.77 -15.29 -42.44
CA ALA B 75 -40.85 -15.70 -41.06
C ALA B 75 -39.48 -16.01 -40.48
N THR B 76 -39.48 -16.35 -39.20
CA THR B 76 -38.24 -16.69 -38.52
C THR B 76 -38.33 -18.12 -38.03
N LEU B 77 -37.54 -18.99 -38.64
CA LEU B 77 -37.53 -20.40 -38.29
C LEU B 77 -36.22 -20.82 -37.59
N PHE B 78 -36.28 -21.07 -36.28
CA PHE B 78 -35.08 -21.43 -35.54
C PHE B 78 -35.24 -22.55 -34.51
N ILE B 79 -34.10 -23.15 -34.14
CA ILE B 79 -34.00 -24.22 -33.15
C ILE B 79 -33.79 -23.62 -31.79
N GLN B 80 -34.72 -23.87 -30.88
CA GLN B 80 -34.67 -23.30 -29.55
C GLN B 80 -33.30 -23.24 -28.85
N SER B 81 -32.61 -24.38 -28.75
CA SER B 81 -31.33 -24.40 -28.05
C SER B 81 -30.23 -23.55 -28.67
N GLU B 82 -30.37 -23.24 -29.95
CA GLU B 82 -29.37 -22.41 -30.65
C GLU B 82 -29.49 -20.92 -30.29
N VAL B 83 -30.36 -20.58 -29.36
CA VAL B 83 -30.52 -19.21 -28.92
C VAL B 83 -30.50 -19.35 -27.40
N PRO B 84 -29.30 -19.14 -26.80
CA PRO B 84 -29.07 -19.24 -25.35
C PRO B 84 -30.00 -18.42 -24.46
N ALA B 85 -30.58 -17.36 -25.01
CA ALA B 85 -31.46 -16.50 -24.25
C ALA B 85 -32.57 -17.28 -23.55
N HIS B 86 -33.23 -18.21 -24.26
CA HIS B 86 -34.32 -18.98 -23.65
C HIS B 86 -33.91 -19.60 -22.32
N ALA B 87 -32.76 -20.28 -22.33
CA ALA B 87 -32.23 -20.91 -21.12
C ALA B 87 -31.94 -19.88 -20.05
N GLN B 88 -31.44 -18.72 -20.48
CA GLN B 88 -31.14 -17.67 -19.54
C GLN B 88 -32.42 -17.12 -18.92
N ALA B 89 -33.37 -16.75 -19.77
CA ALA B 89 -34.63 -16.20 -19.27
C ALA B 89 -35.40 -17.18 -18.38
N ALA B 90 -35.43 -18.44 -18.80
CA ALA B 90 -36.11 -19.52 -18.10
C ALA B 90 -35.67 -19.59 -16.65
N TRP B 91 -34.38 -19.34 -16.42
CA TRP B 91 -33.87 -19.37 -15.06
C TRP B 91 -34.34 -18.16 -14.25
N MET B 92 -34.47 -17.01 -14.92
CA MET B 92 -34.90 -15.80 -14.22
C MET B 92 -36.40 -15.89 -13.87
N LEU B 93 -37.21 -16.36 -14.82
CA LEU B 93 -38.63 -16.51 -14.58
C LEU B 93 -38.85 -17.60 -13.54
N GLN B 94 -38.02 -18.64 -13.58
CA GLN B 94 -38.11 -19.72 -12.61
C GLN B 94 -37.97 -19.13 -11.22
N CYS B 95 -37.39 -17.93 -11.15
CA CYS B 95 -37.18 -17.28 -9.87
C CYS B 95 -38.33 -16.42 -9.36
N ILE B 96 -39.24 -16.02 -10.25
CA ILE B 96 -40.38 -15.23 -9.81
C ILE B 96 -41.64 -16.10 -9.70
N VAL B 97 -41.61 -17.30 -10.29
CA VAL B 97 -42.73 -18.23 -10.22
C VAL B 97 -42.63 -19.05 -8.93
N TYR B 98 -43.74 -19.23 -8.21
CA TYR B 98 -43.75 -19.99 -6.96
C TYR B 98 -43.98 -21.48 -7.29
N ILE B 99 -43.45 -22.39 -6.47
CA ILE B 99 -43.59 -23.82 -6.73
C ILE B 99 -45.04 -24.29 -6.81
N GLY B 100 -45.85 -23.88 -5.83
CA GLY B 100 -47.24 -24.26 -5.82
C GLY B 100 -47.86 -24.10 -7.20
N GLU B 101 -47.53 -23.00 -7.86
CA GLU B 101 -48.06 -22.73 -9.19
C GLU B 101 -47.71 -23.80 -10.18
N LEU B 102 -46.51 -24.35 -10.06
CA LEU B 102 -46.07 -25.39 -10.98
C LEU B 102 -46.71 -26.70 -10.62
N GLU B 103 -46.83 -26.98 -9.33
CA GLU B 103 -47.44 -28.23 -8.90
C GLU B 103 -48.90 -28.30 -9.35
N ARG B 104 -49.66 -27.22 -9.14
CA ARG B 104 -51.07 -27.21 -9.54
C ARG B 104 -51.26 -27.24 -11.05
N MET B 105 -50.17 -27.40 -11.80
CA MET B 105 -50.25 -27.42 -13.27
C MET B 105 -50.96 -28.68 -13.78
N THR B 106 -52.22 -28.51 -14.16
CA THR B 106 -53.09 -29.58 -14.67
C THR B 106 -52.50 -30.25 -15.91
N GLN B 107 -51.50 -31.09 -15.67
CA GLN B 107 -50.81 -31.81 -16.72
C GLN B 107 -49.81 -32.67 -15.97
N PHE B 108 -49.24 -32.04 -14.94
CA PHE B 108 -48.25 -32.65 -14.08
C PHE B 108 -48.86 -33.79 -13.27
N LYS B 109 -50.06 -34.21 -13.66
CA LYS B 109 -50.71 -35.31 -13.00
C LYS B 109 -49.85 -36.49 -13.40
N GLU B 110 -48.98 -36.26 -14.37
CA GLU B 110 -48.06 -37.25 -14.91
C GLU B 110 -47.00 -37.67 -13.88
N LYS B 111 -47.23 -37.33 -12.61
CA LYS B 111 -46.31 -37.69 -11.55
C LYS B 111 -46.45 -39.18 -11.26
N SER B 112 -47.25 -39.84 -12.10
CA SER B 112 -47.46 -41.27 -12.00
C SER B 112 -47.99 -41.84 -10.69
N ALA B 113 -49.03 -41.22 -10.13
CA ALA B 113 -49.62 -41.68 -8.89
C ALA B 113 -48.59 -41.79 -7.77
N GLY B 114 -47.51 -41.01 -7.90
CA GLY B 114 -46.44 -41.02 -6.91
C GLY B 114 -45.12 -41.61 -7.39
N LYS B 115 -44.99 -41.85 -8.70
CA LYS B 115 -43.79 -42.44 -9.30
C LYS B 115 -42.47 -41.76 -8.90
N GLU B 116 -42.55 -40.44 -8.67
CA GLU B 116 -41.41 -39.62 -8.25
C GLU B 116 -40.16 -39.69 -9.15
N ALA B 117 -40.08 -40.71 -10.00
CA ALA B 117 -38.95 -40.90 -10.91
C ALA B 117 -39.13 -40.12 -12.21
N VAL B 118 -39.55 -38.86 -12.06
CA VAL B 118 -39.78 -37.97 -13.20
C VAL B 118 -38.75 -36.84 -13.18
N SER B 119 -38.28 -36.44 -14.36
CA SER B 119 -37.29 -35.36 -14.49
C SER B 119 -37.84 -34.08 -13.87
N ALA B 120 -36.96 -33.27 -13.28
CA ALA B 120 -37.40 -32.00 -12.70
C ALA B 120 -37.81 -31.16 -13.90
N GLY B 121 -37.38 -31.60 -15.08
CA GLY B 121 -37.72 -30.91 -16.30
C GLY B 121 -39.22 -30.92 -16.52
N LEU B 122 -39.90 -32.02 -16.18
CA LEU B 122 -41.34 -32.12 -16.33
C LEU B 122 -42.04 -31.04 -15.49
N LEU B 123 -41.55 -30.83 -14.28
CA LEU B 123 -42.12 -29.83 -13.38
C LEU B 123 -41.81 -28.39 -13.76
N THR B 124 -40.57 -28.13 -14.16
CA THR B 124 -40.14 -26.77 -14.49
C THR B 124 -40.16 -26.32 -15.94
N TYR B 125 -40.85 -27.03 -16.83
CA TYR B 125 -40.85 -26.60 -18.21
C TYR B 125 -41.74 -25.40 -18.55
N PRO B 126 -42.74 -25.06 -17.68
CA PRO B 126 -43.58 -23.90 -17.99
C PRO B 126 -42.73 -22.63 -18.10
N PRO B 127 -41.93 -22.31 -17.04
CA PRO B 127 -41.07 -21.14 -17.02
C PRO B 127 -40.27 -21.00 -18.30
N LEU B 128 -39.97 -22.15 -18.91
CA LEU B 128 -39.21 -22.14 -20.16
C LEU B 128 -40.12 -21.87 -21.36
N MET B 129 -41.41 -22.09 -21.17
CA MET B 129 -42.38 -21.83 -22.24
C MET B 129 -42.73 -20.34 -22.14
N ALA B 130 -42.81 -19.87 -20.91
CA ALA B 130 -43.09 -18.46 -20.70
C ALA B 130 -41.97 -17.72 -21.38
N ALA B 131 -40.73 -18.09 -21.06
CA ALA B 131 -39.55 -17.46 -21.65
C ALA B 131 -39.57 -17.47 -23.18
N ASP B 132 -39.86 -18.62 -23.78
CA ASP B 132 -39.86 -18.69 -25.24
C ASP B 132 -40.78 -17.64 -25.80
N ILE B 133 -41.94 -17.47 -25.17
CA ILE B 133 -42.96 -16.52 -25.63
C ILE B 133 -42.63 -15.05 -25.38
N LEU B 134 -42.45 -14.72 -24.11
CA LEU B 134 -42.13 -13.36 -23.68
C LEU B 134 -40.88 -12.75 -24.33
N LEU B 135 -39.85 -13.54 -24.55
CA LEU B 135 -38.63 -12.98 -25.14
C LEU B 135 -38.83 -12.28 -26.46
N TYR B 136 -39.95 -12.55 -27.13
CA TYR B 136 -40.14 -11.90 -28.42
C TYR B 136 -41.32 -10.93 -28.51
N ASN B 137 -41.84 -10.51 -27.36
CA ASN B 137 -42.98 -9.60 -27.29
C ASN B 137 -44.09 -10.09 -28.21
N THR B 138 -44.45 -11.35 -28.08
CA THR B 138 -45.50 -11.88 -28.95
C THR B 138 -46.86 -11.53 -28.38
N ASP B 139 -47.76 -11.23 -29.31
CA ASP B 139 -49.11 -10.86 -28.98
C ASP B 139 -49.99 -12.09 -29.03
N ILE B 140 -49.74 -12.95 -30.01
CA ILE B 140 -50.54 -14.15 -30.23
C ILE B 140 -49.79 -15.49 -30.20
N VAL B 141 -50.27 -16.40 -29.36
CA VAL B 141 -49.70 -17.72 -29.26
C VAL B 141 -50.75 -18.72 -29.73
N PRO B 142 -50.58 -19.29 -30.94
CA PRO B 142 -51.56 -20.26 -31.44
C PRO B 142 -51.55 -21.61 -30.73
N VAL B 143 -52.16 -21.68 -29.56
CA VAL B 143 -52.19 -22.93 -28.81
C VAL B 143 -53.54 -23.62 -28.72
N GLY B 144 -53.48 -24.94 -28.56
CA GLY B 144 -54.67 -25.76 -28.46
C GLY B 144 -55.34 -25.60 -27.11
N GLU B 145 -56.54 -26.17 -26.98
CA GLU B 145 -57.31 -26.10 -25.75
C GLU B 145 -56.46 -26.51 -24.55
N ASP B 146 -55.65 -27.54 -24.76
CA ASP B 146 -54.77 -28.13 -23.75
C ASP B 146 -53.64 -27.22 -23.26
N GLN B 147 -53.06 -26.44 -24.17
CA GLN B 147 -51.97 -25.55 -23.79
C GLN B 147 -52.40 -24.26 -23.09
N LYS B 148 -53.69 -23.90 -23.23
CA LYS B 148 -54.25 -22.68 -22.65
C LYS B 148 -53.85 -22.43 -21.19
N GLN B 149 -53.71 -23.51 -20.44
CA GLN B 149 -53.34 -23.43 -19.05
C GLN B 149 -51.92 -22.87 -18.86
N HIS B 150 -51.05 -23.12 -19.83
CA HIS B 150 -49.68 -22.62 -19.76
C HIS B 150 -49.67 -21.13 -20.10
N ILE B 151 -50.51 -20.75 -21.04
CA ILE B 151 -50.60 -19.36 -21.42
C ILE B 151 -50.98 -18.52 -20.20
N GLU B 152 -51.94 -19.01 -19.42
CA GLU B 152 -52.38 -18.31 -18.22
C GLU B 152 -51.16 -17.99 -17.39
N LEU B 153 -50.34 -19.01 -17.11
CA LEU B 153 -49.16 -18.77 -16.29
C LEU B 153 -48.21 -17.76 -16.91
N THR B 154 -47.94 -17.84 -18.21
CA THR B 154 -47.00 -16.88 -18.78
C THR B 154 -47.52 -15.46 -18.70
N ARG B 155 -48.83 -15.29 -18.71
CA ARG B 155 -49.42 -13.97 -18.57
C ARG B 155 -49.20 -13.52 -17.12
N ASP B 156 -49.49 -14.41 -16.18
CA ASP B 156 -49.31 -14.14 -14.76
C ASP B 156 -47.90 -13.66 -14.43
N LEU B 157 -46.90 -14.35 -14.98
CA LEU B 157 -45.50 -14.03 -14.75
C LEU B 157 -45.13 -12.68 -15.34
N ALA B 158 -45.40 -12.46 -16.62
CA ALA B 158 -45.09 -11.18 -17.24
C ALA B 158 -45.73 -10.10 -16.38
N GLU B 159 -46.99 -10.32 -16.03
CA GLU B 159 -47.72 -9.40 -15.19
C GLU B 159 -46.85 -9.13 -13.96
N ARG B 160 -46.50 -10.20 -13.24
CA ARG B 160 -45.70 -10.10 -12.03
C ARG B 160 -44.36 -9.36 -12.25
N PHE B 161 -43.62 -9.77 -13.27
CA PHE B 161 -42.34 -9.15 -13.56
C PHE B 161 -42.53 -7.66 -13.85
N ASN B 162 -43.56 -7.35 -14.64
CA ASN B 162 -43.88 -5.97 -15.01
C ASN B 162 -44.12 -5.07 -13.80
N LYS B 163 -44.94 -5.51 -12.86
CA LYS B 163 -45.19 -4.68 -11.69
C LYS B 163 -43.97 -4.57 -10.79
N ARG B 164 -43.21 -5.65 -10.67
CA ARG B 164 -42.01 -5.62 -9.81
C ARG B 164 -40.89 -4.75 -10.36
N TYR B 165 -40.61 -4.86 -11.66
CA TYR B 165 -39.52 -4.09 -12.24
C TYR B 165 -39.91 -3.02 -13.23
N GLY B 166 -41.09 -3.16 -13.83
CA GLY B 166 -41.53 -2.18 -14.79
C GLY B 166 -41.91 -2.74 -16.13
N GLU B 167 -42.90 -2.10 -16.74
CA GLU B 167 -43.44 -2.47 -18.04
C GLU B 167 -42.31 -2.90 -18.95
N LEU B 168 -42.29 -4.19 -19.30
CA LEU B 168 -41.26 -4.75 -20.14
C LEU B 168 -41.85 -5.84 -21.01
N PHE B 169 -42.65 -6.70 -20.38
CA PHE B 169 -43.25 -7.82 -21.10
C PHE B 169 -44.65 -7.56 -21.64
N THR B 170 -44.90 -8.09 -22.84
CA THR B 170 -46.21 -7.96 -23.47
C THR B 170 -47.07 -9.14 -23.06
N ILE B 171 -48.24 -8.87 -22.48
CA ILE B 171 -49.17 -9.93 -22.09
C ILE B 171 -49.72 -10.54 -23.38
N PRO B 172 -49.52 -11.85 -23.59
CA PRO B 172 -49.99 -12.57 -24.78
C PRO B 172 -51.38 -13.15 -24.72
N GLU B 173 -51.97 -13.29 -25.90
CA GLU B 173 -53.32 -13.83 -26.09
C GLU B 173 -53.13 -15.19 -26.70
N ALA B 174 -53.99 -16.13 -26.34
CA ALA B 174 -53.88 -17.45 -26.91
C ALA B 174 -54.96 -17.65 -27.95
N ARG B 175 -54.60 -17.50 -29.22
CA ARG B 175 -55.59 -17.69 -30.26
C ARG B 175 -55.60 -19.15 -30.71
N ILE B 176 -56.75 -19.61 -31.17
CA ILE B 176 -56.91 -20.99 -31.60
C ILE B 176 -56.99 -21.23 -33.13
N PRO B 177 -57.43 -22.42 -33.57
CA PRO B 177 -57.54 -22.75 -35.01
C PRO B 177 -58.67 -22.18 -35.88
N LYS B 178 -59.61 -21.46 -35.28
CA LYS B 178 -60.79 -20.93 -35.98
C LYS B 178 -61.75 -22.11 -35.94
N VAL B 179 -61.18 -23.29 -36.19
CA VAL B 179 -61.91 -24.57 -36.19
C VAL B 179 -62.92 -24.70 -37.33
N GLY B 180 -63.41 -25.92 -37.50
CA GLY B 180 -64.35 -26.22 -38.57
C GLY B 180 -63.50 -27.03 -39.53
N ALA B 181 -62.63 -27.85 -38.94
CA ALA B 181 -61.71 -28.71 -39.67
C ALA B 181 -61.69 -30.05 -38.94
N ARG B 182 -61.34 -30.02 -37.66
CA ARG B 182 -61.30 -31.22 -36.84
C ARG B 182 -61.38 -32.52 -37.62
N ILE B 183 -60.23 -32.99 -38.06
CA ILE B 183 -60.12 -34.24 -38.81
C ILE B 183 -60.04 -35.36 -37.75
N MET B 184 -60.99 -36.29 -37.80
CA MET B 184 -61.06 -37.40 -36.85
C MET B 184 -60.19 -38.57 -37.33
N SER B 185 -60.08 -39.60 -36.47
CA SER B 185 -59.30 -40.78 -36.82
C SER B 185 -59.98 -41.51 -37.97
N LEU B 186 -59.19 -42.27 -38.71
CA LEU B 186 -59.71 -43.02 -39.84
C LEU B 186 -60.31 -44.33 -39.37
N VAL B 187 -59.96 -44.74 -38.15
CA VAL B 187 -60.48 -45.99 -37.61
C VAL B 187 -61.44 -45.77 -36.44
N ASP B 188 -61.60 -44.51 -36.05
CA ASP B 188 -62.52 -44.14 -34.96
C ASP B 188 -62.88 -42.69 -35.23
N PRO B 189 -63.90 -42.47 -36.06
CA PRO B 189 -64.38 -41.14 -36.44
C PRO B 189 -64.84 -40.25 -35.29
N THR B 190 -65.02 -40.82 -34.10
CA THR B 190 -65.43 -40.02 -32.95
C THR B 190 -64.19 -39.45 -32.29
N LYS B 191 -63.08 -40.18 -32.42
CA LYS B 191 -61.79 -39.77 -31.85
C LYS B 191 -61.09 -38.84 -32.86
N LYS B 192 -60.32 -37.88 -32.34
CA LYS B 192 -59.60 -36.94 -33.19
C LYS B 192 -58.29 -37.54 -33.72
N MET B 193 -57.91 -37.18 -34.95
CA MET B 193 -56.69 -37.71 -35.55
C MET B 193 -55.45 -37.26 -34.80
N SER B 194 -54.59 -38.21 -34.41
CA SER B 194 -53.37 -37.84 -33.69
C SER B 194 -52.15 -38.73 -33.95
N LYS B 195 -51.01 -38.09 -34.23
CA LYS B 195 -49.75 -38.79 -34.51
C LYS B 195 -49.49 -39.85 -33.46
N SER B 196 -49.94 -39.60 -32.24
CA SER B 196 -49.75 -40.52 -31.14
C SER B 196 -50.84 -41.56 -30.95
N ASP B 197 -51.56 -41.88 -32.02
CA ASP B 197 -52.62 -42.90 -31.95
C ASP B 197 -51.92 -44.25 -32.06
N PRO B 198 -52.25 -45.20 -31.16
CA PRO B 198 -51.59 -46.52 -31.24
C PRO B 198 -51.81 -47.26 -32.56
N ASN B 199 -52.93 -46.98 -33.24
CA ASN B 199 -53.17 -47.64 -34.52
C ASN B 199 -52.84 -46.71 -35.69
N PRO B 200 -51.65 -46.92 -36.30
CA PRO B 200 -51.09 -46.18 -37.44
C PRO B 200 -51.98 -46.10 -38.67
N LYS B 201 -53.09 -46.82 -38.62
CA LYS B 201 -54.05 -46.85 -39.71
C LYS B 201 -55.03 -45.70 -39.48
N ALA B 202 -54.89 -45.05 -38.31
CA ALA B 202 -55.76 -43.94 -37.92
C ALA B 202 -55.40 -42.60 -38.51
N TYR B 203 -54.17 -42.47 -39.01
CA TYR B 203 -53.74 -41.20 -39.55
C TYR B 203 -52.93 -41.26 -40.82
N ILE B 204 -52.97 -40.15 -41.55
CA ILE B 204 -52.20 -40.02 -42.78
C ILE B 204 -51.11 -38.99 -42.49
N THR B 205 -49.86 -39.45 -42.56
CA THR B 205 -48.68 -38.64 -42.31
C THR B 205 -48.24 -37.91 -43.57
N LEU B 206 -47.86 -36.64 -43.44
CA LEU B 206 -47.45 -35.87 -44.62
C LEU B 206 -46.45 -36.59 -45.50
N LEU B 207 -45.75 -37.57 -44.94
CA LEU B 207 -44.75 -38.29 -45.71
C LEU B 207 -45.11 -39.72 -46.06
N ASP B 208 -46.38 -40.10 -45.89
CA ASP B 208 -46.82 -41.44 -46.23
C ASP B 208 -46.72 -41.59 -47.75
N ASP B 209 -46.24 -42.73 -48.23
CA ASP B 209 -46.13 -42.92 -49.68
C ASP B 209 -47.49 -43.26 -50.25
N ALA B 210 -47.66 -43.10 -51.56
CA ALA B 210 -48.94 -43.38 -52.22
C ALA B 210 -49.55 -44.71 -51.80
N LYS B 211 -48.76 -45.78 -51.85
CA LYS B 211 -49.24 -47.11 -51.48
C LYS B 211 -49.85 -47.16 -50.07
N THR B 212 -49.22 -46.48 -49.12
CA THR B 212 -49.71 -46.46 -47.74
C THR B 212 -50.99 -45.63 -47.60
N ILE B 213 -51.04 -44.54 -48.33
CA ILE B 213 -52.19 -43.65 -48.33
C ILE B 213 -53.32 -44.43 -48.95
N GLU B 214 -53.06 -44.96 -50.14
CA GLU B 214 -54.03 -45.74 -50.90
C GLU B 214 -54.70 -46.80 -50.04
N LYS B 215 -53.91 -47.51 -49.25
CA LYS B 215 -54.42 -48.55 -48.39
C LYS B 215 -55.11 -48.03 -47.10
N LYS B 216 -54.68 -46.88 -46.59
CA LYS B 216 -55.31 -46.32 -45.39
C LYS B 216 -56.68 -45.70 -45.68
N ILE B 217 -56.81 -45.07 -46.84
CA ILE B 217 -58.09 -44.49 -47.22
C ILE B 217 -59.09 -45.64 -47.41
N LYS B 218 -58.65 -46.69 -48.10
CA LYS B 218 -59.51 -47.85 -48.31
C LYS B 218 -60.00 -48.44 -47.00
N SER B 219 -59.12 -48.50 -46.01
CA SER B 219 -59.46 -49.07 -44.72
C SER B 219 -60.24 -48.12 -43.82
N ALA B 220 -60.47 -46.90 -44.29
CA ALA B 220 -61.19 -45.92 -43.48
C ALA B 220 -62.63 -46.39 -43.19
N VAL B 221 -63.02 -46.40 -41.92
CA VAL B 221 -64.38 -46.81 -41.58
C VAL B 221 -65.40 -45.85 -42.18
N THR B 222 -66.56 -46.43 -42.49
CA THR B 222 -67.69 -45.71 -43.06
C THR B 222 -68.95 -46.22 -42.33
N ASP B 223 -69.93 -46.68 -43.09
CA ASP B 223 -71.18 -47.20 -42.53
C ASP B 223 -71.80 -48.19 -43.52
N SER B 224 -73.02 -48.65 -43.25
CA SER B 224 -73.66 -49.61 -44.13
C SER B 224 -74.68 -49.03 -45.11
N GLU B 225 -75.02 -47.77 -44.92
CA GLU B 225 -75.99 -47.08 -45.76
C GLU B 225 -75.58 -46.95 -47.22
N GLY B 226 -74.30 -46.83 -47.50
CA GLY B 226 -73.83 -46.71 -48.88
C GLY B 226 -74.21 -45.45 -49.65
N THR B 227 -74.30 -44.31 -48.97
CA THR B 227 -74.64 -43.05 -49.64
C THR B 227 -73.74 -41.94 -49.12
N ILE B 228 -73.09 -41.21 -50.03
CA ILE B 228 -72.20 -40.11 -49.65
C ILE B 228 -73.02 -38.92 -49.18
N ARG B 229 -73.21 -38.79 -47.87
CA ARG B 229 -73.99 -37.69 -47.34
C ARG B 229 -73.41 -37.27 -46.00
N TYR B 230 -73.27 -35.96 -45.77
CA TYR B 230 -72.70 -35.47 -44.52
C TYR B 230 -73.69 -35.57 -43.36
N ASP B 231 -73.28 -36.21 -42.28
CA ASP B 231 -74.14 -36.41 -41.12
C ASP B 231 -73.17 -36.60 -39.96
N LYS B 232 -72.96 -35.57 -39.12
CA LYS B 232 -72.03 -35.72 -37.98
C LYS B 232 -72.28 -37.03 -37.25
N GLU B 233 -73.39 -37.12 -36.51
CA GLU B 233 -73.73 -38.37 -35.82
C GLU B 233 -74.35 -39.17 -36.94
N ALA B 234 -74.61 -40.46 -36.72
CA ALA B 234 -75.20 -41.31 -37.76
C ALA B 234 -74.17 -41.70 -38.84
N LYS B 235 -73.64 -40.74 -39.57
CA LYS B 235 -72.64 -41.05 -40.61
C LYS B 235 -71.29 -40.39 -40.35
N PRO B 236 -70.74 -40.58 -39.14
CA PRO B 236 -69.45 -40.03 -38.70
C PRO B 236 -68.32 -40.24 -39.69
N GLY B 237 -68.19 -41.48 -40.11
CA GLY B 237 -67.13 -41.82 -41.04
C GLY B 237 -67.16 -41.04 -42.34
N ILE B 238 -68.25 -41.17 -43.08
CA ILE B 238 -68.38 -40.47 -44.34
C ILE B 238 -68.28 -38.97 -44.18
N SER B 239 -68.73 -38.46 -43.05
CA SER B 239 -68.66 -37.04 -42.82
C SER B 239 -67.22 -36.59 -42.81
N ASN B 240 -66.39 -37.31 -42.07
CA ASN B 240 -64.99 -36.98 -41.97
C ASN B 240 -64.28 -37.09 -43.30
N LEU B 241 -64.60 -38.12 -44.09
CA LEU B 241 -63.93 -38.25 -45.38
C LEU B 241 -64.28 -37.05 -46.26
N LEU B 242 -65.54 -36.65 -46.24
CA LEU B 242 -66.01 -35.51 -47.05
C LEU B 242 -65.33 -34.21 -46.59
N ASN B 243 -64.94 -34.18 -45.32
CA ASN B 243 -64.27 -33.01 -44.77
C ASN B 243 -62.85 -32.94 -45.29
N ILE B 244 -62.15 -34.06 -45.20
CA ILE B 244 -60.78 -34.13 -45.68
C ILE B 244 -60.78 -33.81 -47.17
N TYR B 245 -61.72 -34.41 -47.88
CA TYR B 245 -61.89 -34.25 -49.32
C TYR B 245 -62.24 -32.78 -49.65
N SER B 246 -63.10 -32.19 -48.83
CA SER B 246 -63.54 -30.82 -49.05
C SER B 246 -62.40 -29.82 -48.92
N THR B 247 -61.83 -29.69 -47.73
CA THR B 247 -60.73 -28.75 -47.50
C THR B 247 -59.53 -28.90 -48.44
N LEU B 248 -59.25 -30.12 -48.87
CA LEU B 248 -58.11 -30.33 -49.77
C LEU B 248 -58.37 -30.02 -51.23
N SER B 249 -59.54 -30.38 -51.75
CA SER B 249 -59.86 -30.13 -53.15
C SER B 249 -60.49 -28.76 -53.34
N GLY B 250 -61.04 -28.23 -52.26
CA GLY B 250 -61.67 -26.92 -52.33
C GLY B 250 -63.10 -26.96 -52.84
N GLN B 251 -63.70 -28.14 -52.90
CA GLN B 251 -65.09 -28.26 -53.34
C GLN B 251 -65.95 -28.22 -52.08
N SER B 252 -67.14 -27.65 -52.17
CA SER B 252 -68.02 -27.62 -51.00
C SER B 252 -68.56 -29.01 -50.73
N ILE B 253 -68.93 -29.29 -49.48
CA ILE B 253 -69.47 -30.61 -49.13
C ILE B 253 -70.77 -30.83 -49.87
N GLU B 254 -71.55 -29.75 -49.98
CA GLU B 254 -72.83 -29.80 -50.67
C GLU B 254 -72.58 -30.23 -52.12
N GLU B 255 -71.45 -29.80 -52.66
CA GLU B 255 -71.09 -30.11 -54.03
C GLU B 255 -70.58 -31.53 -54.21
N LEU B 256 -69.91 -32.06 -53.19
CA LEU B 256 -69.39 -33.42 -53.25
C LEU B 256 -70.54 -34.44 -53.19
N GLU B 257 -71.55 -34.14 -52.39
CA GLU B 257 -72.73 -35.00 -52.25
C GLU B 257 -73.43 -35.13 -53.60
N ARG B 258 -73.48 -34.00 -54.32
CA ARG B 258 -74.10 -33.95 -55.63
C ARG B 258 -73.26 -34.79 -56.58
N GLN B 259 -71.96 -34.48 -56.65
CA GLN B 259 -71.02 -35.18 -57.52
C GLN B 259 -71.07 -36.68 -57.39
N TYR B 260 -71.47 -37.17 -56.23
CA TYR B 260 -71.56 -38.60 -55.97
C TYR B 260 -72.97 -39.09 -55.73
N GLU B 261 -73.96 -38.31 -56.16
CA GLU B 261 -75.37 -38.64 -56.00
C GLU B 261 -75.71 -40.13 -56.07
N GLY B 262 -75.29 -40.81 -57.13
CA GLY B 262 -75.64 -42.21 -57.21
C GLY B 262 -74.52 -43.21 -57.11
N LYS B 263 -73.39 -42.78 -56.55
CA LYS B 263 -72.24 -43.65 -56.42
C LYS B 263 -72.10 -44.24 -55.02
N GLY B 264 -71.35 -45.33 -54.95
CA GLY B 264 -71.13 -45.98 -53.67
C GLY B 264 -69.80 -45.55 -53.09
N TYR B 265 -69.43 -46.11 -51.95
CA TYR B 265 -68.17 -45.75 -51.31
C TYR B 265 -66.93 -46.21 -52.07
N GLY B 266 -67.08 -47.18 -52.97
CA GLY B 266 -65.93 -47.66 -53.72
C GLY B 266 -65.21 -46.63 -54.57
N VAL B 267 -65.93 -45.98 -55.47
CA VAL B 267 -65.30 -45.00 -56.34
C VAL B 267 -64.94 -43.73 -55.61
N PHE B 268 -65.68 -43.45 -54.54
CA PHE B 268 -65.49 -42.24 -53.73
C PHE B 268 -64.17 -42.33 -53.00
N LYS B 269 -63.91 -43.47 -52.38
CA LYS B 269 -62.66 -43.65 -51.66
C LYS B 269 -61.45 -43.60 -52.59
N ALA B 270 -61.61 -44.15 -53.78
CA ALA B 270 -60.54 -44.15 -54.76
C ALA B 270 -60.18 -42.72 -55.15
N ASP B 271 -61.21 -41.89 -55.34
CA ASP B 271 -61.03 -40.49 -55.72
C ASP B 271 -60.38 -39.69 -54.60
N LEU B 272 -60.77 -40.00 -53.38
CA LEU B 272 -60.22 -39.31 -52.25
C LEU B 272 -58.75 -39.71 -52.14
N ALA B 273 -58.47 -40.99 -52.34
CA ALA B 273 -57.10 -41.48 -52.26
C ALA B 273 -56.20 -40.68 -53.20
N GLN B 274 -56.74 -40.32 -54.35
CA GLN B 274 -55.97 -39.57 -55.32
C GLN B 274 -55.77 -38.11 -54.95
N VAL B 275 -56.83 -37.45 -54.49
CA VAL B 275 -56.73 -36.03 -54.13
C VAL B 275 -55.66 -35.81 -53.04
N VAL B 276 -55.65 -36.68 -52.03
CA VAL B 276 -54.67 -36.58 -50.97
C VAL B 276 -53.26 -36.73 -51.55
N ILE B 277 -53.10 -37.75 -52.40
CA ILE B 277 -51.84 -38.07 -53.07
C ILE B 277 -51.37 -36.92 -53.98
N GLU B 278 -52.32 -36.28 -54.63
CA GLU B 278 -52.03 -35.16 -55.53
C GLU B 278 -51.49 -34.00 -54.68
N THR B 279 -52.02 -33.87 -53.47
CA THR B 279 -51.66 -32.82 -52.54
C THR B 279 -50.29 -33.00 -51.86
N LEU B 280 -50.06 -34.20 -51.34
CA LEU B 280 -48.82 -34.49 -50.64
C LEU B 280 -47.61 -34.75 -51.54
N ARG B 281 -47.82 -34.97 -52.83
CA ARG B 281 -46.72 -35.24 -53.72
C ARG B 281 -45.70 -34.08 -53.78
N PRO B 282 -46.17 -32.86 -54.14
CA PRO B 282 -45.28 -31.69 -54.24
C PRO B 282 -44.61 -31.35 -52.91
N ILE B 283 -45.34 -31.50 -51.83
CA ILE B 283 -44.79 -31.24 -50.51
C ILE B 283 -43.69 -32.27 -50.21
N GLN B 284 -43.93 -33.52 -50.60
CA GLN B 284 -42.96 -34.59 -50.35
C GLN B 284 -41.78 -34.43 -51.29
N GLU B 285 -42.00 -33.73 -52.40
CA GLU B 285 -40.92 -33.50 -53.34
C GLU B 285 -40.00 -32.48 -52.68
N ARG B 286 -40.54 -31.30 -52.38
CA ARG B 286 -39.80 -30.22 -51.73
C ARG B 286 -39.07 -30.70 -50.46
N TYR B 287 -39.78 -31.44 -49.61
CA TYR B 287 -39.19 -31.94 -48.37
C TYR B 287 -37.91 -32.70 -48.64
N HIS B 288 -37.89 -33.49 -49.70
CA HIS B 288 -36.69 -34.25 -50.03
C HIS B 288 -35.60 -33.35 -50.59
N HIS B 289 -35.99 -32.33 -51.34
CA HIS B 289 -35.05 -31.37 -51.92
C HIS B 289 -34.38 -30.58 -50.79
N TRP B 290 -35.12 -30.37 -49.71
CA TRP B 290 -34.60 -29.65 -48.54
C TRP B 290 -33.69 -30.48 -47.64
N MET B 291 -34.06 -31.75 -47.39
CA MET B 291 -33.25 -32.59 -46.52
C MET B 291 -31.82 -32.77 -46.97
N GLU B 292 -31.62 -32.97 -48.27
CA GLU B 292 -30.28 -33.17 -48.78
C GLU B 292 -29.54 -31.87 -49.10
N SER B 293 -30.29 -30.76 -49.16
CA SER B 293 -29.71 -29.46 -49.47
C SER B 293 -28.91 -28.87 -48.32
N GLU B 294 -27.84 -28.18 -48.65
CA GLU B 294 -26.98 -27.52 -47.67
C GLU B 294 -27.70 -26.25 -47.21
N GLU B 295 -28.62 -25.78 -48.05
CA GLU B 295 -29.40 -24.60 -47.75
C GLU B 295 -30.19 -24.71 -46.43
N LEU B 296 -30.63 -25.92 -46.07
CA LEU B 296 -31.39 -26.07 -44.84
C LEU B 296 -30.64 -25.49 -43.66
N ASP B 297 -29.34 -25.72 -43.62
CA ASP B 297 -28.56 -25.18 -42.52
C ASP B 297 -28.35 -23.68 -42.65
N ARG B 298 -28.27 -23.19 -43.88
CA ARG B 298 -28.12 -21.75 -44.04
C ARG B 298 -29.34 -21.04 -43.46
N VAL B 299 -30.53 -21.53 -43.80
CA VAL B 299 -31.79 -20.95 -43.33
C VAL B 299 -31.92 -21.03 -41.81
N LEU B 300 -31.48 -22.15 -41.24
CA LEU B 300 -31.59 -22.31 -39.80
C LEU B 300 -30.62 -21.42 -39.07
N ASP B 301 -29.48 -21.16 -39.69
CA ASP B 301 -28.50 -20.30 -39.07
C ASP B 301 -29.04 -18.87 -39.14
N GLU B 302 -29.48 -18.46 -40.32
CA GLU B 302 -30.02 -17.12 -40.49
C GLU B 302 -31.15 -16.91 -39.47
N GLY B 303 -32.01 -17.91 -39.33
CA GLY B 303 -33.11 -17.81 -38.39
C GLY B 303 -32.69 -17.55 -36.96
N ALA B 304 -31.67 -18.28 -36.51
CA ALA B 304 -31.15 -18.14 -35.16
C ALA B 304 -30.56 -16.74 -34.95
N GLU B 305 -29.87 -16.27 -35.97
CA GLU B 305 -29.23 -14.97 -35.95
C GLU B 305 -30.29 -13.91 -35.70
N LYS B 306 -31.41 -14.03 -36.41
CA LYS B 306 -32.53 -13.09 -36.29
C LYS B 306 -33.19 -13.18 -34.92
N ALA B 307 -33.50 -14.39 -34.47
CA ALA B 307 -34.14 -14.58 -33.16
C ALA B 307 -33.29 -14.05 -32.03
N ASN B 308 -32.00 -14.34 -32.12
CA ASN B 308 -31.06 -13.95 -31.11
C ASN B 308 -30.92 -12.43 -31.00
N ARG B 309 -31.01 -11.76 -32.14
CA ARG B 309 -30.92 -10.29 -32.20
C ARG B 309 -31.94 -9.72 -31.20
N VAL B 310 -33.16 -10.26 -31.23
CA VAL B 310 -34.24 -9.82 -30.35
C VAL B 310 -34.06 -10.32 -28.92
N ALA B 311 -34.03 -11.65 -28.77
CA ALA B 311 -33.90 -12.32 -27.46
C ALA B 311 -32.78 -11.85 -26.57
N SER B 312 -31.61 -11.59 -27.15
CA SER B 312 -30.47 -11.14 -26.37
C SER B 312 -30.86 -9.83 -25.71
N GLU B 313 -31.17 -8.86 -26.56
CA GLU B 313 -31.59 -7.57 -26.10
C GLU B 313 -32.54 -7.72 -24.91
N MET B 314 -33.61 -8.48 -25.10
CA MET B 314 -34.60 -8.68 -24.05
C MET B 314 -34.03 -9.29 -22.76
N VAL B 315 -33.03 -10.16 -22.91
CA VAL B 315 -32.39 -10.77 -21.75
C VAL B 315 -31.53 -9.73 -21.03
N ARG B 316 -30.92 -8.84 -21.82
CA ARG B 316 -30.08 -7.79 -21.29
C ARG B 316 -30.95 -6.95 -20.36
N LYS B 317 -32.13 -6.59 -20.85
CA LYS B 317 -33.09 -5.81 -20.09
C LYS B 317 -33.52 -6.49 -18.80
N MET B 318 -33.83 -7.79 -18.87
CA MET B 318 -34.25 -8.52 -17.68
C MET B 318 -33.17 -8.49 -16.61
N GLU B 319 -31.93 -8.76 -17.03
CA GLU B 319 -30.78 -8.76 -16.12
C GLU B 319 -30.64 -7.38 -15.50
N GLN B 320 -30.77 -6.35 -16.35
CA GLN B 320 -30.71 -4.96 -15.92
C GLN B 320 -31.70 -4.75 -14.78
N ALA B 321 -32.97 -5.01 -15.07
CA ALA B 321 -34.01 -4.81 -14.07
C ALA B 321 -33.84 -5.59 -12.77
N MET B 322 -33.33 -6.83 -12.86
CA MET B 322 -33.15 -7.68 -11.68
C MET B 322 -31.88 -7.47 -10.86
N GLY B 323 -30.88 -6.87 -11.47
CA GLY B 323 -29.64 -6.60 -10.75
C GLY B 323 -28.52 -7.60 -10.91
N LEU B 324 -28.54 -8.32 -12.03
CA LEU B 324 -27.53 -9.32 -12.34
C LEU B 324 -26.39 -8.70 -13.14
N GLY B 325 -25.20 -9.22 -12.90
CA GLY B 325 -24.03 -8.75 -13.62
C GLY B 325 -23.58 -7.32 -13.39
N ARG B 326 -23.13 -6.72 -14.48
CA ARG B 326 -22.64 -5.35 -14.49
C ARG B 326 -23.41 -4.46 -15.46
N MET C 1 -10.30 22.62 -28.45
CA MET C 1 -9.50 23.07 -29.62
C MET C 1 -8.35 22.09 -29.81
N LYS C 2 -7.81 22.03 -31.03
CA LYS C 2 -6.68 21.16 -31.30
C LYS C 2 -5.40 21.87 -30.83
N THR C 3 -4.35 21.10 -30.51
CA THR C 3 -3.09 21.67 -30.04
C THR C 3 -2.03 21.83 -31.13
N ILE C 4 -1.34 22.95 -31.12
CA ILE C 4 -0.27 23.17 -32.07
C ILE C 4 1.01 23.44 -31.33
N PHE C 5 2.07 22.73 -31.70
CA PHE C 5 3.36 22.92 -31.07
C PHE C 5 4.36 23.35 -32.13
N SER C 6 5.10 24.42 -31.86
CA SER C 6 6.10 24.91 -32.82
C SER C 6 7.43 25.07 -32.11
N GLY C 7 8.48 24.53 -32.71
CA GLY C 7 9.81 24.63 -32.13
C GLY C 7 10.61 25.64 -32.93
N ILE C 8 11.19 26.62 -32.23
CA ILE C 8 12.01 27.63 -32.89
C ILE C 8 13.47 27.52 -32.46
N GLN C 9 14.34 27.31 -33.45
CA GLN C 9 15.77 27.21 -33.22
C GLN C 9 16.27 28.59 -32.86
N PRO C 10 16.80 28.75 -31.64
CA PRO C 10 17.29 30.08 -31.26
C PRO C 10 18.38 30.62 -32.17
N SER C 11 18.00 31.57 -33.02
CA SER C 11 18.94 32.18 -33.96
C SER C 11 18.76 33.68 -34.24
N GLY C 12 17.82 34.33 -33.54
CA GLY C 12 17.60 35.77 -33.72
C GLY C 12 17.22 36.34 -35.09
N VAL C 13 17.87 35.88 -36.15
CA VAL C 13 17.56 36.38 -37.47
C VAL C 13 16.45 35.57 -38.14
N ILE C 14 15.25 36.13 -38.25
CA ILE C 14 14.18 35.42 -38.93
C ILE C 14 13.90 36.27 -40.15
N THR C 15 13.84 35.65 -41.32
CA THR C 15 13.62 36.40 -42.55
C THR C 15 12.20 36.87 -42.78
N ILE C 16 12.06 37.70 -43.81
CA ILE C 16 10.77 38.24 -44.22
C ILE C 16 10.04 37.06 -44.86
N GLY C 17 10.80 36.04 -45.24
CA GLY C 17 10.20 34.85 -45.82
C GLY C 17 9.57 34.03 -44.71
N ASN C 18 10.29 33.80 -43.62
CA ASN C 18 9.72 33.02 -42.53
C ASN C 18 8.50 33.72 -41.99
N TYR C 19 8.52 35.05 -42.02
CA TYR C 19 7.40 35.85 -41.53
C TYR C 19 6.15 35.66 -42.37
N ILE C 20 6.32 35.74 -43.68
CA ILE C 20 5.20 35.60 -44.59
C ILE C 20 4.66 34.17 -44.65
N GLY C 21 5.57 33.20 -44.77
CA GLY C 21 5.16 31.81 -44.85
C GLY C 21 4.65 31.15 -43.59
N ALA C 22 5.10 31.62 -42.43
CA ALA C 22 4.66 30.97 -41.20
C ALA C 22 4.29 31.84 -40.01
N LEU C 23 5.21 32.68 -39.55
CA LEU C 23 4.92 33.51 -38.38
C LEU C 23 3.63 34.30 -38.46
N ARG C 24 3.55 35.17 -39.45
CA ARG C 24 2.39 36.03 -39.70
C ARG C 24 1.09 35.27 -39.43
N GLN C 25 1.00 34.12 -40.09
CA GLN C 25 -0.08 33.16 -40.04
C GLN C 25 -0.47 32.73 -38.59
N PHE C 26 0.50 32.44 -37.74
CA PHE C 26 0.22 32.01 -36.36
C PHE C 26 -0.43 33.07 -35.51
N VAL C 27 -0.11 34.33 -35.79
CA VAL C 27 -0.64 35.44 -35.02
C VAL C 27 -2.16 35.40 -34.94
N GLU C 28 -2.80 35.10 -36.07
CA GLU C 28 -4.26 34.99 -36.13
C GLU C 28 -4.72 33.64 -35.60
N LEU C 29 -4.06 32.59 -36.05
CA LEU C 29 -4.39 31.22 -35.64
C LEU C 29 -4.32 30.97 -34.13
N GLN C 30 -3.54 31.77 -33.42
CA GLN C 30 -3.38 31.59 -31.98
C GLN C 30 -4.64 31.70 -31.13
N HIS C 31 -5.76 32.10 -31.73
CA HIS C 31 -7.00 32.21 -30.96
C HIS C 31 -7.98 31.09 -31.31
N GLU C 32 -7.71 30.41 -32.42
CA GLU C 32 -8.53 29.31 -32.90
C GLU C 32 -7.96 27.98 -32.42
N TYR C 33 -6.64 27.91 -32.24
CA TYR C 33 -5.97 26.71 -31.75
C TYR C 33 -5.24 26.97 -30.45
N ASN C 34 -4.93 25.91 -29.72
CA ASN C 34 -4.16 26.05 -28.47
C ASN C 34 -2.68 25.93 -28.89
N CYS C 35 -1.95 27.05 -28.84
CA CYS C 35 -0.56 27.07 -29.29
C CYS C 35 0.57 27.09 -28.26
N TYR C 36 1.61 26.32 -28.56
CA TYR C 36 2.82 26.24 -27.74
C TYR C 36 3.99 26.66 -28.65
N PHE C 37 4.71 27.70 -28.23
CA PHE C 37 5.86 28.16 -28.99
C PHE C 37 7.05 27.89 -28.12
N CYS C 38 7.92 27.03 -28.63
CA CYS C 38 9.08 26.59 -27.89
C CYS C 38 10.41 26.92 -28.53
N ILE C 39 11.20 27.73 -27.83
CA ILE C 39 12.52 28.09 -28.28
C ILE C 39 13.36 26.91 -27.84
N VAL C 40 13.77 26.12 -28.82
CA VAL C 40 14.53 24.90 -28.55
C VAL C 40 16.01 25.19 -28.40
N ASP C 41 16.42 25.57 -27.19
CA ASP C 41 17.80 25.90 -26.97
C ASP C 41 18.66 24.63 -26.91
N GLN C 42 18.08 23.56 -26.35
CA GLN C 42 18.75 22.26 -26.23
C GLN C 42 19.02 21.64 -27.60
N HIS C 43 18.19 21.95 -28.59
CA HIS C 43 18.42 21.40 -29.90
C HIS C 43 19.55 22.17 -30.59
N ALA C 44 19.73 23.44 -30.20
CA ALA C 44 20.74 24.30 -30.83
C ALA C 44 22.13 23.83 -30.44
N ILE C 45 22.18 23.30 -29.22
CA ILE C 45 23.36 22.78 -28.60
C ILE C 45 23.95 21.57 -29.35
N THR C 46 23.26 21.04 -30.35
CA THR C 46 23.78 19.88 -31.07
C THR C 46 24.88 20.20 -32.07
N VAL C 47 25.29 21.46 -32.08
CA VAL C 47 26.34 21.95 -32.96
C VAL C 47 27.12 22.98 -32.16
N TRP C 48 28.26 23.44 -32.68
CA TRP C 48 29.06 24.41 -31.96
C TRP C 48 28.27 25.70 -31.71
N GLN C 49 28.12 26.06 -30.44
CA GLN C 49 27.40 27.29 -30.10
C GLN C 49 28.23 28.15 -29.16
N ASP C 50 28.23 29.46 -29.39
CA ASP C 50 28.93 30.38 -28.50
C ASP C 50 27.96 30.67 -27.37
N PRO C 51 28.37 30.37 -26.13
CA PRO C 51 27.52 30.59 -24.95
C PRO C 51 26.82 31.92 -24.90
N HIS C 52 27.55 33.00 -25.20
CA HIS C 52 26.97 34.34 -25.15
C HIS C 52 25.98 34.62 -26.26
N GLU C 53 26.31 34.16 -27.47
CA GLU C 53 25.44 34.35 -28.63
C GLU C 53 24.16 33.55 -28.49
N LEU C 54 24.27 32.32 -27.99
CA LEU C 54 23.10 31.47 -27.79
C LEU C 54 22.16 32.10 -26.78
N ARG C 55 22.70 32.43 -25.60
CA ARG C 55 21.93 33.03 -24.52
C ARG C 55 21.27 34.33 -25.00
N GLN C 56 21.96 35.03 -25.88
CA GLN C 56 21.50 36.30 -26.40
C GLN C 56 20.49 36.12 -27.52
N ASN C 57 20.57 34.98 -28.20
CA ASN C 57 19.65 34.67 -29.29
C ASN C 57 18.33 34.13 -28.76
N ILE C 58 18.38 33.63 -27.53
CA ILE C 58 17.17 33.11 -26.92
C ILE C 58 16.28 34.33 -26.70
N ARG C 59 16.81 35.34 -26.00
CA ARG C 59 16.05 36.56 -25.76
C ARG C 59 15.61 37.23 -27.05
N ARG C 60 16.51 37.35 -28.02
CA ARG C 60 16.13 38.02 -29.25
C ARG C 60 14.96 37.36 -29.96
N LEU C 61 14.82 36.06 -29.83
CA LEU C 61 13.73 35.37 -30.51
C LEU C 61 12.42 35.56 -29.77
N ALA C 62 12.45 35.49 -28.45
CA ALA C 62 11.23 35.69 -27.68
C ALA C 62 10.71 37.07 -28.05
N ALA C 63 11.54 38.09 -27.82
CA ALA C 63 11.20 39.48 -28.12
C ALA C 63 10.59 39.62 -29.52
N LEU C 64 11.24 39.03 -30.52
CA LEU C 64 10.74 39.12 -31.88
C LEU C 64 9.37 38.45 -32.04
N TYR C 65 9.16 37.35 -31.32
CA TYR C 65 7.88 36.64 -31.42
C TYR C 65 6.74 37.47 -30.84
N LEU C 66 7.00 38.08 -29.69
CA LEU C 66 6.02 38.94 -29.04
C LEU C 66 5.80 40.19 -29.92
N ALA C 67 6.88 40.72 -30.46
CA ALA C 67 6.78 41.91 -31.31
C ALA C 67 5.87 41.66 -32.49
N VAL C 68 5.87 40.43 -33.01
CA VAL C 68 5.07 40.14 -34.19
C VAL C 68 3.59 39.99 -33.84
N GLY C 69 3.32 39.81 -32.54
CA GLY C 69 1.95 39.67 -32.11
C GLY C 69 1.55 38.39 -31.40
N ILE C 70 2.49 37.69 -30.76
CA ILE C 70 2.12 36.48 -30.08
C ILE C 70 1.55 36.80 -28.71
N ASP C 71 0.24 36.62 -28.58
CA ASP C 71 -0.45 36.90 -27.32
C ASP C 71 0.03 35.94 -26.22
N PRO C 72 0.80 36.45 -25.26
CA PRO C 72 1.30 35.63 -24.16
C PRO C 72 0.21 35.12 -23.21
N THR C 73 -1.01 35.64 -23.34
CA THR C 73 -2.11 35.19 -22.47
C THR C 73 -2.99 34.21 -23.25
N GLN C 74 -2.68 34.07 -24.53
CA GLN C 74 -3.43 33.17 -25.37
C GLN C 74 -2.54 32.01 -25.83
N ALA C 75 -1.23 32.25 -25.90
CA ALA C 75 -0.26 31.25 -26.30
C ALA C 75 0.69 30.97 -25.14
N THR C 76 1.54 29.97 -25.27
CA THR C 76 2.51 29.67 -24.23
C THR C 76 3.85 29.76 -24.95
N LEU C 77 4.67 30.69 -24.51
CA LEU C 77 6.00 30.91 -25.09
C LEU C 77 6.95 30.47 -23.99
N PHE C 78 7.88 29.59 -24.34
CA PHE C 78 8.82 29.11 -23.33
C PHE C 78 10.10 28.60 -23.92
N ILE C 79 11.08 28.42 -23.05
CA ILE C 79 12.40 27.91 -23.45
C ILE C 79 12.47 26.43 -23.05
N GLN C 80 12.80 25.61 -24.03
CA GLN C 80 12.89 24.15 -23.84
C GLN C 80 13.63 23.73 -22.58
N SER C 81 14.87 24.17 -22.43
CA SER C 81 15.64 23.77 -21.25
C SER C 81 15.02 24.05 -19.91
N GLU C 82 14.10 25.01 -19.84
CA GLU C 82 13.49 25.34 -18.54
C GLU C 82 12.41 24.36 -18.12
N VAL C 83 12.01 23.52 -19.06
CA VAL C 83 11.02 22.50 -18.77
C VAL C 83 11.77 21.15 -18.84
N PRO C 84 12.29 20.67 -17.69
CA PRO C 84 13.04 19.41 -17.54
C PRO C 84 12.43 18.20 -18.27
N ALA C 85 11.12 18.02 -18.13
CA ALA C 85 10.42 16.90 -18.78
C ALA C 85 10.90 16.61 -20.22
N HIS C 86 11.27 17.63 -20.98
CA HIS C 86 11.73 17.38 -22.34
C HIS C 86 12.98 16.49 -22.38
N ALA C 87 13.83 16.62 -21.37
CA ALA C 87 15.05 15.82 -21.31
C ALA C 87 14.67 14.39 -20.94
N GLN C 88 13.96 14.27 -19.82
CA GLN C 88 13.51 12.98 -19.33
C GLN C 88 12.79 12.20 -20.40
N ALA C 89 11.77 12.83 -20.96
CA ALA C 89 10.97 12.22 -22.00
C ALA C 89 11.86 11.77 -23.14
N ALA C 90 12.84 12.58 -23.53
CA ALA C 90 13.71 12.24 -24.65
C ALA C 90 14.57 11.02 -24.37
N TRP C 91 14.93 10.82 -23.10
CA TRP C 91 15.73 9.66 -22.78
C TRP C 91 14.87 8.46 -23.11
N MET C 92 13.76 8.33 -22.39
CA MET C 92 12.83 7.24 -22.60
C MET C 92 12.54 6.89 -24.06
N LEU C 93 12.25 7.88 -24.89
CA LEU C 93 11.98 7.60 -26.30
C LEU C 93 13.21 7.10 -27.02
N GLN C 94 14.38 7.35 -26.44
CA GLN C 94 15.66 6.92 -27.05
C GLN C 94 15.73 5.42 -26.89
N CYS C 95 15.18 4.98 -25.78
CA CYS C 95 15.16 3.59 -25.44
C CYS C 95 14.17 2.77 -26.25
N ILE C 96 13.39 3.42 -27.13
CA ILE C 96 12.44 2.67 -27.93
C ILE C 96 12.56 2.93 -29.42
N VAL C 97 13.45 3.84 -29.80
CA VAL C 97 13.68 4.09 -31.21
C VAL C 97 14.91 3.23 -31.45
N TYR C 98 15.07 2.68 -32.64
CA TYR C 98 16.22 1.84 -32.90
C TYR C 98 17.30 2.61 -33.65
N ILE C 99 18.56 2.26 -33.40
CA ILE C 99 19.69 2.94 -34.02
C ILE C 99 19.54 3.13 -35.52
N GLY C 100 19.09 2.09 -36.21
CA GLY C 100 18.91 2.17 -37.64
C GLY C 100 17.89 3.19 -38.10
N GLU C 101 16.88 3.42 -37.28
CA GLU C 101 15.83 4.41 -37.61
C GLU C 101 16.46 5.80 -37.59
N LEU C 102 17.30 6.05 -36.60
CA LEU C 102 17.99 7.31 -36.46
C LEU C 102 19.03 7.54 -37.54
N GLU C 103 19.77 6.49 -37.88
CA GLU C 103 20.82 6.61 -38.89
C GLU C 103 20.32 6.76 -40.31
N ARG C 104 19.21 6.08 -40.61
CA ARG C 104 18.64 6.14 -41.95
C ARG C 104 18.13 7.56 -42.20
N MET C 105 17.96 8.30 -41.11
CA MET C 105 17.49 9.68 -41.13
C MET C 105 18.14 10.54 -42.20
N THR C 106 17.39 10.80 -43.27
CA THR C 106 17.87 11.59 -44.40
C THR C 106 18.11 13.03 -43.91
N GLN C 107 19.07 13.18 -43.03
CA GLN C 107 19.42 14.48 -42.46
C GLN C 107 20.73 14.27 -41.74
N PHE C 108 20.90 13.05 -41.25
CA PHE C 108 22.10 12.63 -40.55
C PHE C 108 23.18 12.42 -41.61
N LYS C 109 22.84 12.73 -42.86
CA LYS C 109 23.79 12.57 -43.94
C LYS C 109 25.04 13.32 -43.54
N GLU C 110 24.91 14.14 -42.49
CA GLU C 110 26.01 14.95 -41.96
C GLU C 110 27.14 14.08 -41.41
N LYS C 111 27.09 12.77 -41.65
CA LYS C 111 28.14 11.86 -41.19
C LYS C 111 29.30 12.02 -42.16
N SER C 112 29.07 12.94 -43.10
CA SER C 112 30.01 13.31 -44.13
C SER C 112 31.25 12.49 -44.49
N ALA C 113 31.09 11.57 -45.43
CA ALA C 113 32.15 10.71 -45.95
C ALA C 113 33.16 10.15 -44.94
N GLY C 114 32.70 9.86 -43.72
CA GLY C 114 33.59 9.31 -42.70
C GLY C 114 34.15 10.31 -41.70
N LYS C 115 33.40 11.39 -41.45
CA LYS C 115 33.82 12.43 -40.51
C LYS C 115 33.93 11.93 -39.08
N GLU C 116 32.95 11.11 -38.67
CA GLU C 116 32.89 10.51 -37.33
C GLU C 116 32.87 11.48 -36.15
N ALA C 117 33.44 12.68 -36.34
CA ALA C 117 33.51 13.71 -35.30
C ALA C 117 32.25 14.58 -35.21
N VAL C 118 31.09 13.93 -35.13
CA VAL C 118 29.82 14.63 -35.01
C VAL C 118 29.37 14.36 -33.58
N SER C 119 28.51 15.24 -33.05
CA SER C 119 27.99 15.10 -31.69
C SER C 119 27.02 13.91 -31.67
N ALA C 120 26.93 13.22 -30.54
CA ALA C 120 26.00 12.11 -30.45
C ALA C 120 24.58 12.69 -30.56
N GLY C 121 24.41 13.88 -29.97
CA GLY C 121 23.13 14.54 -29.99
C GLY C 121 22.68 14.87 -31.39
N LEU C 122 23.60 14.87 -32.34
CA LEU C 122 23.26 15.17 -33.72
C LEU C 122 22.63 13.94 -34.35
N LEU C 123 22.75 12.80 -33.66
CA LEU C 123 22.19 11.55 -34.14
C LEU C 123 20.93 11.28 -33.38
N THR C 124 20.96 11.65 -32.11
CA THR C 124 19.86 11.42 -31.20
C THR C 124 18.90 12.56 -30.97
N TYR C 125 18.88 13.56 -31.86
CA TYR C 125 17.98 14.69 -31.63
C TYR C 125 16.51 14.44 -31.99
N PRO C 126 16.23 13.49 -32.92
CA PRO C 126 14.82 13.24 -33.25
C PRO C 126 14.10 12.81 -31.96
N PRO C 127 14.62 11.81 -31.22
CA PRO C 127 13.92 11.44 -29.99
C PRO C 127 13.60 12.62 -29.07
N LEU C 128 14.41 13.69 -29.15
CA LEU C 128 14.15 14.88 -28.33
C LEU C 128 13.04 15.72 -29.00
N MET C 129 13.05 15.75 -30.32
CA MET C 129 12.04 16.49 -31.05
C MET C 129 10.68 15.81 -30.89
N ALA C 130 10.70 14.49 -30.71
CA ALA C 130 9.48 13.74 -30.52
C ALA C 130 8.97 14.04 -29.11
N ALA C 131 9.85 14.04 -28.12
CA ALA C 131 9.42 14.33 -26.76
C ALA C 131 8.81 15.73 -26.72
N ASP C 132 9.32 16.61 -27.57
CA ASP C 132 8.85 17.99 -27.66
C ASP C 132 7.36 18.01 -28.00
N ILE C 133 7.04 17.45 -29.15
CA ILE C 133 5.68 17.36 -29.64
C ILE C 133 4.82 16.48 -28.74
N LEU C 134 5.17 15.21 -28.62
CA LEU C 134 4.41 14.28 -27.81
C LEU C 134 4.03 14.74 -26.38
N LEU C 135 4.92 15.34 -25.64
CA LEU C 135 4.58 15.74 -24.27
C LEU C 135 3.36 16.63 -24.09
N TYR C 136 3.02 17.42 -25.10
CA TYR C 136 1.88 18.33 -25.00
C TYR C 136 0.66 17.90 -25.82
N ASN C 137 0.46 16.59 -25.92
CA ASN C 137 -0.64 16.00 -26.68
C ASN C 137 -0.96 16.73 -27.97
N THR C 138 0.02 17.39 -28.55
CA THR C 138 -0.24 18.15 -29.77
C THR C 138 -0.84 17.33 -30.89
N ASP C 139 -1.61 18.02 -31.72
CA ASP C 139 -2.32 17.48 -32.86
C ASP C 139 -1.66 17.92 -34.16
N ILE C 140 -1.35 19.20 -34.27
CA ILE C 140 -0.75 19.69 -35.49
C ILE C 140 0.62 20.30 -35.24
N VAL C 141 1.56 19.98 -36.12
CA VAL C 141 2.91 20.50 -36.02
C VAL C 141 3.18 21.21 -37.34
N PRO C 142 3.29 22.55 -37.32
CA PRO C 142 3.55 23.32 -38.54
C PRO C 142 5.03 23.37 -38.91
N VAL C 143 5.44 22.46 -39.79
CA VAL C 143 6.83 22.40 -40.22
C VAL C 143 6.90 22.32 -41.72
N GLY C 144 8.10 22.41 -42.25
CA GLY C 144 8.28 22.37 -43.69
C GLY C 144 8.43 20.97 -44.24
N GLU C 145 8.76 20.88 -45.52
CA GLU C 145 8.95 19.60 -46.19
C GLU C 145 10.19 18.94 -45.60
N ASP C 146 11.20 19.77 -45.32
CA ASP C 146 12.46 19.33 -44.75
C ASP C 146 12.30 18.56 -43.43
N GLN C 147 11.35 18.98 -42.63
CA GLN C 147 11.15 18.31 -41.35
C GLN C 147 10.15 17.17 -41.41
N LYS C 148 9.51 17.00 -42.56
CA LYS C 148 8.50 15.94 -42.71
C LYS C 148 8.98 14.62 -42.14
N GLN C 149 10.21 14.25 -42.49
CA GLN C 149 10.79 13.01 -42.03
C GLN C 149 10.82 12.87 -40.51
N HIS C 150 11.00 13.99 -39.80
CA HIS C 150 11.04 13.94 -38.34
C HIS C 150 9.68 13.77 -37.70
N ILE C 151 8.63 14.13 -38.45
CA ILE C 151 7.28 14.01 -37.94
C ILE C 151 6.84 12.56 -38.05
N GLU C 152 7.15 11.95 -39.18
CA GLU C 152 6.80 10.55 -39.38
C GLU C 152 7.44 9.69 -38.28
N LEU C 153 8.71 9.91 -37.98
CA LEU C 153 9.38 9.14 -36.94
C LEU C 153 8.75 9.27 -35.57
N THR C 154 8.30 10.47 -35.21
CA THR C 154 7.69 10.60 -33.89
C THR C 154 6.32 9.93 -33.93
N ARG C 155 5.68 9.96 -35.10
CA ARG C 155 4.39 9.31 -35.25
C ARG C 155 4.59 7.84 -34.93
N ASP C 156 5.59 7.23 -35.58
CA ASP C 156 5.93 5.84 -35.35
C ASP C 156 6.25 5.56 -33.88
N LEU C 157 6.91 6.51 -33.22
CA LEU C 157 7.27 6.33 -31.82
C LEU C 157 6.08 6.34 -30.91
N ALA C 158 5.07 7.14 -31.26
CA ALA C 158 3.87 7.25 -30.43
C ALA C 158 3.09 5.95 -30.56
N GLU C 159 3.02 5.50 -31.82
CA GLU C 159 2.34 4.28 -32.18
C GLU C 159 2.97 3.12 -31.39
N ARG C 160 4.30 3.08 -31.41
CA ARG C 160 5.06 2.06 -30.73
C ARG C 160 4.91 2.16 -29.23
N PHE C 161 5.03 3.37 -28.69
CA PHE C 161 4.88 3.54 -27.24
C PHE C 161 3.46 3.21 -26.80
N ASN C 162 2.48 3.54 -27.64
CA ASN C 162 1.08 3.28 -27.34
C ASN C 162 0.77 1.76 -27.32
N LYS C 163 1.14 1.04 -28.37
CA LYS C 163 0.88 -0.40 -28.38
C LYS C 163 1.51 -1.17 -27.22
N ARG C 164 2.77 -0.88 -26.91
CA ARG C 164 3.47 -1.56 -25.81
C ARG C 164 2.88 -1.25 -24.44
N TYR C 165 2.71 0.04 -24.13
CA TYR C 165 2.20 0.48 -22.83
C TYR C 165 0.77 1.00 -22.76
N GLY C 166 0.21 1.35 -23.91
CA GLY C 166 -1.16 1.83 -23.94
C GLY C 166 -1.39 3.26 -24.37
N GLU C 167 -2.57 3.50 -24.91
CA GLU C 167 -3.04 4.82 -25.37
C GLU C 167 -2.54 5.89 -24.40
N LEU C 168 -1.66 6.76 -24.88
CA LEU C 168 -1.10 7.83 -24.07
C LEU C 168 -0.91 9.04 -24.97
N PHE C 169 -0.03 8.89 -25.95
CA PHE C 169 0.27 9.96 -26.89
C PHE C 169 -0.74 10.04 -28.03
N THR C 170 -0.91 11.26 -28.51
CA THR C 170 -1.80 11.55 -29.61
C THR C 170 -0.89 11.49 -30.81
N ILE C 171 -1.38 11.00 -31.93
CA ILE C 171 -0.55 10.94 -33.10
C ILE C 171 -0.52 12.27 -33.82
N PRO C 172 0.64 12.96 -33.77
CA PRO C 172 0.81 14.25 -34.42
C PRO C 172 0.48 14.25 -35.90
N GLU C 173 0.22 15.44 -36.42
CA GLU C 173 -0.15 15.63 -37.81
C GLU C 173 0.61 16.83 -38.35
N ALA C 174 1.51 16.61 -39.29
CA ALA C 174 2.30 17.69 -39.84
C ALA C 174 1.53 18.53 -40.87
N ARG C 175 0.75 19.51 -40.41
CA ARG C 175 0.01 20.35 -41.36
C ARG C 175 0.89 21.50 -41.87
N ILE C 176 1.40 21.32 -43.09
CA ILE C 176 2.26 22.30 -43.76
C ILE C 176 1.52 23.63 -43.91
N PRO C 177 2.21 24.75 -43.61
CA PRO C 177 1.69 26.11 -43.69
C PRO C 177 0.88 26.45 -44.94
N LYS C 178 -0.20 27.20 -44.72
CA LYS C 178 -1.15 27.60 -45.75
C LYS C 178 -0.64 28.08 -47.08
N VAL C 179 0.22 29.09 -47.08
CA VAL C 179 0.75 29.61 -48.33
C VAL C 179 2.20 30.08 -48.31
N GLY C 180 2.41 31.39 -48.36
CA GLY C 180 3.77 31.89 -48.36
C GLY C 180 4.36 31.79 -49.75
N ALA C 181 3.82 30.87 -50.56
CA ALA C 181 4.27 30.63 -51.95
C ALA C 181 5.79 30.56 -52.11
N ARG C 182 6.49 30.29 -51.00
CA ARG C 182 7.94 30.20 -51.00
C ARG C 182 8.54 31.52 -51.46
N ILE C 183 8.89 32.37 -50.50
CA ILE C 183 9.51 33.63 -50.85
C ILE C 183 10.95 33.27 -51.24
N MET C 184 11.24 33.32 -52.54
CA MET C 184 12.57 32.98 -53.03
C MET C 184 13.64 33.98 -52.58
N SER C 185 14.89 33.69 -52.93
CA SER C 185 16.01 34.55 -52.58
C SER C 185 15.96 35.78 -53.47
N LEU C 186 16.40 36.92 -52.92
CA LEU C 186 16.39 38.13 -53.70
C LEU C 186 17.48 38.14 -54.77
N VAL C 187 18.44 37.24 -54.68
CA VAL C 187 19.51 37.20 -55.69
C VAL C 187 19.38 35.99 -56.60
N ASP C 188 18.89 34.89 -56.05
CA ASP C 188 18.65 33.66 -56.82
C ASP C 188 17.15 33.36 -56.64
N PRO C 189 16.33 33.78 -57.61
CA PRO C 189 14.89 33.53 -57.52
C PRO C 189 14.42 32.08 -57.43
N THR C 190 15.26 31.15 -57.88
CA THR C 190 14.92 29.72 -57.85
C THR C 190 15.32 29.12 -56.53
N LYS C 191 16.34 29.67 -55.90
CA LYS C 191 16.76 29.16 -54.61
C LYS C 191 15.71 29.73 -53.66
N LYS C 192 15.65 29.23 -52.44
CA LYS C 192 14.68 29.73 -51.49
C LYS C 192 15.36 30.58 -50.41
N MET C 193 14.75 31.72 -50.08
CA MET C 193 15.31 32.65 -49.08
C MET C 193 15.60 31.98 -47.73
N SER C 194 16.83 32.17 -47.21
CA SER C 194 17.20 31.59 -45.92
C SER C 194 18.17 32.45 -45.09
N LYS C 195 18.11 32.29 -43.76
CA LYS C 195 18.98 33.02 -42.83
C LYS C 195 20.41 32.58 -43.06
N SER C 196 20.57 31.40 -43.66
CA SER C 196 21.88 30.86 -43.93
C SER C 196 22.37 31.05 -45.35
N ASP C 197 21.95 32.13 -46.00
CA ASP C 197 22.44 32.37 -47.35
C ASP C 197 23.72 33.19 -47.12
N PRO C 198 24.86 32.69 -47.62
CA PRO C 198 26.13 33.38 -47.46
C PRO C 198 26.14 34.76 -48.07
N ASN C 199 25.22 35.00 -48.99
CA ASN C 199 25.10 36.31 -49.64
C ASN C 199 23.96 37.10 -48.98
N PRO C 200 24.27 37.96 -47.99
CA PRO C 200 23.28 38.77 -47.26
C PRO C 200 22.26 39.57 -48.07
N LYS C 201 22.61 39.92 -49.31
CA LYS C 201 21.74 40.69 -50.21
C LYS C 201 20.57 39.81 -50.62
N ALA C 202 20.63 38.54 -50.22
CA ALA C 202 19.60 37.55 -50.56
C ALA C 202 18.34 37.60 -49.69
N TYR C 203 18.51 37.96 -48.43
CA TYR C 203 17.37 38.01 -47.54
C TYR C 203 17.16 39.34 -46.84
N ILE C 204 15.91 39.62 -46.48
CA ILE C 204 15.58 40.83 -45.76
C ILE C 204 15.19 40.32 -44.38
N THR C 205 15.92 40.76 -43.37
CA THR C 205 15.67 40.35 -42.01
C THR C 205 14.59 41.21 -41.39
N LEU C 206 13.88 40.67 -40.40
CA LEU C 206 12.86 41.46 -39.75
C LEU C 206 13.50 42.67 -39.09
N LEU C 207 14.79 42.56 -38.75
CA LEU C 207 15.47 43.65 -38.10
C LEU C 207 16.38 44.46 -39.02
N ASP C 208 16.10 44.55 -40.31
CA ASP C 208 16.94 45.36 -41.16
C ASP C 208 16.46 46.81 -41.08
N ASP C 209 17.39 47.75 -41.17
CA ASP C 209 17.01 49.16 -41.10
C ASP C 209 16.58 49.57 -42.49
N ALA C 210 15.79 50.63 -42.55
CA ALA C 210 15.27 51.14 -43.82
C ALA C 210 16.31 51.28 -44.93
N LYS C 211 17.47 51.83 -44.58
CA LYS C 211 18.54 52.04 -45.55
C LYS C 211 19.00 50.72 -46.17
N THR C 212 19.03 49.69 -45.34
CA THR C 212 19.44 48.37 -45.80
C THR C 212 18.37 47.78 -46.70
N ILE C 213 17.15 47.72 -46.18
CA ILE C 213 16.00 47.19 -46.90
C ILE C 213 15.95 47.84 -48.26
N GLU C 214 16.13 49.16 -48.26
CA GLU C 214 16.12 49.96 -49.47
C GLU C 214 17.21 49.47 -50.41
N LYS C 215 18.40 49.27 -49.86
CA LYS C 215 19.56 48.80 -50.61
C LYS C 215 19.30 47.43 -51.25
N LYS C 216 18.87 46.48 -50.42
CA LYS C 216 18.58 45.14 -50.87
C LYS C 216 17.53 45.07 -51.98
N ILE C 217 16.39 45.74 -51.80
CA ILE C 217 15.35 45.73 -52.82
C ILE C 217 15.86 46.24 -54.17
N LYS C 218 16.64 47.33 -54.17
CA LYS C 218 17.14 47.86 -55.45
C LYS C 218 18.14 46.90 -56.11
N SER C 219 18.63 45.95 -55.32
CA SER C 219 19.60 44.96 -55.77
C SER C 219 18.91 43.75 -56.40
N ALA C 220 17.85 43.27 -55.75
CA ALA C 220 17.05 42.12 -56.21
C ALA C 220 17.08 41.93 -57.73
N VAL C 221 17.21 40.69 -58.17
CA VAL C 221 17.23 40.46 -59.61
C VAL C 221 15.83 40.49 -60.21
N THR C 222 15.77 40.89 -61.46
CA THR C 222 14.54 40.97 -62.21
C THR C 222 14.81 40.34 -63.58
N ASP C 223 14.79 41.14 -64.63
CA ASP C 223 15.07 40.61 -65.94
C ASP C 223 15.20 41.74 -66.93
N SER C 224 15.23 41.41 -68.21
CA SER C 224 15.38 42.42 -69.24
C SER C 224 14.06 42.82 -69.88
N GLU C 225 13.00 42.05 -69.66
CA GLU C 225 11.75 42.40 -70.31
C GLU C 225 11.30 43.80 -69.86
N GLY C 226 11.27 44.04 -68.54
CA GLY C 226 10.85 45.33 -68.06
C GLY C 226 9.35 45.59 -68.13
N THR C 227 8.54 44.65 -67.63
CA THR C 227 7.08 44.80 -67.62
C THR C 227 6.59 43.97 -66.44
N ILE C 228 5.89 44.61 -65.51
CA ILE C 228 5.41 43.91 -64.31
C ILE C 228 4.32 42.84 -64.56
N ARG C 229 4.74 41.58 -64.70
CA ARG C 229 3.80 40.49 -64.97
C ARG C 229 4.22 39.22 -64.26
N TYR C 230 3.29 38.54 -63.59
CA TYR C 230 3.61 37.30 -62.86
C TYR C 230 3.82 36.11 -63.79
N ASP C 231 4.97 35.47 -63.65
CA ASP C 231 5.32 34.34 -64.49
C ASP C 231 6.44 33.60 -63.78
N LYS C 232 6.10 32.52 -63.07
CA LYS C 232 7.10 31.72 -62.36
C LYS C 232 8.35 31.41 -63.21
N GLU C 233 8.16 30.80 -64.37
CA GLU C 233 9.28 30.53 -65.26
C GLU C 233 9.34 31.84 -66.04
N ALA C 234 10.37 32.05 -66.84
CA ALA C 234 10.44 33.29 -67.62
C ALA C 234 10.68 34.59 -66.83
N LYS C 235 9.94 34.80 -65.74
CA LYS C 235 10.12 36.01 -64.93
C LYS C 235 10.03 35.67 -63.45
N PRO C 236 10.91 34.76 -62.99
CA PRO C 236 10.96 34.33 -61.59
C PRO C 236 11.27 35.40 -60.55
N GLY C 237 12.12 36.36 -60.92
CA GLY C 237 12.49 37.42 -59.99
C GLY C 237 11.33 38.34 -59.72
N ILE C 238 10.82 38.95 -60.79
CA ILE C 238 9.69 39.86 -60.70
C ILE C 238 8.54 39.18 -59.96
N SER C 239 8.37 37.88 -60.21
CA SER C 239 7.30 37.13 -59.57
C SER C 239 7.54 36.99 -58.09
N ASN C 240 8.80 36.89 -57.68
CA ASN C 240 9.06 36.74 -56.27
C ASN C 240 8.72 38.05 -55.59
N LEU C 241 9.02 39.14 -56.30
CA LEU C 241 8.76 40.49 -55.81
C LEU C 241 7.26 40.68 -55.62
N LEU C 242 6.51 40.46 -56.71
CA LEU C 242 5.05 40.55 -56.68
C LEU C 242 4.45 39.78 -55.50
N ASN C 243 5.01 38.64 -55.15
CA ASN C 243 4.46 37.90 -54.03
C ASN C 243 4.76 38.59 -52.71
N ILE C 244 5.90 39.27 -52.62
CA ILE C 244 6.28 39.94 -51.39
C ILE C 244 5.40 41.17 -51.20
N TYR C 245 5.23 41.87 -52.32
CA TYR C 245 4.41 43.06 -52.39
C TYR C 245 2.97 42.68 -52.00
N SER C 246 2.39 41.82 -52.84
CA SER C 246 1.03 41.32 -52.68
C SER C 246 0.70 40.86 -51.26
N THR C 247 1.45 39.92 -50.71
CA THR C 247 1.17 39.46 -49.35
C THR C 247 1.29 40.50 -48.23
N LEU C 248 2.24 41.41 -48.35
CA LEU C 248 2.39 42.41 -47.31
C LEU C 248 1.37 43.55 -47.46
N SER C 249 1.06 43.93 -48.69
CA SER C 249 0.12 45.02 -48.92
C SER C 249 -1.35 44.62 -48.99
N GLY C 250 -1.61 43.33 -49.15
CA GLY C 250 -2.98 42.88 -49.23
C GLY C 250 -3.55 42.94 -50.62
N GLN C 251 -2.96 43.72 -51.52
CA GLN C 251 -3.48 43.79 -52.89
C GLN C 251 -3.21 42.51 -53.67
N SER C 252 -4.04 42.20 -54.65
CA SER C 252 -3.86 40.99 -55.44
C SER C 252 -2.79 41.20 -56.50
N ILE C 253 -2.32 40.11 -57.08
CA ILE C 253 -1.31 40.18 -58.13
C ILE C 253 -1.91 40.81 -59.36
N GLU C 254 -3.14 40.40 -59.67
CA GLU C 254 -3.86 40.93 -60.82
C GLU C 254 -3.93 42.45 -60.67
N GLU C 255 -4.20 42.90 -59.44
CA GLU C 255 -4.31 44.31 -59.12
C GLU C 255 -2.99 45.01 -59.42
N LEU C 256 -1.93 44.54 -58.78
CA LEU C 256 -0.60 45.10 -58.96
C LEU C 256 -0.18 45.17 -60.42
N GLU C 257 -0.49 44.12 -61.18
CA GLU C 257 -0.12 44.12 -62.60
C GLU C 257 -0.83 45.21 -63.34
N ARG C 258 -2.12 45.36 -63.07
CA ARG C 258 -2.92 46.39 -63.70
C ARG C 258 -2.30 47.72 -63.29
N GLN C 259 -2.23 47.92 -61.98
CA GLN C 259 -1.67 49.11 -61.37
C GLN C 259 -0.32 49.58 -61.91
N TYR C 260 0.52 48.65 -62.36
CA TYR C 260 1.84 49.01 -62.90
C TYR C 260 1.94 48.88 -64.41
N GLU C 261 0.80 48.70 -65.07
CA GLU C 261 0.76 48.55 -66.52
C GLU C 261 2.01 48.98 -67.30
N GLY C 262 2.09 50.24 -67.70
CA GLY C 262 3.27 50.67 -68.45
C GLY C 262 4.44 51.19 -67.64
N LYS C 263 4.48 50.82 -66.35
CA LYS C 263 5.56 51.26 -65.47
C LYS C 263 6.73 50.26 -65.47
N GLY C 264 7.93 50.78 -65.23
CA GLY C 264 9.14 49.95 -65.21
C GLY C 264 9.48 49.45 -63.83
N TYR C 265 10.62 48.79 -63.69
CA TYR C 265 10.98 48.27 -62.38
C TYR C 265 11.44 49.35 -61.41
N GLY C 266 11.84 50.51 -61.95
CA GLY C 266 12.29 51.60 -61.12
C GLY C 266 11.27 51.97 -60.06
N VAL C 267 10.11 52.47 -60.48
CA VAL C 267 9.05 52.85 -59.54
C VAL C 267 8.55 51.66 -58.72
N PHE C 268 8.47 50.50 -59.37
CA PHE C 268 8.00 49.27 -58.74
C PHE C 268 8.84 48.93 -57.51
N LYS C 269 10.16 48.84 -57.71
CA LYS C 269 11.04 48.53 -56.59
C LYS C 269 10.90 49.62 -55.55
N ALA C 270 10.87 50.86 -56.02
CA ALA C 270 10.72 52.02 -55.14
C ALA C 270 9.49 51.89 -54.23
N ASP C 271 8.34 51.48 -54.79
CA ASP C 271 7.12 51.31 -53.99
C ASP C 271 7.26 50.14 -53.03
N LEU C 272 7.71 49.00 -53.55
CA LEU C 272 7.90 47.81 -52.74
C LEU C 272 8.78 48.09 -51.52
N ALA C 273 9.91 48.73 -51.76
CA ALA C 273 10.84 49.07 -50.69
C ALA C 273 10.11 49.81 -49.55
N GLN C 274 9.06 50.55 -49.89
CA GLN C 274 8.32 51.30 -48.89
C GLN C 274 7.32 50.49 -48.11
N VAL C 275 6.68 49.53 -48.77
CA VAL C 275 5.69 48.69 -48.10
C VAL C 275 6.36 47.77 -47.09
N VAL C 276 7.58 47.32 -47.42
CA VAL C 276 8.36 46.44 -46.54
C VAL C 276 8.75 47.21 -45.28
N ILE C 277 9.29 48.41 -45.51
CA ILE C 277 9.73 49.30 -44.43
C ILE C 277 8.56 49.68 -43.51
N GLU C 278 7.41 49.94 -44.12
CA GLU C 278 6.21 50.31 -43.37
C GLU C 278 5.76 49.16 -42.49
N THR C 279 5.89 47.96 -43.04
CA THR C 279 5.49 46.73 -42.36
C THR C 279 6.35 46.39 -41.15
N LEU C 280 7.65 46.53 -41.30
CA LEU C 280 8.56 46.16 -40.22
C LEU C 280 8.73 47.20 -39.12
N ARG C 281 8.56 48.46 -39.50
CA ARG C 281 8.73 49.56 -38.56
C ARG C 281 8.11 49.32 -37.15
N PRO C 282 6.80 48.96 -37.07
CA PRO C 282 6.18 48.72 -35.75
C PRO C 282 6.66 47.45 -35.05
N ILE C 283 7.10 46.47 -35.82
CA ILE C 283 7.62 45.24 -35.25
C ILE C 283 8.93 45.61 -34.56
N GLN C 284 9.82 46.30 -35.30
CA GLN C 284 11.11 46.69 -34.74
C GLN C 284 10.88 47.56 -33.52
N GLU C 285 9.92 48.47 -33.61
CA GLU C 285 9.61 49.36 -32.49
C GLU C 285 9.26 48.55 -31.26
N ARG C 286 8.35 47.61 -31.45
CA ARG C 286 7.92 46.77 -30.35
C ARG C 286 9.01 45.81 -29.87
N TYR C 287 9.83 45.33 -30.80
CA TYR C 287 10.92 44.41 -30.48
C TYR C 287 11.85 45.06 -29.46
N HIS C 288 12.14 46.34 -29.65
CA HIS C 288 13.01 47.06 -28.72
C HIS C 288 12.38 47.28 -27.35
N HIS C 289 11.10 47.62 -27.33
CA HIS C 289 10.40 47.83 -26.06
C HIS C 289 10.55 46.54 -25.27
N TRP C 290 10.31 45.42 -25.95
CA TRP C 290 10.41 44.12 -25.32
C TRP C 290 11.79 43.73 -24.82
N MET C 291 12.80 43.90 -25.64
CA MET C 291 14.17 43.58 -25.24
C MET C 291 14.53 44.16 -23.88
N GLU C 292 14.33 45.47 -23.75
CA GLU C 292 14.66 46.19 -22.53
C GLU C 292 13.62 46.01 -21.41
N SER C 293 12.42 45.59 -21.76
CA SER C 293 11.37 45.38 -20.77
C SER C 293 11.68 44.15 -19.92
N GLU C 294 11.45 44.26 -18.62
CA GLU C 294 11.69 43.14 -17.71
C GLU C 294 10.41 42.30 -17.65
N GLU C 295 9.45 42.66 -18.51
CA GLU C 295 8.21 41.92 -18.60
C GLU C 295 8.50 40.69 -19.44
N LEU C 296 9.41 40.82 -20.40
CA LEU C 296 9.79 39.70 -21.28
C LEU C 296 10.14 38.46 -20.44
N ASP C 297 10.93 38.68 -19.39
CA ASP C 297 11.32 37.57 -18.52
C ASP C 297 10.16 37.11 -17.68
N ARG C 298 9.26 38.02 -17.37
CA ARG C 298 8.08 37.67 -16.60
C ARG C 298 7.18 36.79 -17.48
N VAL C 299 7.18 37.09 -18.78
CA VAL C 299 6.41 36.36 -19.78
C VAL C 299 6.94 34.95 -19.94
N LEU C 300 8.28 34.84 -19.98
CA LEU C 300 8.96 33.57 -20.14
C LEU C 300 8.79 32.68 -18.91
N ASP C 301 8.69 33.29 -17.74
CA ASP C 301 8.51 32.52 -16.51
C ASP C 301 7.12 31.91 -16.47
N GLU C 302 6.15 32.67 -16.95
CA GLU C 302 4.75 32.23 -16.99
C GLU C 302 4.70 31.09 -18.00
N GLY C 303 5.39 31.25 -19.12
CA GLY C 303 5.41 30.21 -20.13
C GLY C 303 5.96 28.91 -19.55
N ALA C 304 7.15 28.96 -18.95
CA ALA C 304 7.77 27.79 -18.33
C ALA C 304 6.81 27.13 -17.37
N GLU C 305 6.28 27.92 -16.45
CA GLU C 305 5.34 27.45 -15.45
C GLU C 305 4.13 26.73 -16.06
N LYS C 306 3.54 27.33 -17.09
CA LYS C 306 2.39 26.72 -17.76
C LYS C 306 2.76 25.38 -18.43
N ALA C 307 3.71 25.43 -19.36
CA ALA C 307 4.15 24.24 -20.08
C ALA C 307 4.61 23.12 -19.17
N ASN C 308 5.29 23.48 -18.08
CA ASN C 308 5.77 22.46 -17.17
C ASN C 308 4.64 21.71 -16.52
N ARG C 309 3.50 22.36 -16.35
CA ARG C 309 2.33 21.72 -15.70
C ARG C 309 1.83 20.57 -16.53
N VAL C 310 1.74 20.78 -17.83
CA VAL C 310 1.29 19.74 -18.74
C VAL C 310 2.36 18.64 -18.78
N ALA C 311 3.55 18.98 -19.28
CA ALA C 311 4.68 18.05 -19.41
C ALA C 311 4.96 17.16 -18.19
N SER C 312 5.05 17.75 -17.02
CA SER C 312 5.30 16.96 -15.81
C SER C 312 4.33 15.81 -15.75
N GLU C 313 3.06 16.13 -15.92
CA GLU C 313 2.01 15.15 -15.90
C GLU C 313 2.29 14.03 -16.89
N MET C 314 2.56 14.40 -18.13
CA MET C 314 2.79 13.41 -19.17
C MET C 314 3.96 12.48 -18.89
N VAL C 315 5.01 13.02 -18.27
CA VAL C 315 6.19 12.25 -17.93
C VAL C 315 5.88 11.36 -16.73
N ARG C 316 5.06 11.87 -15.83
CA ARG C 316 4.70 11.11 -14.65
C ARG C 316 3.94 9.85 -15.11
N LYS C 317 3.21 9.99 -16.21
CA LYS C 317 2.41 8.90 -16.79
C LYS C 317 3.30 7.97 -17.61
N MET C 318 4.30 8.54 -18.28
CA MET C 318 5.26 7.78 -19.09
C MET C 318 6.12 6.87 -18.24
N GLU C 319 6.57 7.36 -17.09
CA GLU C 319 7.40 6.55 -16.21
C GLU C 319 6.55 5.42 -15.71
N GLN C 320 5.33 5.78 -15.33
CA GLN C 320 4.31 4.88 -14.81
C GLN C 320 4.24 3.62 -15.68
N ALA C 321 4.04 3.83 -16.98
CA ALA C 321 3.95 2.75 -17.96
C ALA C 321 5.23 1.93 -18.04
N MET C 322 6.37 2.62 -18.19
CA MET C 322 7.67 1.96 -18.31
C MET C 322 8.19 1.26 -17.04
N GLY C 323 7.54 1.49 -15.90
CA GLY C 323 8.01 0.84 -14.71
C GLY C 323 9.15 1.52 -13.97
N LEU C 324 9.36 2.81 -14.23
CA LEU C 324 10.40 3.57 -13.57
C LEU C 324 9.99 4.08 -12.19
N GLY C 325 10.98 4.24 -11.33
CA GLY C 325 10.74 4.77 -9.99
C GLY C 325 9.91 4.00 -8.98
N ARG C 326 8.85 4.65 -8.52
CA ARG C 326 7.95 4.12 -7.50
C ARG C 326 6.43 4.37 -7.75
N MET D 1 28.05 -10.59 55.42
CA MET D 1 29.22 -9.72 55.70
C MET D 1 28.80 -8.25 55.50
N LYS D 2 29.73 -7.31 55.66
CA LYS D 2 29.44 -5.89 55.44
C LYS D 2 29.32 -5.63 53.92
N THR D 3 28.55 -4.63 53.53
CA THR D 3 28.39 -4.33 52.10
C THR D 3 29.18 -3.12 51.62
N ILE D 4 29.71 -3.20 50.42
CA ILE D 4 30.47 -2.09 49.87
C ILE D 4 29.84 -1.70 48.56
N PHE D 5 29.54 -0.41 48.40
CA PHE D 5 28.93 0.03 47.16
C PHE D 5 29.88 0.99 46.46
N SER D 6 30.06 0.78 45.16
CA SER D 6 30.95 1.60 44.34
C SER D 6 30.31 1.88 42.98
N GLY D 7 30.09 3.16 42.70
CA GLY D 7 29.51 3.58 41.44
C GLY D 7 30.66 3.98 40.52
N ILE D 8 30.64 3.49 39.29
CA ILE D 8 31.69 3.77 38.33
C ILE D 8 31.16 4.55 37.12
N GLN D 9 31.71 5.72 36.87
CA GLN D 9 31.28 6.49 35.73
C GLN D 9 31.75 5.78 34.48
N PRO D 10 30.88 5.63 33.48
CA PRO D 10 31.32 4.97 32.25
C PRO D 10 32.22 5.89 31.44
N SER D 11 33.47 5.47 31.25
CA SER D 11 34.44 6.26 30.47
C SER D 11 35.38 5.36 29.68
N GLY D 12 35.47 4.08 30.06
CA GLY D 12 36.33 3.15 29.36
C GLY D 12 37.82 3.44 29.42
N VAL D 13 38.23 4.38 30.27
CA VAL D 13 39.65 4.72 30.39
C VAL D 13 40.12 4.95 31.83
N ILE D 14 40.36 3.87 32.56
CA ILE D 14 40.84 4.03 33.94
C ILE D 14 42.37 3.95 33.97
N THR D 15 42.99 4.86 34.72
CA THR D 15 44.45 4.92 34.80
C THR D 15 45.11 3.97 35.79
N ILE D 16 46.40 3.74 35.54
CA ILE D 16 47.22 2.88 36.38
C ILE D 16 47.17 3.39 37.83
N GLY D 17 46.78 4.66 38.00
CA GLY D 17 46.67 5.22 39.33
C GLY D 17 45.39 4.73 39.97
N ASN D 18 44.28 4.72 39.20
CA ASN D 18 43.01 4.25 39.75
C ASN D 18 43.22 2.81 40.14
N TYR D 19 43.80 2.06 39.21
CA TYR D 19 44.09 0.64 39.40
C TYR D 19 44.86 0.37 40.69
N ILE D 20 45.99 1.05 40.86
CA ILE D 20 46.82 0.86 42.06
C ILE D 20 46.09 1.27 43.34
N GLY D 21 45.45 2.44 43.32
CA GLY D 21 44.74 2.95 44.48
C GLY D 21 43.49 2.26 44.97
N ALA D 22 42.65 1.79 44.06
CA ALA D 22 41.41 1.11 44.45
C ALA D 22 41.20 -0.27 43.85
N LEU D 23 40.98 -0.31 42.53
CA LEU D 23 40.71 -1.56 41.80
C LEU D 23 41.49 -2.79 42.27
N ARG D 24 42.81 -2.66 42.35
CA ARG D 24 43.62 -3.80 42.76
C ARG D 24 43.13 -4.41 44.07
N GLN D 25 42.96 -3.55 45.08
CA GLN D 25 42.51 -3.96 46.42
C GLN D 25 41.19 -4.74 46.46
N PHE D 26 40.34 -4.52 45.48
CA PHE D 26 39.05 -5.20 45.44
C PHE D 26 39.12 -6.66 45.02
N VAL D 27 40.04 -6.99 44.12
CA VAL D 27 40.17 -8.39 43.67
C VAL D 27 40.33 -9.26 44.91
N GLU D 28 40.91 -8.67 45.96
CA GLU D 28 41.11 -9.36 47.22
C GLU D 28 39.84 -9.20 48.05
N LEU D 29 39.54 -7.96 48.44
CA LEU D 29 38.36 -7.66 49.27
C LEU D 29 37.03 -8.28 48.87
N GLN D 30 36.85 -8.52 47.57
CA GLN D 30 35.60 -9.08 47.10
C GLN D 30 35.25 -10.44 47.70
N HIS D 31 36.18 -11.05 48.42
CA HIS D 31 35.89 -12.35 49.00
C HIS D 31 35.41 -12.28 50.43
N GLU D 32 35.67 -11.17 51.09
CA GLU D 32 35.22 -11.05 52.47
C GLU D 32 33.94 -10.21 52.51
N TYR D 33 33.99 -9.04 51.87
CA TYR D 33 32.84 -8.15 51.84
C TYR D 33 31.87 -8.49 50.72
N ASN D 34 30.65 -7.98 50.82
CA ASN D 34 29.64 -8.15 49.81
C ASN D 34 29.83 -6.89 48.94
N CYS D 35 30.17 -7.07 47.67
CA CYS D 35 30.42 -5.91 46.81
C CYS D 35 29.51 -5.71 45.62
N TYR D 36 29.15 -4.45 45.40
CA TYR D 36 28.30 -4.09 44.29
C TYR D 36 29.15 -3.12 43.46
N PHE D 37 29.24 -3.36 42.16
CA PHE D 37 29.99 -2.47 41.29
C PHE D 37 28.94 -1.98 40.31
N CYS D 38 28.52 -0.74 40.51
CA CYS D 38 27.50 -0.20 39.65
C CYS D 38 28.00 0.77 38.60
N ILE D 39 27.76 0.42 37.34
CA ILE D 39 28.15 1.29 36.24
C ILE D 39 27.06 2.35 36.07
N VAL D 40 27.18 3.40 36.87
CA VAL D 40 26.20 4.50 36.90
C VAL D 40 25.96 5.24 35.59
N ASP D 41 25.36 4.57 34.62
CA ASP D 41 25.08 5.20 33.33
C ASP D 41 24.00 6.30 33.38
N GLN D 42 23.16 6.28 34.41
CA GLN D 42 22.13 7.30 34.53
C GLN D 42 22.80 8.60 34.97
N HIS D 43 23.82 8.48 35.80
CA HIS D 43 24.55 9.65 36.25
C HIS D 43 25.36 10.26 35.10
N ALA D 44 25.96 9.41 34.26
CA ALA D 44 26.76 9.89 33.15
C ALA D 44 25.98 10.72 32.17
N ILE D 45 24.66 10.69 32.27
CA ILE D 45 23.82 11.41 31.33
C ILE D 45 23.46 12.83 31.76
N THR D 46 23.95 13.28 32.93
CA THR D 46 23.67 14.65 33.39
C THR D 46 24.49 15.65 32.59
N VAL D 47 25.41 15.15 31.77
CA VAL D 47 26.23 16.00 30.91
C VAL D 47 26.12 15.47 29.48
N TRP D 48 26.44 16.32 28.51
CA TRP D 48 26.35 15.89 27.13
C TRP D 48 27.03 14.54 26.92
N GLN D 49 26.31 13.67 26.25
CA GLN D 49 26.82 12.34 25.94
C GLN D 49 26.47 12.00 24.50
N ASP D 50 27.29 11.18 23.88
CA ASP D 50 27.00 10.74 22.54
C ASP D 50 26.51 9.34 22.84
N PRO D 51 25.34 8.96 22.30
CA PRO D 51 24.76 7.64 22.52
C PRO D 51 25.67 6.46 22.25
N HIS D 52 26.35 6.46 21.11
CA HIS D 52 27.26 5.37 20.76
C HIS D 52 28.38 5.25 21.79
N GLU D 53 29.08 6.34 22.05
CA GLU D 53 30.17 6.31 23.03
C GLU D 53 29.74 5.73 24.36
N LEU D 54 28.71 6.34 24.95
CA LEU D 54 28.21 5.89 26.24
C LEU D 54 27.83 4.41 26.21
N ARG D 55 27.17 4.01 25.13
CA ARG D 55 26.74 2.63 24.97
C ARG D 55 27.98 1.77 24.98
N GLN D 56 29.03 2.26 24.33
CA GLN D 56 30.29 1.53 24.21
C GLN D 56 31.10 1.45 25.50
N ASN D 57 31.36 2.61 26.09
CA ASN D 57 32.12 2.71 27.33
C ASN D 57 31.53 1.86 28.45
N ILE D 58 30.23 1.59 28.39
CA ILE D 58 29.60 0.80 29.45
C ILE D 58 30.11 -0.63 29.35
N ARG D 59 30.21 -1.14 28.12
CA ARG D 59 30.73 -2.50 27.93
C ARG D 59 32.20 -2.49 28.31
N ARG D 60 32.98 -1.64 27.66
CA ARG D 60 34.41 -1.52 27.90
C ARG D 60 34.77 -1.59 29.38
N LEU D 61 34.02 -0.85 30.18
CA LEU D 61 34.29 -0.79 31.61
C LEU D 61 33.87 -2.06 32.35
N ALA D 62 32.80 -2.69 31.87
CA ALA D 62 32.35 -3.93 32.51
C ALA D 62 33.46 -4.93 32.23
N ALA D 63 33.85 -4.99 30.97
CA ALA D 63 34.91 -5.88 30.51
C ALA D 63 36.11 -5.67 31.43
N LEU D 64 36.63 -4.43 31.44
CA LEU D 64 37.77 -4.06 32.26
C LEU D 64 37.71 -4.55 33.71
N TYR D 65 36.59 -4.31 34.39
CA TYR D 65 36.48 -4.74 35.77
C TYR D 65 36.62 -6.24 35.94
N LEU D 66 36.09 -6.99 34.98
CA LEU D 66 36.19 -8.44 35.04
C LEU D 66 37.65 -8.80 34.76
N ALA D 67 38.21 -8.20 33.73
CA ALA D 67 39.61 -8.42 33.35
C ALA D 67 40.53 -8.23 34.57
N VAL D 68 40.40 -7.10 35.27
CA VAL D 68 41.23 -6.83 36.45
C VAL D 68 41.03 -7.92 37.50
N GLY D 69 39.90 -8.63 37.44
CA GLY D 69 39.70 -9.70 38.41
C GLY D 69 38.46 -9.67 39.30
N ILE D 70 37.39 -9.05 38.85
CA ILE D 70 36.20 -9.05 39.69
C ILE D 70 35.47 -10.36 39.41
N ASP D 71 35.29 -11.17 40.44
CA ASP D 71 34.60 -12.46 40.25
C ASP D 71 33.09 -12.28 40.37
N PRO D 72 32.39 -12.31 39.22
CA PRO D 72 30.95 -12.13 39.22
C PRO D 72 30.15 -13.11 40.08
N THR D 73 30.74 -14.21 40.51
CA THR D 73 29.98 -15.12 41.36
C THR D 73 30.19 -14.67 42.78
N GLN D 74 31.22 -13.88 42.97
CA GLN D 74 31.52 -13.41 44.30
C GLN D 74 30.90 -12.04 44.55
N ALA D 75 31.03 -11.14 43.57
CA ALA D 75 30.52 -9.78 43.66
C ALA D 75 29.44 -9.53 42.63
N THR D 76 28.70 -8.44 42.80
CA THR D 76 27.65 -8.11 41.86
C THR D 76 28.11 -6.95 41.02
N LEU D 77 28.01 -7.10 39.70
CA LEU D 77 28.41 -6.05 38.76
C LEU D 77 27.23 -5.78 37.83
N PHE D 78 26.63 -4.60 37.95
CA PHE D 78 25.49 -4.28 37.11
C PHE D 78 25.48 -2.88 36.53
N ILE D 79 24.62 -2.67 35.55
CA ILE D 79 24.45 -1.37 34.98
C ILE D 79 23.35 -0.67 35.79
N GLN D 80 23.48 0.64 35.98
CA GLN D 80 22.49 1.36 36.77
C GLN D 80 21.08 1.39 36.18
N SER D 81 20.94 1.87 34.95
CA SER D 81 19.64 1.96 34.31
C SER D 81 18.79 0.68 34.28
N GLU D 82 19.44 -0.48 34.38
CA GLU D 82 18.73 -1.77 34.33
C GLU D 82 18.07 -2.19 35.64
N VAL D 83 18.17 -1.34 36.67
CA VAL D 83 17.55 -1.61 37.97
C VAL D 83 16.73 -0.35 38.27
N PRO D 84 15.45 -0.35 37.85
CA PRO D 84 14.51 0.77 38.04
C PRO D 84 14.41 1.32 39.44
N ALA D 85 14.64 0.48 40.44
CA ALA D 85 14.56 0.95 41.81
C ALA D 85 15.48 2.13 42.07
N HIS D 86 16.47 2.36 41.19
CA HIS D 86 17.36 3.51 41.40
C HIS D 86 16.63 4.83 41.16
N ALA D 87 15.97 4.94 40.02
CA ALA D 87 15.21 6.14 39.71
C ALA D 87 14.08 6.29 40.71
N GLN D 88 13.38 5.21 40.97
CA GLN D 88 12.25 5.26 41.90
C GLN D 88 12.64 5.79 43.26
N ALA D 89 13.76 5.31 43.77
CA ALA D 89 14.21 5.74 45.09
C ALA D 89 14.82 7.12 45.01
N ALA D 90 15.22 7.52 43.82
CA ALA D 90 15.84 8.84 43.64
C ALA D 90 14.77 9.90 43.87
N TRP D 91 13.58 9.65 43.31
CA TRP D 91 12.45 10.58 43.42
C TRP D 91 12.00 10.76 44.85
N MET D 92 11.82 9.67 45.57
CA MET D 92 11.38 9.78 46.94
C MET D 92 12.37 10.56 47.80
N LEU D 93 13.64 10.46 47.45
CA LEU D 93 14.68 11.14 48.20
C LEU D 93 14.72 12.63 47.81
N GLN D 94 14.45 12.94 46.55
CA GLN D 94 14.40 14.34 46.13
C GLN D 94 13.32 15.03 46.95
N CYS D 95 12.34 14.27 47.40
CA CYS D 95 11.27 14.88 48.17
C CYS D 95 11.58 15.18 49.63
N ILE D 96 12.60 14.57 50.21
CA ILE D 96 12.93 14.87 51.61
C ILE D 96 14.20 15.70 51.72
N VAL D 97 14.76 16.08 50.58
CA VAL D 97 15.96 16.89 50.55
C VAL D 97 15.54 18.32 50.20
N TYR D 98 16.09 19.31 50.91
CA TYR D 98 15.75 20.70 50.63
C TYR D 98 16.66 21.27 49.54
N ILE D 99 16.11 22.20 48.74
CA ILE D 99 16.85 22.80 47.64
C ILE D 99 18.14 23.46 48.08
N GLY D 100 18.16 23.95 49.32
CA GLY D 100 19.35 24.58 49.85
C GLY D 100 20.49 23.56 49.86
N GLU D 101 20.26 22.43 50.53
CA GLU D 101 21.27 21.39 50.61
C GLU D 101 21.93 21.12 49.26
N LEU D 102 21.14 21.11 48.20
CA LEU D 102 21.67 20.84 46.86
C LEU D 102 22.46 22.00 46.28
N GLU D 103 22.09 23.23 46.61
CA GLU D 103 22.80 24.40 46.11
C GLU D 103 24.13 24.58 46.83
N ARG D 104 24.11 24.44 48.15
CA ARG D 104 25.33 24.57 48.93
C ARG D 104 26.16 23.30 48.77
N MET D 105 26.08 22.71 47.58
CA MET D 105 26.82 21.49 47.26
C MET D 105 28.08 21.92 46.50
N THR D 106 29.22 21.83 47.17
CA THR D 106 30.51 22.23 46.59
C THR D 106 30.90 21.40 45.38
N GLN D 107 30.20 21.58 44.27
CA GLN D 107 30.50 20.83 43.05
C GLN D 107 29.59 21.44 42.00
N PHE D 108 28.54 22.08 42.49
CA PHE D 108 27.55 22.73 41.66
C PHE D 108 28.23 24.01 41.11
N LYS D 109 29.53 24.14 41.36
CA LYS D 109 30.26 25.29 40.88
C LYS D 109 30.23 25.35 39.37
N GLU D 110 29.82 24.24 38.76
CA GLU D 110 29.72 24.13 37.31
C GLU D 110 28.59 25.05 36.81
N LYS D 111 28.02 25.84 37.71
CA LYS D 111 26.95 26.75 37.34
C LYS D 111 27.49 27.95 36.58
N SER D 112 28.81 27.94 36.40
CA SER D 112 29.51 28.98 35.66
C SER D 112 29.08 30.43 35.74
N ALA D 113 29.25 31.05 36.91
CA ALA D 113 28.92 32.47 37.12
C ALA D 113 27.53 32.87 36.65
N GLY D 114 26.64 31.89 36.48
CA GLY D 114 25.30 32.17 36.02
C GLY D 114 25.03 31.68 34.60
N LYS D 115 25.80 30.67 34.16
CA LYS D 115 25.65 30.10 32.81
C LYS D 115 24.18 29.74 32.58
N GLU D 116 23.48 29.46 33.68
CA GLU D 116 22.05 29.11 33.69
C GLU D 116 21.61 27.90 32.87
N ALA D 117 22.22 27.69 31.71
CA ALA D 117 21.88 26.57 30.84
C ALA D 117 22.59 25.26 31.22
N VAL D 118 22.29 24.76 32.41
CA VAL D 118 22.84 23.52 32.93
C VAL D 118 21.67 22.57 33.17
N SER D 119 21.87 21.28 32.87
CA SER D 119 20.84 20.26 33.07
C SER D 119 20.41 20.24 34.52
N ALA D 120 19.11 20.29 34.79
CA ALA D 120 18.65 20.24 36.18
C ALA D 120 19.20 18.99 36.85
N GLY D 121 19.47 17.96 36.03
CA GLY D 121 20.00 16.71 36.56
C GLY D 121 21.31 16.92 37.28
N LEU D 122 22.03 17.95 36.85
CA LEU D 122 23.29 18.34 37.44
C LEU D 122 23.02 18.76 38.88
N LEU D 123 22.00 19.57 39.09
CA LEU D 123 21.69 20.01 40.44
C LEU D 123 21.09 18.88 41.27
N THR D 124 20.51 17.90 40.59
CA THR D 124 19.85 16.79 41.27
C THR D 124 20.50 15.41 41.30
N TYR D 125 21.70 15.25 40.75
CA TYR D 125 22.27 13.92 40.81
C TYR D 125 22.64 13.48 42.24
N PRO D 126 22.76 14.42 43.21
CA PRO D 126 23.09 13.94 44.55
C PRO D 126 22.06 12.97 45.14
N PRO D 127 20.76 13.24 44.99
CA PRO D 127 19.73 12.35 45.53
C PRO D 127 19.77 10.96 44.84
N LEU D 128 20.14 10.95 43.57
CA LEU D 128 20.25 9.70 42.85
C LEU D 128 21.42 8.89 43.47
N MET D 129 22.53 9.57 43.72
CA MET D 129 23.73 8.98 44.32
C MET D 129 23.39 8.45 45.72
N ALA D 130 22.50 9.14 46.42
CA ALA D 130 22.10 8.68 47.73
C ALA D 130 21.29 7.39 47.50
N ALA D 131 20.45 7.38 46.46
CA ALA D 131 19.64 6.19 46.15
C ALA D 131 20.56 5.00 45.99
N ASP D 132 21.42 5.12 44.98
CA ASP D 132 22.42 4.10 44.64
C ASP D 132 22.99 3.41 45.88
N ILE D 133 23.51 4.22 46.80
CA ILE D 133 24.12 3.70 48.02
C ILE D 133 23.17 3.09 49.02
N LEU D 134 22.10 3.82 49.34
CA LEU D 134 21.10 3.41 50.32
C LEU D 134 20.22 2.20 50.03
N LEU D 135 19.92 1.98 48.76
CA LEU D 135 19.09 0.85 48.35
C LEU D 135 19.65 -0.52 48.73
N TYR D 136 20.98 -0.60 48.88
CA TYR D 136 21.61 -1.86 49.21
C TYR D 136 22.14 -2.03 50.63
N ASN D 137 21.72 -1.17 51.53
CA ASN D 137 22.14 -1.19 52.92
C ASN D 137 23.65 -1.15 53.11
N THR D 138 24.36 -0.64 52.11
CA THR D 138 25.81 -0.57 52.16
C THR D 138 26.36 0.16 53.38
N ASP D 139 27.41 -0.43 53.94
CA ASP D 139 28.11 0.06 55.12
C ASP D 139 29.29 0.95 54.73
N ILE D 140 30.00 0.57 53.67
CA ILE D 140 31.17 1.31 53.23
C ILE D 140 31.10 1.68 51.76
N VAL D 141 31.51 2.90 51.46
CA VAL D 141 31.53 3.39 50.10
C VAL D 141 32.96 3.90 49.90
N PRO D 142 33.74 3.25 49.01
CA PRO D 142 35.12 3.72 48.77
C PRO D 142 35.20 4.94 47.87
N VAL D 143 35.09 6.13 48.45
CA VAL D 143 35.19 7.34 47.65
C VAL D 143 36.44 8.10 48.07
N GLY D 144 36.96 8.91 47.14
CA GLY D 144 38.15 9.69 47.42
C GLY D 144 37.84 10.91 48.25
N GLU D 145 38.83 11.78 48.44
CA GLU D 145 38.65 13.00 49.22
C GLU D 145 37.58 13.88 48.55
N ASP D 146 37.53 13.80 47.22
CA ASP D 146 36.60 14.56 46.39
C ASP D 146 35.11 14.35 46.64
N GLN D 147 34.69 13.10 46.77
CA GLN D 147 33.28 12.79 46.97
C GLN D 147 32.74 12.92 48.39
N LYS D 148 33.63 12.96 49.38
CA LYS D 148 33.22 13.04 50.78
C LYS D 148 31.92 13.81 50.99
N GLN D 149 31.85 14.97 50.38
CA GLN D 149 30.70 15.86 50.48
C GLN D 149 29.37 15.19 50.19
N HIS D 150 29.33 14.37 49.17
CA HIS D 150 28.11 13.68 48.80
C HIS D 150 27.74 12.61 49.80
N ILE D 151 28.74 11.96 50.38
CA ILE D 151 28.48 10.92 51.36
C ILE D 151 27.83 11.55 52.58
N GLU D 152 28.21 12.80 52.85
CA GLU D 152 27.67 13.53 53.99
C GLU D 152 26.18 13.76 53.80
N LEU D 153 25.79 14.14 52.59
CA LEU D 153 24.39 14.38 52.29
C LEU D 153 23.58 13.10 52.44
N THR D 154 24.03 12.03 51.79
CA THR D 154 23.32 10.75 51.89
C THR D 154 23.24 10.27 53.35
N ARG D 155 24.27 10.57 54.14
CA ARG D 155 24.23 10.18 55.55
C ARG D 155 23.09 10.96 56.15
N ASP D 156 22.97 12.20 55.72
CA ASP D 156 21.92 13.08 56.20
C ASP D 156 20.55 12.58 55.79
N LEU D 157 20.34 12.40 54.48
CA LEU D 157 19.06 11.93 53.99
C LEU D 157 18.63 10.65 54.70
N ALA D 158 19.55 9.69 54.77
CA ALA D 158 19.29 8.44 55.44
C ALA D 158 18.81 8.70 56.86
N GLU D 159 19.50 9.57 57.59
CA GLU D 159 19.12 9.85 58.96
C GLU D 159 17.74 10.50 59.05
N ARG D 160 17.49 11.44 58.15
CA ARG D 160 16.22 12.15 58.09
C ARG D 160 15.07 11.17 57.84
N PHE D 161 15.21 10.35 56.80
CA PHE D 161 14.18 9.38 56.47
C PHE D 161 13.90 8.42 57.62
N ASN D 162 14.95 7.92 58.26
CA ASN D 162 14.78 6.99 59.38
C ASN D 162 13.97 7.59 60.52
N LYS D 163 14.20 8.87 60.81
CA LYS D 163 13.49 9.53 61.89
C LYS D 163 12.03 9.74 61.60
N ARG D 164 11.73 10.15 60.36
CA ARG D 164 10.35 10.36 59.95
C ARG D 164 9.59 9.05 59.83
N TYR D 165 10.12 8.14 59.04
CA TYR D 165 9.43 6.88 58.84
C TYR D 165 9.86 5.64 59.62
N GLY D 166 11.00 5.71 60.29
CA GLY D 166 11.47 4.56 61.05
C GLY D 166 12.74 3.94 60.47
N GLU D 167 13.49 3.25 61.32
CA GLU D 167 14.75 2.60 60.93
C GLU D 167 14.58 1.76 59.66
N LEU D 168 15.22 2.19 58.59
CA LEU D 168 15.12 1.47 57.33
C LEU D 168 16.48 1.44 56.62
N PHE D 169 17.22 2.53 56.72
CA PHE D 169 18.53 2.71 56.07
C PHE D 169 19.77 2.61 56.96
N THR D 170 20.86 2.14 56.38
CA THR D 170 22.11 2.03 57.11
C THR D 170 22.80 3.34 56.81
N ILE D 171 23.33 4.01 57.83
CA ILE D 171 24.03 5.26 57.57
C ILE D 171 25.44 4.85 57.11
N PRO D 172 25.72 4.92 55.80
CA PRO D 172 27.03 4.56 55.24
C PRO D 172 28.21 5.33 55.79
N GLU D 173 29.40 4.90 55.41
CA GLU D 173 30.67 5.52 55.83
C GLU D 173 31.58 5.51 54.63
N ALA D 174 32.29 6.62 54.43
CA ALA D 174 33.19 6.71 53.30
C ALA D 174 34.59 6.29 53.69
N ARG D 175 34.96 5.06 53.32
CA ARG D 175 36.26 4.52 53.66
C ARG D 175 37.23 4.54 52.49
N ILE D 176 38.24 5.39 52.61
CA ILE D 176 39.29 5.62 51.59
C ILE D 176 40.20 4.39 51.33
N PRO D 177 40.99 4.43 50.24
CA PRO D 177 41.93 3.38 49.82
C PRO D 177 43.06 3.28 50.85
N LYS D 178 43.92 2.28 50.71
CA LYS D 178 45.03 2.13 51.66
C LYS D 178 46.11 3.17 51.35
N VAL D 179 46.37 4.04 52.35
CA VAL D 179 47.35 5.14 52.24
C VAL D 179 48.83 4.81 52.15
N GLY D 180 49.50 5.58 51.31
CA GLY D 180 50.93 5.45 51.07
C GLY D 180 51.14 5.62 49.58
N ALA D 181 50.34 4.87 48.81
CA ALA D 181 50.43 4.91 47.37
C ALA D 181 49.46 5.88 46.71
N ARG D 182 49.91 7.12 46.59
CA ARG D 182 49.18 8.20 45.94
C ARG D 182 50.00 8.38 44.66
N ILE D 183 49.48 7.93 43.54
CA ILE D 183 50.22 8.02 42.30
C ILE D 183 50.05 9.38 41.58
N MET D 184 51.10 10.20 41.64
CA MET D 184 51.10 11.51 41.00
C MET D 184 51.20 11.34 39.50
N SER D 185 51.12 12.45 38.77
CA SER D 185 51.20 12.39 37.33
C SER D 185 52.65 12.24 36.85
N LEU D 186 52.79 11.72 35.64
CA LEU D 186 54.09 11.52 35.07
C LEU D 186 54.73 12.83 34.65
N VAL D 187 53.93 13.86 34.40
CA VAL D 187 54.48 15.15 33.96
C VAL D 187 54.60 16.23 35.04
N ASP D 188 53.74 16.17 36.05
CA ASP D 188 53.73 17.14 37.13
C ASP D 188 53.55 16.29 38.37
N PRO D 189 54.64 16.00 39.08
CA PRO D 189 54.68 15.18 40.31
C PRO D 189 54.00 15.73 41.56
N THR D 190 53.31 16.85 41.44
CA THR D 190 52.60 17.43 42.60
C THR D 190 51.12 17.33 42.30
N LYS D 191 50.83 17.11 41.03
CA LYS D 191 49.49 16.95 40.53
C LYS D 191 49.19 15.45 40.66
N LYS D 192 47.92 15.09 40.81
CA LYS D 192 47.54 13.70 40.93
C LYS D 192 47.25 13.16 39.54
N MET D 193 47.52 11.88 39.30
CA MET D 193 47.29 11.28 37.98
C MET D 193 45.79 11.11 37.75
N SER D 194 45.29 11.62 36.63
CA SER D 194 43.88 11.53 36.30
C SER D 194 43.62 11.40 34.81
N LYS D 195 42.53 10.70 34.48
CA LYS D 195 42.06 10.45 33.12
C LYS D 195 41.64 11.81 32.52
N SER D 196 41.43 12.78 33.40
CA SER D 196 41.01 14.12 33.03
C SER D 196 42.16 15.12 32.85
N ASP D 197 43.37 14.63 32.69
CA ASP D 197 44.50 15.51 32.52
C ASP D 197 44.58 15.84 31.04
N PRO D 198 44.78 17.12 30.70
CA PRO D 198 44.87 17.43 29.27
C PRO D 198 46.11 16.86 28.56
N ASN D 199 47.17 16.51 29.30
CA ASN D 199 48.36 15.93 28.64
C ASN D 199 48.31 14.41 28.78
N PRO D 200 48.19 13.68 27.65
CA PRO D 200 48.13 12.22 27.65
C PRO D 200 49.28 11.54 28.38
N LYS D 201 50.46 12.16 28.33
CA LYS D 201 51.68 11.64 28.95
C LYS D 201 51.75 11.84 30.46
N ALA D 202 50.62 12.23 31.05
CA ALA D 202 50.58 12.43 32.50
C ALA D 202 50.06 11.15 33.14
N TYR D 203 49.48 10.27 32.34
CA TYR D 203 48.92 9.04 32.86
C TYR D 203 49.08 7.89 31.89
N ILE D 204 48.90 6.68 32.41
CA ILE D 204 48.96 5.46 31.62
C ILE D 204 47.61 4.76 31.83
N THR D 205 46.98 4.42 30.71
CA THR D 205 45.69 3.76 30.67
C THR D 205 45.90 2.26 30.74
N LEU D 206 45.02 1.55 31.45
CA LEU D 206 45.16 0.12 31.56
C LEU D 206 45.29 -0.54 30.19
N LEU D 207 44.91 0.17 29.14
CA LEU D 207 45.00 -0.44 27.82
C LEU D 207 46.07 0.18 26.94
N ASP D 208 46.82 1.13 27.50
CA ASP D 208 47.91 1.76 26.77
C ASP D 208 48.78 0.62 26.26
N ASP D 209 49.16 0.66 24.98
CA ASP D 209 49.98 -0.41 24.44
C ASP D 209 51.45 -0.23 24.79
N ALA D 210 52.21 -1.32 24.73
CA ALA D 210 53.62 -1.31 25.05
C ALA D 210 54.37 -0.08 24.55
N LYS D 211 54.35 0.15 23.24
CA LYS D 211 55.01 1.29 22.63
C LYS D 211 54.63 2.61 23.31
N THR D 212 53.40 2.68 23.79
CA THR D 212 52.93 3.89 24.45
C THR D 212 53.41 3.97 25.88
N ILE D 213 53.46 2.83 26.55
CA ILE D 213 53.90 2.78 27.93
C ILE D 213 55.35 3.18 27.98
N GLU D 214 56.10 2.57 27.09
CA GLU D 214 57.52 2.79 26.96
C GLU D 214 57.81 4.28 26.76
N LYS D 215 57.09 4.91 25.84
CA LYS D 215 57.29 6.32 25.55
C LYS D 215 56.89 7.24 26.70
N LYS D 216 55.74 6.97 27.32
CA LYS D 216 55.30 7.82 28.42
C LYS D 216 56.27 7.75 29.60
N ILE D 217 56.63 6.54 30.01
CA ILE D 217 57.57 6.33 31.12
C ILE D 217 58.89 7.05 30.89
N LYS D 218 59.46 6.88 29.70
CA LYS D 218 60.73 7.51 29.36
C LYS D 218 60.65 9.02 29.55
N SER D 219 59.52 9.60 29.15
CA SER D 219 59.32 11.04 29.27
C SER D 219 58.93 11.46 30.70
N ALA D 220 58.68 10.51 31.59
CA ALA D 220 58.31 10.84 32.97
C ALA D 220 59.32 11.83 33.46
N VAL D 221 58.88 12.83 34.22
CA VAL D 221 59.80 13.84 34.72
C VAL D 221 60.61 13.36 35.92
N THR D 222 61.88 13.74 35.92
CA THR D 222 62.81 13.39 37.00
C THR D 222 63.62 14.61 37.46
N ASP D 223 64.54 14.40 38.39
CA ASP D 223 65.37 15.51 38.85
C ASP D 223 66.73 15.38 38.16
N SER D 224 67.70 16.18 38.58
CA SER D 224 69.04 16.12 38.00
C SER D 224 70.05 15.51 38.96
N GLU D 225 69.65 15.39 40.22
CA GLU D 225 70.50 14.79 41.23
C GLU D 225 70.94 13.39 40.80
N GLY D 226 70.33 12.89 39.72
CA GLY D 226 70.66 11.58 39.18
C GLY D 226 70.76 10.33 40.06
N THR D 227 70.26 10.37 41.28
CA THR D 227 70.34 9.18 42.12
C THR D 227 68.93 8.63 42.36
N ILE D 228 68.80 7.31 42.48
CA ILE D 228 67.49 6.71 42.73
C ILE D 228 67.30 6.65 44.24
N ARG D 229 66.88 7.76 44.82
CA ARG D 229 66.67 7.84 46.26
C ARG D 229 65.32 8.51 46.50
N TYR D 230 64.53 8.01 47.45
CA TYR D 230 63.21 8.59 47.73
C TYR D 230 63.31 9.95 48.44
N ASP D 231 62.61 10.94 47.88
CA ASP D 231 62.62 12.29 48.43
C ASP D 231 61.29 12.93 48.08
N LYS D 232 60.32 12.84 48.98
CA LYS D 232 58.99 13.42 48.73
C LYS D 232 59.14 14.84 48.17
N GLU D 233 59.80 15.70 48.91
CA GLU D 233 60.05 17.06 48.45
C GLU D 233 61.43 16.91 47.81
N ALA D 234 61.78 17.86 46.93
CA ALA D 234 63.08 17.83 46.23
C ALA D 234 63.08 16.86 45.04
N LYS D 235 62.77 15.59 45.31
CA LYS D 235 62.73 14.57 44.26
C LYS D 235 61.33 13.97 44.16
N PRO D 236 60.38 14.69 43.52
CA PRO D 236 59.01 14.20 43.37
C PRO D 236 58.86 13.11 42.32
N GLY D 237 59.36 13.39 41.12
CA GLY D 237 59.28 12.43 40.05
C GLY D 237 59.82 11.04 40.38
N ILE D 238 61.07 10.97 40.88
CA ILE D 238 61.67 9.68 41.21
C ILE D 238 60.89 8.92 42.28
N SER D 239 60.34 9.64 43.24
CA SER D 239 59.57 9.02 44.29
C SER D 239 58.27 8.46 43.71
N ASN D 240 57.72 9.17 42.72
CA ASN D 240 56.49 8.69 42.09
C ASN D 240 56.84 7.33 41.46
N LEU D 241 57.74 7.36 40.48
CA LEU D 241 58.20 6.14 39.82
C LEU D 241 58.48 5.04 40.83
N LEU D 242 59.31 5.32 41.83
CA LEU D 242 59.63 4.34 42.86
C LEU D 242 58.37 3.78 43.52
N ASN D 243 57.30 4.58 43.51
CA ASN D 243 56.04 4.14 44.08
C ASN D 243 55.30 3.20 43.12
N ILE D 244 55.26 3.59 41.84
CA ILE D 244 54.62 2.77 40.82
C ILE D 244 55.33 1.43 40.76
N TYR D 245 56.66 1.49 40.68
CA TYR D 245 57.54 0.32 40.65
C TYR D 245 57.23 -0.59 41.83
N SER D 246 57.42 -0.05 43.03
CA SER D 246 57.19 -0.80 44.26
C SER D 246 55.83 -1.49 44.30
N THR D 247 54.76 -0.72 44.21
CA THR D 247 53.42 -1.32 44.29
C THR D 247 53.15 -2.40 43.27
N LEU D 248 53.77 -2.30 42.09
CA LEU D 248 53.55 -3.30 41.06
C LEU D 248 54.43 -4.57 41.16
N SER D 249 55.73 -4.38 41.34
CA SER D 249 56.68 -5.50 41.45
C SER D 249 56.72 -6.11 42.84
N GLY D 250 56.13 -5.41 43.79
CA GLY D 250 56.09 -5.90 45.15
C GLY D 250 57.35 -5.64 45.97
N GLN D 251 58.38 -5.08 45.34
CA GLN D 251 59.61 -4.80 46.08
C GLN D 251 59.45 -3.60 46.99
N SER D 252 60.21 -3.55 48.08
CA SER D 252 60.13 -2.41 49.00
C SER D 252 60.84 -1.25 48.31
N ILE D 253 60.54 -0.02 48.72
CA ILE D 253 61.19 1.14 48.10
C ILE D 253 62.69 1.09 48.33
N GLU D 254 63.09 0.79 49.57
CA GLU D 254 64.50 0.69 49.95
C GLU D 254 65.15 -0.40 49.11
N GLU D 255 64.48 -1.53 48.99
CA GLU D 255 64.97 -2.66 48.20
C GLU D 255 65.33 -2.16 46.80
N LEU D 256 64.43 -1.38 46.21
CA LEU D 256 64.64 -0.84 44.88
C LEU D 256 65.82 0.15 44.89
N GLU D 257 65.90 0.94 45.95
CA GLU D 257 66.96 1.94 46.10
C GLU D 257 68.33 1.27 46.13
N ARG D 258 68.45 0.24 46.96
CA ARG D 258 69.70 -0.51 47.07
C ARG D 258 69.99 -1.16 45.73
N GLN D 259 68.99 -1.87 45.21
CA GLN D 259 69.10 -2.58 43.93
C GLN D 259 69.51 -1.68 42.76
N TYR D 260 69.47 -0.37 43.00
CA TYR D 260 69.84 0.60 41.98
C TYR D 260 70.97 1.51 42.43
N GLU D 261 71.47 1.26 43.63
CA GLU D 261 72.55 2.03 44.23
C GLU D 261 73.47 2.82 43.29
N GLY D 262 74.04 2.17 42.29
CA GLY D 262 74.91 2.91 41.40
C GLY D 262 74.39 2.95 39.99
N LYS D 263 73.10 3.25 39.84
CA LYS D 263 72.51 3.27 38.52
C LYS D 263 71.88 4.62 38.19
N GLY D 264 71.68 4.87 36.90
CA GLY D 264 71.08 6.12 36.46
C GLY D 264 69.61 5.98 36.07
N TYR D 265 68.96 7.09 35.77
CA TYR D 265 67.55 7.07 35.39
C TYR D 265 67.30 6.42 34.04
N GLY D 266 68.34 6.29 33.23
CA GLY D 266 68.16 5.67 31.93
C GLY D 266 67.71 4.22 32.03
N VAL D 267 68.42 3.44 32.83
CA VAL D 267 68.14 2.03 33.00
C VAL D 267 66.95 1.80 33.93
N PHE D 268 66.86 2.61 34.98
CA PHE D 268 65.76 2.53 35.93
C PHE D 268 64.43 2.64 35.15
N LYS D 269 64.37 3.60 34.23
CA LYS D 269 63.15 3.78 33.44
C LYS D 269 62.90 2.61 32.52
N ALA D 270 63.95 2.14 31.87
CA ALA D 270 63.84 0.99 30.97
C ALA D 270 63.31 -0.23 31.71
N ASP D 271 63.67 -0.36 32.98
CA ASP D 271 63.23 -1.48 33.81
C ASP D 271 61.77 -1.33 34.20
N LEU D 272 61.42 -0.13 34.63
CA LEU D 272 60.07 0.20 35.05
C LEU D 272 59.11 -0.02 33.90
N ALA D 273 59.49 0.48 32.72
CA ALA D 273 58.63 0.32 31.56
C ALA D 273 58.21 -1.12 31.33
N GLN D 274 59.13 -2.06 31.48
CA GLN D 274 58.80 -3.46 31.25
C GLN D 274 57.96 -4.07 32.38
N VAL D 275 58.24 -3.71 33.62
CA VAL D 275 57.45 -4.26 34.70
C VAL D 275 56.02 -3.72 34.65
N VAL D 276 55.80 -2.63 33.91
CA VAL D 276 54.43 -2.10 33.76
C VAL D 276 53.79 -2.95 32.66
N ILE D 277 54.52 -3.11 31.57
CA ILE D 277 54.09 -3.89 30.44
C ILE D 277 53.71 -5.31 30.88
N GLU D 278 54.52 -5.90 31.76
CA GLU D 278 54.30 -7.25 32.27
C GLU D 278 53.00 -7.34 33.06
N THR D 279 52.73 -6.29 33.84
CA THR D 279 51.53 -6.26 34.67
C THR D 279 50.21 -6.07 33.89
N LEU D 280 50.24 -5.32 32.79
CA LEU D 280 49.02 -5.08 32.05
C LEU D 280 48.72 -6.17 31.04
N ARG D 281 49.78 -6.80 30.55
CA ARG D 281 49.66 -7.85 29.54
C ARG D 281 48.42 -8.78 29.76
N PRO D 282 48.40 -9.58 30.84
CA PRO D 282 47.25 -10.47 31.08
C PRO D 282 45.91 -9.74 31.16
N ILE D 283 45.94 -8.51 31.66
CA ILE D 283 44.71 -7.74 31.77
C ILE D 283 44.24 -7.40 30.36
N GLN D 284 45.13 -6.89 29.52
CA GLN D 284 44.73 -6.53 28.16
C GLN D 284 44.18 -7.70 27.37
N GLU D 285 44.65 -8.90 27.70
CA GLU D 285 44.15 -10.08 27.00
C GLU D 285 42.75 -10.35 27.53
N ARG D 286 42.67 -10.69 28.81
CA ARG D 286 41.40 -10.96 29.44
C ARG D 286 40.36 -9.92 29.07
N TYR D 287 40.79 -8.69 28.85
CA TYR D 287 39.88 -7.64 28.46
C TYR D 287 39.31 -7.92 27.08
N HIS D 288 40.18 -8.20 26.11
CA HIS D 288 39.67 -8.47 24.76
C HIS D 288 38.83 -9.74 24.70
N HIS D 289 39.18 -10.72 25.54
CA HIS D 289 38.42 -11.96 25.59
C HIS D 289 37.00 -11.60 25.97
N TRP D 290 36.84 -10.94 27.11
CA TRP D 290 35.54 -10.52 27.60
C TRP D 290 34.74 -9.63 26.65
N MET D 291 35.42 -8.67 26.01
CA MET D 291 34.73 -7.77 25.10
C MET D 291 33.92 -8.49 24.04
N GLU D 292 34.57 -9.36 23.27
CA GLU D 292 33.86 -10.07 22.21
C GLU D 292 33.09 -11.32 22.67
N SER D 293 33.37 -11.80 23.87
CA SER D 293 32.67 -12.95 24.40
C SER D 293 31.24 -12.57 24.75
N GLU D 294 30.29 -13.43 24.38
CA GLU D 294 28.88 -13.15 24.66
C GLU D 294 28.61 -13.36 26.14
N GLU D 295 29.53 -14.02 26.83
CA GLU D 295 29.36 -14.26 28.26
C GLU D 295 29.30 -12.97 29.07
N LEU D 296 29.82 -11.88 28.51
CA LEU D 296 29.83 -10.60 29.22
C LEU D 296 28.41 -10.23 29.62
N ASP D 297 27.51 -10.18 28.64
CA ASP D 297 26.12 -9.86 28.89
C ASP D 297 25.47 -10.81 29.88
N ARG D 298 25.77 -12.10 29.77
CA ARG D 298 25.21 -13.04 30.71
C ARG D 298 25.58 -12.63 32.13
N VAL D 299 26.83 -12.19 32.31
CA VAL D 299 27.34 -11.77 33.61
C VAL D 299 26.61 -10.52 34.08
N LEU D 300 26.39 -9.61 33.15
CA LEU D 300 25.69 -8.38 33.47
C LEU D 300 24.24 -8.71 33.83
N ASP D 301 23.65 -9.64 33.10
CA ASP D 301 22.28 -10.05 33.35
C ASP D 301 22.11 -10.58 34.77
N GLU D 302 22.97 -11.49 35.19
CA GLU D 302 22.84 -11.99 36.55
C GLU D 302 23.17 -10.90 37.56
N GLY D 303 23.79 -9.82 37.07
CA GLY D 303 24.14 -8.69 37.94
C GLY D 303 22.88 -7.88 38.21
N ALA D 304 22.16 -7.57 37.13
CA ALA D 304 20.89 -6.88 37.22
C ALA D 304 20.08 -7.71 38.21
N GLU D 305 19.77 -8.95 37.84
CA GLU D 305 19.00 -9.83 38.71
C GLU D 305 19.34 -9.73 40.18
N LYS D 306 20.60 -9.96 40.52
CA LYS D 306 20.99 -9.90 41.92
C LYS D 306 20.76 -8.53 42.51
N ALA D 307 21.10 -7.50 41.76
CA ALA D 307 20.94 -6.14 42.27
C ALA D 307 19.45 -5.86 42.50
N ASN D 308 18.69 -6.02 41.43
CA ASN D 308 17.27 -5.78 41.47
C ASN D 308 16.57 -6.50 42.61
N ARG D 309 16.97 -7.75 42.85
CA ARG D 309 16.38 -8.54 43.92
C ARG D 309 16.40 -7.79 45.25
N VAL D 310 17.46 -7.04 45.51
CA VAL D 310 17.56 -6.29 46.78
C VAL D 310 16.92 -4.92 46.66
N ALA D 311 17.21 -4.25 45.55
CA ALA D 311 16.68 -2.90 45.28
C ALA D 311 15.16 -2.89 45.39
N SER D 312 14.51 -3.73 44.59
CA SER D 312 13.04 -3.85 44.56
C SER D 312 12.47 -3.96 45.96
N GLU D 313 13.13 -4.78 46.77
CA GLU D 313 12.69 -5.00 48.12
C GLU D 313 12.74 -3.73 48.93
N MET D 314 13.85 -3.01 48.86
CA MET D 314 14.00 -1.79 49.63
C MET D 314 13.02 -0.71 49.20
N VAL D 315 12.77 -0.61 47.89
CA VAL D 315 11.82 0.36 47.36
C VAL D 315 10.43 0.06 47.91
N ARG D 316 10.06 -1.22 47.86
CA ARG D 316 8.77 -1.69 48.34
C ARG D 316 8.59 -1.17 49.76
N LYS D 317 9.64 -1.26 50.56
CA LYS D 317 9.59 -0.79 51.94
C LYS D 317 9.52 0.72 52.03
N MET D 318 10.21 1.41 51.12
CA MET D 318 10.19 2.87 51.13
C MET D 318 8.79 3.36 50.76
N GLU D 319 8.22 2.79 49.70
CA GLU D 319 6.87 3.14 49.25
C GLU D 319 5.90 2.89 50.41
N GLN D 320 6.16 1.82 51.16
CA GLN D 320 5.33 1.48 52.30
C GLN D 320 5.31 2.65 53.26
N ALA D 321 6.49 3.09 53.70
CA ALA D 321 6.62 4.20 54.64
C ALA D 321 6.08 5.54 54.13
N MET D 322 6.54 5.97 52.95
CA MET D 322 6.09 7.24 52.36
C MET D 322 4.55 7.28 52.22
N GLY D 323 3.93 6.12 52.08
CA GLY D 323 2.49 6.08 51.90
C GLY D 323 2.06 6.00 50.43
N LEU D 324 3.00 5.72 49.52
CA LEU D 324 2.67 5.61 48.11
C LEU D 324 1.93 4.32 47.78
N GLY D 325 1.49 4.20 46.53
CA GLY D 325 0.77 3.02 46.06
C GLY D 325 -0.27 2.37 46.96
N ARG D 326 -0.35 1.04 46.87
CA ARG D 326 -1.29 0.24 47.65
C ARG D 326 -0.61 -0.71 48.63
N MET E 1 -2.86 -28.89 -13.87
CA MET E 1 -3.01 -28.97 -12.39
C MET E 1 -4.45 -29.35 -12.10
N LYS E 2 -4.74 -29.75 -10.86
CA LYS E 2 -6.11 -30.08 -10.46
C LYS E 2 -6.92 -28.79 -10.50
N THR E 3 -8.22 -28.88 -10.74
CA THR E 3 -9.04 -27.69 -10.79
C THR E 3 -9.83 -27.51 -9.52
N ILE E 4 -9.99 -26.26 -9.10
CA ILE E 4 -10.76 -25.99 -7.91
C ILE E 4 -11.87 -25.01 -8.33
N PHE E 5 -13.03 -25.14 -7.70
CA PHE E 5 -14.13 -24.25 -8.05
C PHE E 5 -14.81 -23.73 -6.82
N SER E 6 -14.92 -22.41 -6.75
CA SER E 6 -15.58 -21.78 -5.62
C SER E 6 -16.60 -20.80 -6.13
N GLY E 7 -17.81 -20.93 -5.64
CA GLY E 7 -18.87 -20.03 -6.03
C GLY E 7 -19.03 -19.13 -4.84
N ILE E 8 -19.11 -17.83 -5.08
CA ILE E 8 -19.26 -16.88 -3.99
C ILE E 8 -20.59 -16.16 -4.09
N GLN E 9 -21.35 -16.20 -3.00
CA GLN E 9 -22.62 -15.53 -2.91
C GLN E 9 -22.36 -14.04 -2.85
N PRO E 10 -22.87 -13.28 -3.84
CA PRO E 10 -22.65 -11.83 -3.81
C PRO E 10 -23.43 -11.21 -2.68
N SER E 11 -22.74 -10.87 -1.59
CA SER E 11 -23.40 -10.25 -0.42
C SER E 11 -22.43 -9.29 0.30
N GLY E 12 -21.52 -8.74 -0.50
CA GLY E 12 -20.51 -7.77 -0.09
C GLY E 12 -20.01 -7.50 1.33
N VAL E 13 -20.09 -8.48 2.22
CA VAL E 13 -19.60 -8.27 3.58
C VAL E 13 -19.08 -9.59 4.11
N ILE E 14 -17.80 -9.84 3.83
CA ILE E 14 -17.18 -11.09 4.27
C ILE E 14 -16.41 -10.86 5.57
N THR E 15 -16.57 -11.77 6.53
CA THR E 15 -15.91 -11.64 7.82
C THR E 15 -14.48 -12.18 7.98
N ILE E 16 -13.86 -11.79 9.09
CA ILE E 16 -12.52 -12.20 9.43
C ILE E 16 -12.53 -13.73 9.50
N GLY E 17 -13.70 -14.31 9.74
CA GLY E 17 -13.83 -15.75 9.83
C GLY E 17 -13.69 -16.46 8.51
N ASN E 18 -14.33 -15.97 7.45
CA ASN E 18 -14.22 -16.60 6.12
C ASN E 18 -12.79 -16.42 5.61
N TYR E 19 -12.23 -15.26 5.88
CA TYR E 19 -10.87 -14.94 5.46
C TYR E 19 -9.92 -15.96 6.09
N ILE E 20 -9.96 -16.07 7.41
CA ILE E 20 -9.11 -17.00 8.11
C ILE E 20 -9.40 -18.43 7.73
N GLY E 21 -10.69 -18.75 7.55
CA GLY E 21 -11.10 -20.11 7.22
C GLY E 21 -10.92 -20.67 5.84
N ALA E 22 -10.94 -19.83 4.82
CA ALA E 22 -10.78 -20.35 3.48
C ALA E 22 -10.05 -19.40 2.58
N LEU E 23 -10.60 -18.21 2.44
CA LEU E 23 -10.02 -17.21 1.57
C LEU E 23 -8.49 -17.01 1.67
N ARG E 24 -7.95 -17.02 2.89
CA ARG E 24 -6.51 -16.83 3.08
C ARG E 24 -5.67 -17.86 2.33
N GLN E 25 -6.00 -19.13 2.55
CA GLN E 25 -5.29 -20.23 1.90
C GLN E 25 -5.35 -20.23 0.38
N PHE E 26 -6.20 -19.39 -0.21
CA PHE E 26 -6.31 -19.35 -1.67
C PHE E 26 -5.29 -18.44 -2.31
N VAL E 27 -4.66 -17.60 -1.50
CA VAL E 27 -3.68 -16.68 -2.05
C VAL E 27 -2.45 -17.39 -2.65
N GLU E 28 -1.94 -18.41 -1.95
CA GLU E 28 -0.79 -19.18 -2.46
C GLU E 28 -1.27 -20.46 -3.17
N LEU E 29 -2.41 -20.98 -2.71
CA LEU E 29 -3.01 -22.16 -3.31
C LEU E 29 -3.28 -21.92 -4.79
N GLN E 30 -3.60 -20.68 -5.13
CA GLN E 30 -3.92 -20.35 -6.52
C GLN E 30 -2.73 -20.47 -7.43
N HIS E 31 -1.56 -20.76 -6.86
CA HIS E 31 -0.35 -20.89 -7.63
C HIS E 31 -0.09 -22.33 -8.05
N GLU E 32 -0.49 -23.27 -7.20
CA GLU E 32 -0.30 -24.67 -7.49
C GLU E 32 -1.53 -25.34 -8.15
N TYR E 33 -2.72 -24.76 -7.97
CA TYR E 33 -3.94 -25.30 -8.57
C TYR E 33 -4.52 -24.39 -9.65
N ASN E 34 -5.52 -24.91 -10.37
CA ASN E 34 -6.19 -24.16 -11.42
C ASN E 34 -7.48 -23.71 -10.78
N CYS E 35 -7.47 -22.54 -10.15
CA CYS E 35 -8.65 -22.03 -9.46
C CYS E 35 -9.58 -21.11 -10.26
N TYR E 36 -10.88 -21.26 -9.95
CA TYR E 36 -11.98 -20.49 -10.54
C TYR E 36 -12.77 -19.91 -9.37
N PHE E 37 -12.88 -18.60 -9.33
CA PHE E 37 -13.67 -17.94 -8.29
C PHE E 37 -14.83 -17.32 -9.01
N CYS E 38 -16.03 -17.83 -8.70
CA CYS E 38 -17.24 -17.40 -9.36
C CYS E 38 -18.24 -16.70 -8.49
N ILE E 39 -18.59 -15.47 -8.86
CA ILE E 39 -19.60 -14.73 -8.11
C ILE E 39 -20.92 -15.24 -8.70
N VAL E 40 -21.66 -15.98 -7.88
CA VAL E 40 -22.90 -16.61 -8.32
C VAL E 40 -24.12 -15.72 -8.17
N ASP E 41 -24.31 -14.83 -9.13
CA ASP E 41 -25.41 -13.91 -9.03
C ASP E 41 -26.77 -14.54 -9.35
N GLN E 42 -26.78 -15.43 -10.34
CA GLN E 42 -28.00 -16.14 -10.71
C GLN E 42 -28.47 -16.94 -9.48
N HIS E 43 -27.54 -17.40 -8.65
CA HIS E 43 -27.96 -18.10 -7.45
C HIS E 43 -28.59 -17.17 -6.43
N ALA E 44 -28.12 -15.94 -6.35
CA ALA E 44 -28.65 -14.97 -5.38
C ALA E 44 -30.12 -14.62 -5.62
N ILE E 45 -30.41 -14.49 -6.91
CA ILE E 45 -31.72 -14.16 -7.45
C ILE E 45 -32.82 -15.13 -7.02
N THR E 46 -32.47 -16.21 -6.31
CA THR E 46 -33.50 -17.17 -5.90
C THR E 46 -34.25 -16.75 -4.65
N VAL E 47 -33.94 -15.54 -4.18
CA VAL E 47 -34.59 -14.95 -3.02
C VAL E 47 -34.76 -13.49 -3.37
N TRP E 48 -35.49 -12.75 -2.56
CA TRP E 48 -35.69 -11.34 -2.84
C TRP E 48 -34.39 -10.55 -2.76
N GLN E 49 -34.09 -9.83 -3.84
CA GLN E 49 -32.88 -9.03 -3.90
C GLN E 49 -33.18 -7.62 -4.43
N ASP E 50 -32.61 -6.60 -3.80
CA ASP E 50 -32.82 -5.24 -4.29
C ASP E 50 -31.84 -5.07 -5.43
N PRO E 51 -32.32 -4.81 -6.65
CA PRO E 51 -31.41 -4.64 -7.80
C PRO E 51 -30.14 -3.86 -7.56
N HIS E 52 -30.31 -2.68 -6.98
CA HIS E 52 -29.18 -1.79 -6.71
C HIS E 52 -28.16 -2.40 -5.77
N GLU E 53 -28.63 -2.95 -4.66
CA GLU E 53 -27.71 -3.54 -3.71
C GLU E 53 -27.08 -4.83 -4.23
N LEU E 54 -27.82 -5.59 -5.03
CA LEU E 54 -27.28 -6.83 -5.57
C LEU E 54 -26.12 -6.50 -6.49
N ARG E 55 -26.43 -5.70 -7.51
CA ARG E 55 -25.48 -5.25 -8.52
C ARG E 55 -24.26 -4.63 -7.83
N GLN E 56 -24.51 -3.91 -6.74
CA GLN E 56 -23.43 -3.26 -6.01
C GLN E 56 -22.55 -4.25 -5.29
N ASN E 57 -23.18 -5.21 -4.61
CA ASN E 57 -22.46 -6.24 -3.88
C ASN E 57 -21.56 -7.08 -4.81
N ILE E 58 -21.99 -7.25 -6.04
CA ILE E 58 -21.20 -8.02 -6.99
C ILE E 58 -19.80 -7.42 -7.14
N ARG E 59 -19.75 -6.11 -7.40
CA ARG E 59 -18.47 -5.41 -7.56
C ARG E 59 -17.72 -5.33 -6.23
N ARG E 60 -18.44 -5.19 -5.12
CA ARG E 60 -17.78 -5.10 -3.82
C ARG E 60 -17.01 -6.38 -3.50
N LEU E 61 -17.64 -7.52 -3.80
CA LEU E 61 -17.06 -8.83 -3.56
C LEU E 61 -15.89 -9.12 -4.47
N ALA E 62 -15.98 -8.68 -5.71
CA ALA E 62 -14.89 -8.89 -6.64
C ALA E 62 -13.71 -8.09 -6.13
N ALA E 63 -13.96 -6.82 -5.79
CA ALA E 63 -12.91 -5.93 -5.30
C ALA E 63 -12.25 -6.48 -4.05
N LEU E 64 -13.01 -7.19 -3.23
CA LEU E 64 -12.47 -7.76 -2.00
C LEU E 64 -11.57 -8.97 -2.26
N TYR E 65 -11.84 -9.68 -3.34
CA TYR E 65 -11.06 -10.87 -3.66
C TYR E 65 -9.71 -10.45 -4.21
N LEU E 66 -9.73 -9.42 -5.04
CA LEU E 66 -8.53 -8.89 -5.62
C LEU E 66 -7.73 -8.15 -4.54
N ALA E 67 -8.44 -7.65 -3.53
CA ALA E 67 -7.84 -6.90 -2.44
C ALA E 67 -7.05 -7.87 -1.58
N VAL E 68 -7.66 -8.99 -1.26
CA VAL E 68 -7.06 -10.01 -0.42
C VAL E 68 -5.84 -10.71 -1.07
N GLY E 69 -5.79 -10.72 -2.39
CA GLY E 69 -4.67 -11.35 -3.07
C GLY E 69 -4.93 -12.23 -4.29
N ILE E 70 -6.19 -12.47 -4.66
CA ILE E 70 -6.43 -13.32 -5.81
C ILE E 70 -5.81 -12.71 -7.05
N ASP E 71 -4.79 -13.37 -7.58
CA ASP E 71 -4.09 -12.91 -8.76
C ASP E 71 -4.90 -13.23 -10.02
N PRO E 72 -5.45 -12.20 -10.68
CA PRO E 72 -6.25 -12.36 -11.90
C PRO E 72 -5.52 -12.95 -13.11
N THR E 73 -4.19 -12.97 -13.06
CA THR E 73 -3.41 -13.54 -14.17
C THR E 73 -3.24 -15.02 -13.85
N GLN E 74 -3.40 -15.32 -12.57
CA GLN E 74 -3.24 -16.67 -12.08
C GLN E 74 -4.55 -17.44 -12.06
N ALA E 75 -5.48 -16.99 -11.20
CA ALA E 75 -6.80 -17.59 -11.04
C ALA E 75 -7.78 -16.97 -12.02
N THR E 76 -9.01 -17.47 -12.01
CA THR E 76 -10.05 -16.96 -12.89
C THR E 76 -11.19 -16.49 -12.03
N LEU E 77 -11.45 -15.19 -12.09
CA LEU E 77 -12.49 -14.54 -11.32
C LEU E 77 -13.55 -13.98 -12.28
N PHE E 78 -14.81 -14.41 -12.08
CA PHE E 78 -15.88 -13.96 -12.96
C PHE E 78 -17.30 -14.01 -12.37
N ILE E 79 -18.22 -13.36 -13.08
CA ILE E 79 -19.62 -13.33 -12.65
C ILE E 79 -20.40 -14.40 -13.43
N GLN E 80 -21.08 -15.26 -12.68
CA GLN E 80 -21.87 -16.37 -13.22
C GLN E 80 -22.76 -16.01 -14.40
N SER E 81 -23.66 -15.05 -14.19
CA SER E 81 -24.57 -14.62 -15.24
C SER E 81 -23.94 -14.24 -16.58
N GLU E 82 -22.66 -13.87 -16.55
CA GLU E 82 -21.93 -13.45 -17.74
C GLU E 82 -21.41 -14.59 -18.61
N VAL E 83 -21.55 -15.82 -18.12
CA VAL E 83 -21.15 -16.99 -18.89
C VAL E 83 -22.43 -17.82 -19.02
N PRO E 84 -23.17 -17.62 -20.11
CA PRO E 84 -24.43 -18.35 -20.35
C PRO E 84 -24.38 -19.83 -20.10
N ALA E 85 -23.35 -20.50 -20.61
CA ALA E 85 -23.25 -21.95 -20.42
C ALA E 85 -23.77 -22.43 -19.04
N HIS E 86 -23.63 -21.66 -17.97
CA HIS E 86 -24.14 -22.12 -16.68
C HIS E 86 -25.66 -22.34 -16.74
N ALA E 87 -26.36 -21.39 -17.38
CA ALA E 87 -27.81 -21.46 -17.51
C ALA E 87 -28.24 -22.55 -18.46
N GLN E 88 -27.47 -22.72 -19.54
CA GLN E 88 -27.79 -23.76 -20.52
C GLN E 88 -27.56 -25.16 -19.93
N ALA E 89 -26.44 -25.33 -19.22
CA ALA E 89 -26.11 -26.60 -18.61
C ALA E 89 -27.13 -26.95 -17.56
N ALA E 90 -27.58 -25.93 -16.84
CA ALA E 90 -28.55 -26.13 -15.76
C ALA E 90 -29.87 -26.67 -16.27
N TRP E 91 -30.20 -26.38 -17.52
CA TRP E 91 -31.45 -26.89 -18.05
C TRP E 91 -31.28 -28.40 -18.24
N MET E 92 -30.28 -28.76 -19.03
CA MET E 92 -29.95 -30.14 -19.33
C MET E 92 -29.85 -31.04 -18.11
N LEU E 93 -29.31 -30.51 -17.02
CA LEU E 93 -29.18 -31.29 -15.80
C LEU E 93 -30.48 -31.37 -15.03
N GLN E 94 -31.44 -30.52 -15.38
CA GLN E 94 -32.72 -30.56 -14.66
C GLN E 94 -33.48 -31.75 -15.24
N CYS E 95 -33.24 -31.98 -16.52
CA CYS E 95 -33.84 -33.05 -17.29
C CYS E 95 -33.33 -34.46 -16.98
N ILE E 96 -32.39 -34.57 -16.04
CA ILE E 96 -31.86 -35.88 -15.65
C ILE E 96 -31.79 -36.03 -14.16
N VAL E 97 -32.30 -35.04 -13.44
CA VAL E 97 -32.35 -35.14 -12.00
C VAL E 97 -33.82 -35.43 -11.74
N TYR E 98 -34.12 -36.19 -10.69
CA TYR E 98 -35.51 -36.52 -10.39
C TYR E 98 -36.00 -35.60 -9.28
N ILE E 99 -37.24 -35.12 -9.41
CA ILE E 99 -37.85 -34.23 -8.42
C ILE E 99 -37.68 -34.76 -7.00
N GLY E 100 -37.81 -36.07 -6.86
CA GLY E 100 -37.65 -36.68 -5.56
C GLY E 100 -36.34 -36.29 -4.92
N GLU E 101 -35.28 -36.26 -5.74
CA GLU E 101 -33.93 -35.90 -5.29
C GLU E 101 -33.86 -34.49 -4.75
N LEU E 102 -34.52 -33.56 -5.44
CA LEU E 102 -34.54 -32.17 -5.03
C LEU E 102 -35.38 -31.95 -3.79
N GLU E 103 -36.59 -32.49 -3.78
CA GLU E 103 -37.45 -32.30 -2.61
C GLU E 103 -36.79 -32.83 -1.35
N ARG E 104 -36.12 -33.98 -1.47
CA ARG E 104 -35.47 -34.60 -0.32
C ARG E 104 -34.34 -33.79 0.28
N MET E 105 -33.81 -32.84 -0.49
CA MET E 105 -32.70 -32.02 -0.03
C MET E 105 -32.88 -31.23 1.27
N THR E 106 -32.35 -31.78 2.36
CA THR E 106 -32.42 -31.15 3.68
C THR E 106 -31.79 -29.74 3.62
N GLN E 107 -32.62 -28.78 3.25
CA GLN E 107 -32.24 -27.38 3.11
C GLN E 107 -33.48 -26.70 2.52
N PHE E 108 -34.21 -27.49 1.74
CA PHE E 108 -35.45 -27.07 1.08
C PHE E 108 -36.56 -27.03 2.14
N LYS E 109 -36.22 -27.33 3.39
CA LYS E 109 -37.20 -27.29 4.44
C LYS E 109 -37.80 -25.89 4.45
N GLU E 110 -37.11 -24.96 3.77
CA GLU E 110 -37.53 -23.57 3.66
C GLU E 110 -38.89 -23.44 2.98
N LYS E 111 -39.56 -24.57 2.76
CA LYS E 111 -40.88 -24.56 2.15
C LYS E 111 -41.85 -24.12 3.22
N SER E 112 -41.31 -23.96 4.42
CA SER E 112 -42.05 -23.51 5.58
C SER E 112 -43.30 -24.23 6.03
N ALA E 113 -43.20 -25.51 6.36
CA ALA E 113 -44.33 -26.31 6.83
C ALA E 113 -45.59 -26.10 6.00
N GLY E 114 -45.42 -25.57 4.80
CA GLY E 114 -46.56 -25.31 3.92
C GLY E 114 -46.72 -23.83 3.60
N LYS E 115 -45.61 -23.10 3.50
CA LYS E 115 -45.63 -21.66 3.20
C LYS E 115 -46.03 -21.40 1.75
N GLU E 116 -45.81 -22.42 0.91
CA GLU E 116 -46.14 -22.42 -0.52
C GLU E 116 -45.57 -21.29 -1.40
N ALA E 117 -45.25 -20.14 -0.82
CA ALA E 117 -44.71 -19.01 -1.58
C ALA E 117 -43.22 -19.11 -1.86
N VAL E 118 -42.72 -20.33 -1.95
CA VAL E 118 -41.32 -20.56 -2.24
C VAL E 118 -41.13 -20.48 -3.76
N SER E 119 -40.06 -19.80 -4.20
CA SER E 119 -39.76 -19.67 -5.62
C SER E 119 -39.29 -21.00 -6.17
N ALA E 120 -39.63 -21.28 -7.42
CA ALA E 120 -39.21 -22.53 -8.02
C ALA E 120 -37.69 -22.57 -7.97
N GLY E 121 -37.09 -21.38 -8.02
CA GLY E 121 -35.64 -21.27 -7.98
C GLY E 121 -35.08 -21.96 -6.76
N LEU E 122 -35.75 -21.76 -5.62
CA LEU E 122 -35.31 -22.39 -4.38
C LEU E 122 -35.24 -23.92 -4.45
N LEU E 123 -36.00 -24.50 -5.36
CA LEU E 123 -36.05 -25.95 -5.51
C LEU E 123 -35.04 -26.41 -6.54
N THR E 124 -34.96 -25.67 -7.63
CA THR E 124 -34.10 -26.01 -8.73
C THR E 124 -32.67 -25.43 -8.77
N TYR E 125 -32.19 -24.83 -7.68
CA TYR E 125 -30.84 -24.27 -7.73
C TYR E 125 -29.75 -25.36 -7.70
N PRO E 126 -30.01 -26.48 -6.99
CA PRO E 126 -28.97 -27.52 -6.98
C PRO E 126 -28.50 -27.82 -8.41
N PRO E 127 -29.41 -28.16 -9.34
CA PRO E 127 -28.90 -28.42 -10.68
C PRO E 127 -28.00 -27.33 -11.26
N LEU E 128 -28.16 -26.08 -10.80
CA LEU E 128 -27.33 -24.98 -11.31
C LEU E 128 -25.97 -25.04 -10.63
N MET E 129 -25.98 -25.36 -9.35
CA MET E 129 -24.73 -25.49 -8.62
C MET E 129 -23.90 -26.61 -9.25
N ALA E 130 -24.59 -27.69 -9.62
CA ALA E 130 -23.93 -28.82 -10.26
C ALA E 130 -23.31 -28.35 -11.56
N ALA E 131 -24.10 -27.70 -12.41
CA ALA E 131 -23.55 -27.22 -13.67
C ALA E 131 -22.38 -26.27 -13.43
N ASP E 132 -22.49 -25.45 -12.38
CA ASP E 132 -21.45 -24.49 -12.05
C ASP E 132 -20.12 -25.22 -11.97
N ILE E 133 -20.13 -26.31 -11.22
CA ILE E 133 -18.98 -27.18 -11.02
C ILE E 133 -18.62 -28.01 -12.26
N LEU E 134 -19.43 -29.02 -12.54
CA LEU E 134 -19.21 -29.90 -13.69
C LEU E 134 -18.76 -29.25 -14.99
N LEU E 135 -19.16 -28.01 -15.23
CA LEU E 135 -18.77 -27.36 -16.48
C LEU E 135 -17.26 -27.18 -16.68
N TYR E 136 -16.49 -27.14 -15.59
CA TYR E 136 -15.05 -26.92 -15.71
C TYR E 136 -14.16 -28.13 -15.39
N ASN E 137 -14.74 -29.33 -15.42
CA ASN E 137 -14.00 -30.56 -15.08
C ASN E 137 -13.25 -30.32 -13.79
N THR E 138 -13.90 -29.63 -12.87
CA THR E 138 -13.27 -29.35 -11.60
C THR E 138 -13.12 -30.62 -10.78
N ASP E 139 -12.01 -30.69 -10.06
CA ASP E 139 -11.68 -31.81 -9.19
C ASP E 139 -12.12 -31.54 -7.77
N ILE E 140 -11.68 -30.39 -7.25
CA ILE E 140 -11.95 -30.03 -5.87
C ILE E 140 -12.89 -28.85 -5.67
N VAL E 141 -13.88 -29.04 -4.81
CA VAL E 141 -14.80 -27.97 -4.50
C VAL E 141 -14.64 -27.76 -3.01
N PRO E 142 -14.04 -26.62 -2.61
CA PRO E 142 -13.82 -26.30 -1.20
C PRO E 142 -15.07 -25.79 -0.49
N VAL E 143 -15.87 -26.69 0.06
CA VAL E 143 -17.07 -26.26 0.77
C VAL E 143 -17.12 -26.78 2.19
N GLY E 144 -18.07 -26.25 2.96
CA GLY E 144 -18.22 -26.65 4.34
C GLY E 144 -19.03 -27.92 4.52
N GLU E 145 -19.25 -28.30 5.79
CA GLU E 145 -20.01 -29.51 6.11
C GLU E 145 -21.45 -29.41 5.58
N ASP E 146 -22.04 -28.22 5.73
CA ASP E 146 -23.40 -27.92 5.31
C ASP E 146 -23.65 -28.01 3.79
N GLN E 147 -22.60 -27.83 2.99
CA GLN E 147 -22.76 -27.90 1.55
C GLN E 147 -22.46 -29.27 0.94
N LYS E 148 -21.97 -30.20 1.76
CA LYS E 148 -21.61 -31.53 1.25
C LYS E 148 -22.73 -32.19 0.47
N GLN E 149 -23.92 -32.15 1.04
CA GLN E 149 -25.10 -32.75 0.42
C GLN E 149 -25.35 -32.25 -1.00
N HIS E 150 -25.01 -31.00 -1.26
CA HIS E 150 -25.20 -30.47 -2.60
C HIS E 150 -24.14 -31.07 -3.50
N ILE E 151 -22.99 -31.42 -2.92
CA ILE E 151 -21.91 -32.01 -3.70
C ILE E 151 -22.27 -33.46 -4.05
N GLU E 152 -22.84 -34.15 -3.06
CA GLU E 152 -23.29 -35.52 -3.23
C GLU E 152 -24.11 -35.62 -4.50
N LEU E 153 -25.11 -34.75 -4.60
CA LEU E 153 -25.98 -34.72 -5.75
C LEU E 153 -25.28 -34.45 -7.07
N THR E 154 -24.32 -33.53 -7.09
CA THR E 154 -23.64 -33.21 -8.34
C THR E 154 -22.77 -34.38 -8.78
N ARG E 155 -22.31 -35.18 -7.81
CA ARG E 155 -21.52 -36.37 -8.10
C ARG E 155 -22.46 -37.36 -8.81
N ASP E 156 -23.58 -37.66 -8.14
CA ASP E 156 -24.58 -38.58 -8.68
C ASP E 156 -25.01 -38.15 -10.08
N LEU E 157 -25.18 -36.84 -10.28
CA LEU E 157 -25.61 -36.35 -11.59
C LEU E 157 -24.55 -36.54 -12.66
N ALA E 158 -23.29 -36.36 -12.27
CA ALA E 158 -22.19 -36.51 -13.22
C ALA E 158 -22.03 -37.97 -13.60
N GLU E 159 -22.13 -38.84 -12.60
CA GLU E 159 -22.02 -40.27 -12.81
C GLU E 159 -23.14 -40.73 -13.71
N ARG E 160 -24.37 -40.37 -13.33
CA ARG E 160 -25.55 -40.71 -14.09
C ARG E 160 -25.47 -40.22 -15.53
N PHE E 161 -24.95 -39.02 -15.73
CA PHE E 161 -24.84 -38.48 -17.09
C PHE E 161 -23.76 -39.24 -17.86
N ASN E 162 -22.67 -39.58 -17.17
CA ASN E 162 -21.59 -40.31 -17.83
C ASN E 162 -22.13 -41.66 -18.33
N LYS E 163 -22.81 -42.42 -17.46
CA LYS E 163 -23.34 -43.72 -17.90
C LYS E 163 -24.31 -43.63 -19.07
N ARG E 164 -25.28 -42.73 -19.01
CA ARG E 164 -26.23 -42.61 -20.11
C ARG E 164 -25.54 -42.13 -21.39
N TYR E 165 -24.75 -41.06 -21.33
CA TYR E 165 -24.16 -40.56 -22.56
C TYR E 165 -22.67 -40.74 -22.81
N GLY E 166 -21.94 -41.19 -21.80
CA GLY E 166 -20.51 -41.40 -21.96
C GLY E 166 -19.68 -40.59 -20.98
N GLU E 167 -18.38 -40.87 -20.93
CA GLU E 167 -17.45 -40.18 -20.02
C GLU E 167 -17.26 -38.74 -20.51
N LEU E 168 -17.80 -37.79 -19.74
CA LEU E 168 -17.71 -36.39 -20.08
C LEU E 168 -17.30 -35.57 -18.87
N PHE E 169 -17.92 -35.89 -17.75
CA PHE E 169 -17.63 -35.17 -16.51
C PHE E 169 -16.62 -35.86 -15.62
N THR E 170 -16.10 -35.06 -14.71
CA THR E 170 -15.12 -35.48 -13.74
C THR E 170 -15.89 -35.55 -12.44
N ILE E 171 -15.88 -36.69 -11.77
CA ILE E 171 -16.60 -36.73 -10.51
C ILE E 171 -15.85 -35.85 -9.51
N PRO E 172 -16.45 -34.71 -9.13
CA PRO E 172 -15.84 -33.77 -8.17
C PRO E 172 -15.73 -34.32 -6.76
N GLU E 173 -14.97 -33.60 -5.93
CA GLU E 173 -14.74 -33.98 -4.55
C GLU E 173 -14.81 -32.76 -3.66
N ALA E 174 -15.59 -32.85 -2.59
CA ALA E 174 -15.76 -31.75 -1.67
C ALA E 174 -14.69 -31.70 -0.62
N ARG E 175 -13.69 -30.87 -0.82
CA ARG E 175 -12.61 -30.75 0.12
C ARG E 175 -13.13 -30.29 1.48
N ILE E 176 -12.32 -29.51 2.16
CA ILE E 176 -12.64 -28.96 3.48
C ILE E 176 -11.48 -28.02 3.81
N PRO E 177 -11.70 -27.06 4.70
CA PRO E 177 -10.62 -26.13 5.05
C PRO E 177 -9.65 -26.78 6.05
N LYS E 178 -8.69 -26.01 6.57
CA LYS E 178 -7.73 -26.51 7.55
C LYS E 178 -8.38 -26.67 8.93
N VAL E 179 -8.69 -27.92 9.28
CA VAL E 179 -9.35 -28.25 10.56
C VAL E 179 -8.69 -27.63 11.79
N GLY E 180 -9.48 -26.85 12.52
CA GLY E 180 -9.00 -26.18 13.72
C GLY E 180 -9.35 -24.69 13.67
N ALA E 181 -9.20 -24.10 12.48
CA ALA E 181 -9.46 -22.68 12.26
C ALA E 181 -10.94 -22.27 12.26
N ARG E 182 -11.66 -22.72 13.28
CA ARG E 182 -13.07 -22.39 13.44
C ARG E 182 -13.22 -21.14 14.30
N ILE E 183 -13.61 -20.04 13.66
CA ILE E 183 -13.76 -18.79 14.39
C ILE E 183 -15.19 -18.60 14.88
N MET E 184 -15.40 -18.69 16.19
CA MET E 184 -16.72 -18.51 16.77
C MET E 184 -17.12 -17.02 16.79
N SER E 185 -18.36 -16.72 17.17
CA SER E 185 -18.79 -15.32 17.21
C SER E 185 -18.08 -14.72 18.43
N LEU E 186 -18.03 -13.39 18.51
CA LEU E 186 -17.38 -12.75 19.65
C LEU E 186 -18.36 -12.56 20.81
N VAL E 187 -19.65 -12.74 20.55
CA VAL E 187 -20.69 -12.59 21.61
C VAL E 187 -21.24 -13.91 22.09
N ASP E 188 -21.13 -14.93 21.25
CA ASP E 188 -21.57 -16.28 21.60
C ASP E 188 -20.47 -17.25 21.11
N PRO E 189 -19.53 -17.59 22.01
CA PRO E 189 -18.41 -18.48 21.69
C PRO E 189 -18.69 -19.93 21.25
N THR E 190 -19.96 -20.31 21.18
CA THR E 190 -20.35 -21.65 20.74
C THR E 190 -20.87 -21.55 19.30
N LYS E 191 -21.50 -20.44 19.01
CA LYS E 191 -22.03 -20.21 17.67
C LYS E 191 -20.84 -19.86 16.77
N LYS E 192 -20.96 -20.14 15.48
CA LYS E 192 -19.92 -19.87 14.51
C LYS E 192 -20.08 -18.44 13.96
N MET E 193 -18.99 -17.75 13.68
CA MET E 193 -19.08 -16.38 13.16
C MET E 193 -19.68 -16.32 11.76
N SER E 194 -20.70 -15.48 11.54
CA SER E 194 -21.33 -15.36 10.22
C SER E 194 -21.86 -13.96 9.90
N LYS E 195 -21.66 -13.53 8.65
CA LYS E 195 -22.10 -12.21 8.18
C LYS E 195 -23.54 -11.91 8.56
N SER E 196 -24.36 -12.95 8.54
CA SER E 196 -25.79 -12.82 8.84
C SER E 196 -26.22 -12.92 10.29
N ASP E 197 -25.34 -12.64 11.24
CA ASP E 197 -25.73 -12.69 12.64
C ASP E 197 -26.50 -11.39 12.95
N PRO E 198 -27.70 -11.49 13.58
CA PRO E 198 -28.49 -10.29 13.92
C PRO E 198 -27.77 -9.35 14.89
N ASN E 199 -26.68 -9.82 15.49
CA ASN E 199 -25.90 -9.01 16.43
C ASN E 199 -24.58 -8.68 15.73
N PRO E 200 -24.40 -7.43 15.30
CA PRO E 200 -23.19 -6.97 14.62
C PRO E 200 -21.92 -7.10 15.45
N LYS E 201 -22.08 -7.15 16.76
CA LYS E 201 -20.97 -7.30 17.69
C LYS E 201 -20.34 -8.68 17.52
N ALA E 202 -21.09 -9.59 16.90
CA ALA E 202 -20.64 -10.96 16.72
C ALA E 202 -19.51 -11.17 15.72
N TYR E 203 -19.44 -10.35 14.68
CA TYR E 203 -18.40 -10.52 13.67
C TYR E 203 -17.58 -9.27 13.39
N ILE E 204 -16.46 -9.46 12.71
CA ILE E 204 -15.60 -8.36 12.33
C ILE E 204 -15.48 -8.52 10.83
N THR E 205 -15.71 -7.43 10.11
CA THR E 205 -15.69 -7.43 8.66
C THR E 205 -14.33 -6.99 8.12
N LEU E 206 -14.01 -7.37 6.89
CA LEU E 206 -12.75 -6.95 6.29
C LEU E 206 -12.78 -5.46 6.01
N LEU E 207 -13.94 -4.83 6.20
CA LEU E 207 -14.00 -3.41 5.96
C LEU E 207 -14.28 -2.68 7.26
N ASP E 208 -14.40 -3.41 8.36
CA ASP E 208 -14.64 -2.75 9.64
C ASP E 208 -13.45 -1.83 9.91
N ASP E 209 -13.76 -0.58 10.27
CA ASP E 209 -12.74 0.42 10.54
C ASP E 209 -12.08 0.24 11.91
N ALA E 210 -10.82 0.67 11.99
CA ALA E 210 -9.99 0.58 13.20
C ALA E 210 -10.74 0.80 14.51
N LYS E 211 -11.51 1.88 14.58
CA LYS E 211 -12.28 2.21 15.77
C LYS E 211 -13.30 1.11 16.12
N THR E 212 -14.04 0.66 15.13
CA THR E 212 -15.04 -0.38 15.35
C THR E 212 -14.42 -1.72 15.77
N ILE E 213 -13.31 -2.06 15.11
CA ILE E 213 -12.58 -3.29 15.39
C ILE E 213 -12.13 -3.25 16.84
N GLU E 214 -11.68 -2.08 17.25
CA GLU E 214 -11.21 -1.85 18.60
C GLU E 214 -12.40 -2.03 19.54
N LYS E 215 -13.54 -1.46 19.15
CA LYS E 215 -14.72 -1.56 19.99
C LYS E 215 -15.22 -3.00 20.10
N LYS E 216 -15.15 -3.74 19.00
CA LYS E 216 -15.63 -5.12 19.00
C LYS E 216 -14.76 -6.07 19.82
N ILE E 217 -13.45 -5.97 19.62
CA ILE E 217 -12.53 -6.82 20.36
C ILE E 217 -12.63 -6.53 21.86
N LYS E 218 -12.91 -5.29 22.24
CA LYS E 218 -12.99 -4.97 23.67
C LYS E 218 -14.27 -5.55 24.26
N SER E 219 -15.29 -5.66 23.41
CA SER E 219 -16.58 -6.20 23.80
C SER E 219 -16.53 -7.73 23.85
N ALA E 220 -15.72 -8.33 22.98
CA ALA E 220 -15.60 -9.79 22.90
C ALA E 220 -15.77 -10.43 24.28
N VAL E 221 -16.55 -11.49 24.35
CA VAL E 221 -16.79 -12.18 25.61
C VAL E 221 -15.63 -13.10 25.97
N THR E 222 -15.28 -13.09 27.25
CA THR E 222 -14.21 -13.92 27.79
C THR E 222 -14.85 -14.50 29.04
N ASP E 223 -14.06 -15.04 29.96
CA ASP E 223 -14.61 -15.62 31.17
C ASP E 223 -14.25 -14.86 32.44
N SER E 224 -14.43 -15.51 33.59
CA SER E 224 -14.13 -14.90 34.89
C SER E 224 -12.84 -15.43 35.50
N GLU E 225 -12.21 -16.39 34.84
CA GLU E 225 -10.98 -16.96 35.38
C GLU E 225 -9.87 -15.91 35.31
N GLY E 226 -9.83 -15.17 34.21
CA GLY E 226 -8.83 -14.15 34.07
C GLY E 226 -7.43 -14.56 33.60
N THR E 227 -7.27 -15.78 33.09
CA THR E 227 -5.95 -16.21 32.63
C THR E 227 -5.97 -16.68 31.17
N ILE E 228 -5.02 -16.17 30.37
CA ILE E 228 -4.95 -16.52 28.95
C ILE E 228 -4.54 -17.98 28.70
N ARG E 229 -5.46 -18.93 28.89
CA ARG E 229 -5.15 -20.34 28.68
C ARG E 229 -6.13 -21.00 27.71
N TYR E 230 -5.66 -21.71 26.69
CA TYR E 230 -6.55 -22.36 25.72
C TYR E 230 -7.31 -23.56 26.28
N ASP E 231 -8.62 -23.57 26.09
CA ASP E 231 -9.49 -24.63 26.60
C ASP E 231 -10.83 -24.47 25.88
N LYS E 232 -11.08 -25.28 24.85
CA LYS E 232 -12.33 -25.19 24.08
C LYS E 232 -13.58 -25.11 24.96
N GLU E 233 -13.76 -26.08 25.86
CA GLU E 233 -14.88 -26.06 26.80
C GLU E 233 -14.28 -25.27 27.94
N ALA E 234 -15.09 -24.79 28.87
CA ALA E 234 -14.58 -24.01 30.01
C ALA E 234 -14.11 -22.60 29.63
N LYS E 235 -13.26 -22.49 28.61
CA LYS E 235 -12.77 -21.19 28.20
C LYS E 235 -12.93 -20.99 26.69
N PRO E 236 -14.17 -21.06 26.20
CA PRO E 236 -14.48 -20.89 24.79
C PRO E 236 -14.14 -19.51 24.26
N GLY E 237 -14.41 -18.49 25.06
CA GLY E 237 -14.14 -17.12 24.63
C GLY E 237 -12.67 -16.82 24.40
N ILE E 238 -11.86 -17.04 25.43
CA ILE E 238 -10.42 -16.77 25.31
C ILE E 238 -9.79 -17.61 24.22
N SER E 239 -10.25 -18.85 24.14
CA SER E 239 -9.73 -19.78 23.17
C SER E 239 -9.99 -19.31 21.77
N ASN E 240 -11.16 -18.74 21.54
CA ASN E 240 -11.48 -18.27 20.19
C ASN E 240 -10.57 -17.09 19.87
N LEU E 241 -10.35 -16.24 20.87
CA LEU E 241 -9.49 -15.07 20.71
C LEU E 241 -8.10 -15.50 20.30
N LEU E 242 -7.58 -16.50 21.02
CA LEU E 242 -6.27 -17.08 20.74
C LEU E 242 -6.17 -17.57 19.29
N ASN E 243 -7.24 -18.19 18.80
CA ASN E 243 -7.26 -18.67 17.42
C ASN E 243 -7.14 -17.51 16.44
N ILE E 244 -7.79 -16.39 16.73
CA ILE E 244 -7.73 -15.23 15.82
C ILE E 244 -6.35 -14.59 15.91
N TYR E 245 -5.92 -14.37 17.14
CA TYR E 245 -4.61 -13.79 17.41
C TYR E 245 -3.57 -14.62 16.69
N SER E 246 -3.48 -15.88 17.09
CA SER E 246 -2.51 -16.83 16.54
C SER E 246 -2.44 -16.92 15.01
N THR E 247 -3.49 -17.40 14.35
CA THR E 247 -3.42 -17.51 12.88
C THR E 247 -3.02 -16.24 12.17
N LEU E 248 -3.41 -15.10 12.72
CA LEU E 248 -3.07 -13.81 12.11
C LEU E 248 -1.68 -13.27 12.45
N SER E 249 -1.18 -13.59 13.64
CA SER E 249 0.14 -13.12 14.06
C SER E 249 1.24 -14.13 13.76
N GLY E 250 0.86 -15.29 13.24
CA GLY E 250 1.85 -16.30 12.93
C GLY E 250 2.39 -17.02 14.15
N GLN E 251 2.15 -16.52 15.36
CA GLN E 251 2.65 -17.19 16.55
C GLN E 251 1.83 -18.42 16.88
N SER E 252 2.34 -19.26 17.77
CA SER E 252 1.62 -20.47 18.16
C SER E 252 0.81 -20.19 19.40
N ILE E 253 -0.15 -21.07 19.69
CA ILE E 253 -0.99 -20.91 20.86
C ILE E 253 -0.19 -21.07 22.17
N GLU E 254 0.70 -22.06 22.22
CA GLU E 254 1.49 -22.27 23.43
C GLU E 254 2.41 -21.08 23.64
N GLU E 255 2.88 -20.53 22.53
CA GLU E 255 3.77 -19.39 22.58
C GLU E 255 3.05 -18.17 23.16
N LEU E 256 1.82 -17.93 22.67
CA LEU E 256 1.02 -16.81 23.16
C LEU E 256 0.63 -16.98 24.63
N GLU E 257 0.29 -18.20 25.03
CA GLU E 257 -0.09 -18.50 26.42
C GLU E 257 1.06 -18.17 27.36
N ARG E 258 2.27 -18.44 26.89
CA ARG E 258 3.50 -18.20 27.62
C ARG E 258 3.69 -16.69 27.64
N GLN E 259 3.64 -16.11 26.44
CA GLN E 259 3.79 -14.67 26.23
C GLN E 259 2.91 -13.83 27.14
N TYR E 260 1.78 -14.35 27.56
CA TYR E 260 0.91 -13.61 28.46
C TYR E 260 0.83 -14.20 29.84
N GLU E 261 1.73 -15.12 30.13
CA GLU E 261 1.83 -15.77 31.44
C GLU E 261 0.98 -15.19 32.58
N GLY E 262 1.39 -14.05 33.14
CA GLY E 262 0.64 -13.48 34.25
C GLY E 262 -0.26 -12.27 34.03
N LYS E 263 -0.58 -11.97 32.78
CA LYS E 263 -1.41 -10.81 32.46
C LYS E 263 -2.91 -11.11 32.26
N GLY E 264 -3.73 -10.10 32.57
CA GLY E 264 -5.17 -10.20 32.44
C GLY E 264 -5.60 -9.91 31.01
N TYR E 265 -6.90 -10.08 30.74
CA TYR E 265 -7.44 -9.86 29.40
C TYR E 265 -7.32 -8.43 28.88
N GLY E 266 -7.09 -7.48 29.78
CA GLY E 266 -6.93 -6.09 29.36
C GLY E 266 -5.90 -5.92 28.26
N VAL E 267 -4.63 -6.14 28.58
CA VAL E 267 -3.55 -6.01 27.60
C VAL E 267 -3.71 -6.95 26.42
N PHE E 268 -4.19 -8.16 26.68
CA PHE E 268 -4.39 -9.14 25.65
C PHE E 268 -5.31 -8.59 24.54
N LYS E 269 -6.49 -8.12 24.93
CA LYS E 269 -7.42 -7.57 23.95
C LYS E 269 -6.73 -6.40 23.27
N ALA E 270 -6.09 -5.55 24.07
CA ALA E 270 -5.37 -4.41 23.53
C ALA E 270 -4.44 -4.87 22.39
N ASP E 271 -3.58 -5.84 22.67
CA ASP E 271 -2.65 -6.36 21.65
C ASP E 271 -3.41 -6.95 20.47
N LEU E 272 -4.39 -7.81 20.75
CA LEU E 272 -5.17 -8.43 19.68
C LEU E 272 -5.78 -7.37 18.77
N ALA E 273 -6.27 -6.30 19.39
CA ALA E 273 -6.88 -5.20 18.65
C ALA E 273 -5.95 -4.69 17.55
N GLN E 274 -4.68 -4.52 17.87
CA GLN E 274 -3.75 -4.01 16.89
C GLN E 274 -3.33 -5.00 15.81
N VAL E 275 -3.13 -6.26 16.17
CA VAL E 275 -2.73 -7.24 15.16
C VAL E 275 -3.85 -7.41 14.12
N VAL E 276 -5.11 -7.32 14.56
CA VAL E 276 -6.25 -7.42 13.65
C VAL E 276 -6.23 -6.22 12.72
N ILE E 277 -6.13 -5.02 13.31
CA ILE E 277 -6.10 -3.76 12.55
C ILE E 277 -4.94 -3.67 11.56
N GLU E 278 -3.79 -4.21 11.96
CA GLU E 278 -2.59 -4.21 11.12
C GLU E 278 -2.84 -5.07 9.88
N THR E 279 -3.42 -6.25 10.10
CA THR E 279 -3.73 -7.17 9.02
C THR E 279 -4.72 -6.63 8.00
N LEU E 280 -5.79 -6.01 8.51
CA LEU E 280 -6.85 -5.48 7.66
C LEU E 280 -6.52 -4.19 6.90
N ARG E 281 -5.70 -3.34 7.51
CA ARG E 281 -5.31 -2.06 6.92
C ARG E 281 -4.94 -2.13 5.41
N PRO E 282 -3.92 -2.91 5.04
CA PRO E 282 -3.54 -3.00 3.61
C PRO E 282 -4.63 -3.54 2.70
N ILE E 283 -5.48 -4.40 3.25
CA ILE E 283 -6.56 -4.99 2.47
C ILE E 283 -7.53 -3.87 2.14
N GLN E 284 -8.02 -3.18 3.16
CA GLN E 284 -8.97 -2.07 2.97
C GLN E 284 -8.37 -1.02 2.04
N GLU E 285 -7.06 -0.86 2.07
CA GLU E 285 -6.42 0.09 1.19
C GLU E 285 -6.55 -0.42 -0.22
N ARG E 286 -6.02 -1.62 -0.46
CA ARG E 286 -6.10 -2.20 -1.80
C ARG E 286 -7.53 -2.28 -2.30
N TYR E 287 -8.47 -2.53 -1.39
CA TYR E 287 -9.90 -2.64 -1.74
C TYR E 287 -10.36 -1.37 -2.44
N HIS E 288 -10.13 -0.23 -1.79
CA HIS E 288 -10.52 1.04 -2.35
C HIS E 288 -9.85 1.39 -3.67
N HIS E 289 -8.60 0.99 -3.84
CA HIS E 289 -7.89 1.28 -5.11
C HIS E 289 -8.65 0.56 -6.21
N TRP E 290 -9.06 -0.68 -5.93
CA TRP E 290 -9.80 -1.47 -6.91
C TRP E 290 -11.19 -0.92 -7.24
N MET E 291 -11.99 -0.66 -6.21
CA MET E 291 -13.34 -0.14 -6.40
C MET E 291 -13.45 0.99 -7.42
N GLU E 292 -12.62 2.02 -7.24
CA GLU E 292 -12.64 3.18 -8.13
C GLU E 292 -11.86 2.99 -9.42
N SER E 293 -11.05 1.95 -9.52
CA SER E 293 -10.29 1.69 -10.73
C SER E 293 -11.15 1.03 -11.81
N GLU E 294 -10.99 1.50 -13.05
CA GLU E 294 -11.72 0.97 -14.20
C GLU E 294 -10.99 -0.30 -14.65
N GLU E 295 -9.96 -0.67 -13.92
CA GLU E 295 -9.19 -1.88 -14.22
C GLU E 295 -10.02 -3.05 -13.72
N LEU E 296 -10.81 -2.80 -12.68
CA LEU E 296 -11.66 -3.83 -12.08
C LEU E 296 -12.51 -4.51 -13.13
N ASP E 297 -13.19 -3.71 -13.95
CA ASP E 297 -14.02 -4.26 -14.99
C ASP E 297 -13.21 -5.09 -15.99
N ARG E 298 -12.04 -4.60 -16.36
CA ARG E 298 -11.21 -5.35 -17.29
C ARG E 298 -10.86 -6.72 -16.71
N VAL E 299 -10.51 -6.76 -15.44
CA VAL E 299 -10.17 -8.02 -14.81
C VAL E 299 -11.33 -9.00 -14.91
N LEU E 300 -12.55 -8.48 -14.73
CA LEU E 300 -13.78 -9.28 -14.79
C LEU E 300 -14.16 -9.62 -16.23
N ASP E 301 -13.71 -8.83 -17.20
CA ASP E 301 -14.00 -9.13 -18.59
C ASP E 301 -13.14 -10.33 -18.99
N GLU E 302 -11.87 -10.27 -18.60
CA GLU E 302 -10.95 -11.36 -18.91
C GLU E 302 -11.46 -12.66 -18.27
N GLY E 303 -11.78 -12.59 -16.98
CA GLY E 303 -12.27 -13.77 -16.28
C GLY E 303 -13.44 -14.41 -17.03
N ALA E 304 -14.41 -13.58 -17.40
CA ALA E 304 -15.56 -14.09 -18.11
C ALA E 304 -15.09 -14.77 -19.38
N GLU E 305 -14.21 -14.09 -20.12
CA GLU E 305 -13.68 -14.59 -21.39
C GLU E 305 -12.99 -15.96 -21.26
N LYS E 306 -12.13 -16.11 -20.26
CA LYS E 306 -11.42 -17.35 -20.04
C LYS E 306 -12.38 -18.44 -19.58
N ALA E 307 -13.28 -18.09 -18.66
CA ALA E 307 -14.25 -19.04 -18.12
C ALA E 307 -15.23 -19.53 -19.18
N ASN E 308 -15.61 -18.65 -20.09
CA ASN E 308 -16.54 -19.02 -21.14
C ASN E 308 -15.85 -19.93 -22.15
N ARG E 309 -14.55 -19.75 -22.29
CA ARG E 309 -13.75 -20.52 -23.22
C ARG E 309 -13.89 -22.01 -22.90
N VAL E 310 -13.87 -22.34 -21.62
CA VAL E 310 -14.02 -23.73 -21.23
C VAL E 310 -15.49 -24.13 -21.26
N ALA E 311 -16.32 -23.48 -20.45
CA ALA E 311 -17.76 -23.74 -20.39
C ALA E 311 -18.43 -23.87 -21.75
N SER E 312 -18.19 -22.92 -22.65
CA SER E 312 -18.79 -22.99 -23.97
C SER E 312 -18.56 -24.37 -24.56
N GLU E 313 -17.30 -24.78 -24.56
CA GLU E 313 -16.90 -26.06 -25.11
C GLU E 313 -17.65 -27.22 -24.47
N MET E 314 -17.66 -27.24 -23.15
CA MET E 314 -18.30 -28.31 -22.42
C MET E 314 -19.78 -28.45 -22.78
N VAL E 315 -20.47 -27.32 -22.90
CA VAL E 315 -21.88 -27.28 -23.24
C VAL E 315 -22.12 -27.81 -24.64
N ARG E 316 -21.19 -27.49 -25.53
CA ARG E 316 -21.27 -27.91 -26.92
C ARG E 316 -21.19 -29.42 -26.95
N LYS E 317 -20.49 -30.00 -25.98
CA LYS E 317 -20.36 -31.45 -25.90
C LYS E 317 -21.61 -32.06 -25.30
N MET E 318 -22.13 -31.45 -24.24
CA MET E 318 -23.35 -31.94 -23.60
C MET E 318 -24.49 -31.98 -24.61
N GLU E 319 -24.55 -30.98 -25.49
CA GLU E 319 -25.59 -30.96 -26.50
C GLU E 319 -25.44 -32.14 -27.43
N GLN E 320 -24.20 -32.41 -27.84
CA GLN E 320 -23.88 -33.52 -28.71
C GLN E 320 -24.48 -34.80 -28.17
N ALA E 321 -24.25 -35.05 -26.89
CA ALA E 321 -24.75 -36.24 -26.22
C ALA E 321 -26.27 -36.27 -26.07
N MET E 322 -26.83 -35.27 -25.39
CA MET E 322 -28.28 -35.18 -25.18
C MET E 322 -29.05 -35.34 -26.49
N GLY E 323 -28.48 -34.81 -27.56
CA GLY E 323 -29.13 -34.87 -28.86
C GLY E 323 -29.73 -33.54 -29.29
N LEU E 324 -29.29 -32.45 -28.67
CA LEU E 324 -29.84 -31.13 -29.01
C LEU E 324 -29.16 -30.48 -30.20
N GLY E 325 -29.91 -29.63 -30.88
CA GLY E 325 -29.38 -28.90 -32.01
C GLY E 325 -28.84 -29.60 -33.24
N ARG E 326 -27.69 -29.15 -33.71
CA ARG E 326 -27.07 -29.70 -34.91
C ARG E 326 -25.59 -30.07 -34.77
N MET F 1 36.63 14.60 3.09
CA MET F 1 36.54 13.19 2.64
C MET F 1 36.27 13.20 1.15
N LYS F 2 36.65 12.14 0.45
CA LYS F 2 36.41 12.04 -0.98
C LYS F 2 34.97 11.55 -1.18
N THR F 3 34.47 11.59 -2.40
CA THR F 3 33.11 11.14 -2.67
C THR F 3 33.12 9.88 -3.49
N ILE F 4 32.34 8.89 -3.06
CA ILE F 4 32.25 7.64 -3.80
C ILE F 4 30.86 7.57 -4.41
N PHE F 5 30.78 7.20 -5.68
CA PHE F 5 29.48 7.08 -6.33
C PHE F 5 29.31 5.70 -6.95
N SER F 6 28.33 4.95 -6.46
CA SER F 6 28.07 3.60 -6.93
C SER F 6 26.69 3.48 -7.60
N GLY F 7 26.69 3.08 -8.86
CA GLY F 7 25.46 2.90 -9.60
C GLY F 7 25.09 1.43 -9.55
N ILE F 8 23.89 1.16 -9.03
CA ILE F 8 23.40 -0.20 -8.90
C ILE F 8 22.30 -0.52 -9.91
N GLN F 9 22.50 -1.57 -10.70
CA GLN F 9 21.52 -2.00 -11.67
C GLN F 9 20.37 -2.68 -10.92
N PRO F 10 19.13 -2.31 -11.24
CA PRO F 10 18.01 -2.95 -10.55
C PRO F 10 17.76 -4.36 -11.07
N SER F 11 17.91 -5.32 -10.16
CA SER F 11 17.69 -6.74 -10.46
C SER F 11 17.38 -7.59 -9.22
N GLY F 12 17.28 -6.96 -8.06
CA GLY F 12 16.97 -7.70 -6.84
C GLY F 12 17.75 -8.97 -6.52
N VAL F 13 18.72 -9.33 -7.36
CA VAL F 13 19.51 -10.53 -7.11
C VAL F 13 21.01 -10.30 -7.07
N ILE F 14 21.58 -10.27 -5.87
CA ILE F 14 23.02 -10.06 -5.72
C ILE F 14 23.72 -11.27 -5.09
N THR F 15 24.69 -11.81 -5.81
CA THR F 15 25.43 -12.97 -5.35
C THR F 15 26.27 -12.73 -4.11
N ILE F 16 26.62 -13.81 -3.43
CA ILE F 16 27.43 -13.73 -2.24
C ILE F 16 28.85 -13.30 -2.64
N GLY F 17 29.11 -13.26 -3.95
CA GLY F 17 30.40 -12.84 -4.43
C GLY F 17 30.42 -11.32 -4.58
N ASN F 18 29.26 -10.73 -4.87
CA ASN F 18 29.13 -9.30 -5.01
C ASN F 18 29.23 -8.75 -3.59
N TYR F 19 28.59 -9.44 -2.65
CA TYR F 19 28.61 -9.04 -1.25
C TYR F 19 30.05 -9.05 -0.74
N ILE F 20 30.67 -10.21 -0.80
CA ILE F 20 32.05 -10.41 -0.37
C ILE F 20 33.03 -9.46 -1.07
N GLY F 21 32.87 -9.27 -2.37
CA GLY F 21 33.76 -8.42 -3.13
C GLY F 21 33.52 -6.92 -3.22
N ALA F 22 32.37 -6.44 -2.79
CA ALA F 22 32.07 -4.99 -2.85
C ALA F 22 31.19 -4.49 -1.71
N LEU F 23 29.90 -4.79 -1.77
CA LEU F 23 28.98 -4.34 -0.73
C LEU F 23 29.48 -4.43 0.69
N ARG F 24 30.01 -5.57 1.09
CA ARG F 24 30.45 -5.70 2.48
C ARG F 24 31.44 -4.64 2.91
N GLN F 25 32.17 -4.09 1.95
CA GLN F 25 33.16 -3.07 2.24
C GLN F 25 32.49 -1.70 2.50
N PHE F 26 31.50 -1.36 1.68
CA PHE F 26 30.77 -0.09 1.82
C PHE F 26 30.03 0.08 3.16
N VAL F 27 29.66 -1.01 3.81
CA VAL F 27 28.97 -0.90 5.09
C VAL F 27 29.93 -0.23 6.06
N GLU F 28 31.21 -0.33 5.77
CA GLU F 28 32.24 0.27 6.60
C GLU F 28 32.59 1.67 6.07
N LEU F 29 33.14 1.70 4.86
CA LEU F 29 33.55 2.94 4.19
C LEU F 29 32.53 4.06 4.20
N GLN F 30 31.27 3.73 4.41
CA GLN F 30 30.25 4.76 4.39
C GLN F 30 30.47 5.80 5.49
N HIS F 31 31.40 5.52 6.40
CA HIS F 31 31.69 6.45 7.50
C HIS F 31 32.96 7.25 7.27
N GLU F 32 33.70 6.89 6.22
CA GLU F 32 34.96 7.58 5.90
C GLU F 32 34.83 8.47 4.67
N TYR F 33 34.01 8.07 3.72
CA TYR F 33 33.81 8.83 2.49
C TYR F 33 32.37 9.31 2.44
N ASN F 34 32.03 10.07 1.41
CA ASN F 34 30.66 10.54 1.25
C ASN F 34 30.17 9.74 0.06
N CYS F 35 29.42 8.69 0.36
CA CYS F 35 28.91 7.76 -0.64
C CYS F 35 27.53 8.00 -1.23
N TYR F 36 27.45 7.76 -2.54
CA TYR F 36 26.21 7.90 -3.30
C TYR F 36 25.91 6.53 -3.95
N PHE F 37 24.77 5.95 -3.56
CA PHE F 37 24.32 4.67 -4.09
C PHE F 37 23.05 4.93 -4.85
N CYS F 38 23.19 4.94 -6.16
CA CYS F 38 22.06 5.22 -7.03
C CYS F 38 21.51 3.99 -7.76
N ILE F 39 20.21 3.71 -7.62
CA ILE F 39 19.57 2.59 -8.32
C ILE F 39 19.24 3.06 -9.75
N VAL F 40 20.10 2.73 -10.71
CA VAL F 40 19.93 3.18 -12.09
C VAL F 40 18.85 2.64 -13.02
N ASP F 41 17.60 2.77 -12.61
CA ASP F 41 16.49 2.31 -13.45
C ASP F 41 16.46 2.89 -14.86
N GLN F 42 16.90 4.13 -15.04
CA GLN F 42 16.90 4.71 -16.39
C GLN F 42 17.91 4.01 -17.27
N HIS F 43 18.82 3.29 -16.64
CA HIS F 43 19.83 2.54 -17.35
C HIS F 43 19.26 1.16 -17.65
N ALA F 44 18.53 0.63 -16.67
CA ALA F 44 17.89 -0.67 -16.80
C ALA F 44 17.03 -0.73 -18.06
N ILE F 45 16.39 0.39 -18.37
CA ILE F 45 15.49 0.51 -19.51
C ILE F 45 16.09 0.51 -20.92
N THR F 46 17.36 0.18 -21.04
CA THR F 46 17.99 0.15 -22.35
C THR F 46 17.77 -1.22 -23.00
N VAL F 47 17.28 -2.17 -22.19
CA VAL F 47 16.97 -3.53 -22.61
C VAL F 47 15.51 -3.81 -22.19
N TRP F 48 14.85 -4.78 -22.83
CA TRP F 48 13.48 -5.07 -22.45
C TRP F 48 13.38 -5.14 -20.94
N GLN F 49 12.23 -4.78 -20.40
CA GLN F 49 11.99 -4.83 -18.97
C GLN F 49 10.49 -4.95 -18.76
N ASP F 50 10.09 -5.72 -17.77
CA ASP F 50 8.67 -5.84 -17.52
C ASP F 50 8.41 -4.82 -16.42
N PRO F 51 7.62 -3.80 -16.76
CA PRO F 51 7.27 -2.73 -15.83
C PRO F 51 7.01 -3.18 -14.40
N HIS F 52 6.36 -4.33 -14.21
CA HIS F 52 6.09 -4.77 -12.84
C HIS F 52 7.36 -5.29 -12.19
N GLU F 53 8.15 -6.02 -12.97
CA GLU F 53 9.39 -6.57 -12.47
C GLU F 53 10.39 -5.47 -12.18
N LEU F 54 10.68 -4.65 -13.19
CA LEU F 54 11.61 -3.54 -13.01
C LEU F 54 11.19 -2.76 -11.77
N ARG F 55 9.92 -2.35 -11.74
CA ARG F 55 9.38 -1.59 -10.62
C ARG F 55 9.68 -2.35 -9.31
N GLN F 56 9.45 -3.65 -9.34
CA GLN F 56 9.65 -4.53 -8.18
C GLN F 56 11.10 -4.70 -7.71
N ASN F 57 12.02 -4.82 -8.68
CA ASN F 57 13.44 -5.00 -8.39
C ASN F 57 14.06 -3.81 -7.71
N ILE F 58 13.66 -2.62 -8.15
CA ILE F 58 14.13 -1.38 -7.58
C ILE F 58 13.89 -1.40 -6.06
N ARG F 59 12.67 -1.74 -5.63
CA ARG F 59 12.38 -1.80 -4.19
C ARG F 59 13.19 -2.92 -3.55
N ARG F 60 13.31 -4.04 -4.26
CA ARG F 60 14.07 -5.16 -3.72
C ARG F 60 15.51 -4.74 -3.44
N LEU F 61 16.10 -4.06 -4.41
CA LEU F 61 17.47 -3.59 -4.33
C LEU F 61 17.71 -2.61 -3.18
N ALA F 62 16.81 -1.65 -3.04
CA ALA F 62 16.93 -0.68 -1.97
C ALA F 62 16.86 -1.39 -0.61
N ALA F 63 15.88 -2.28 -0.46
CA ALA F 63 15.72 -3.02 0.80
C ALA F 63 16.98 -3.87 1.07
N LEU F 64 17.52 -4.47 0.02
CA LEU F 64 18.71 -5.29 0.17
C LEU F 64 19.87 -4.45 0.72
N TYR F 65 20.17 -3.33 0.06
CA TYR F 65 21.26 -2.46 0.51
C TYR F 65 21.12 -1.98 1.96
N LEU F 66 19.91 -1.60 2.35
CA LEU F 66 19.66 -1.15 3.71
C LEU F 66 19.86 -2.35 4.66
N ALA F 67 19.30 -3.50 4.24
CA ALA F 67 19.41 -4.74 5.01
C ALA F 67 20.88 -5.13 5.22
N VAL F 68 21.67 -4.99 4.17
CA VAL F 68 23.10 -5.31 4.19
C VAL F 68 23.86 -4.38 5.13
N GLY F 69 23.28 -3.21 5.41
CA GLY F 69 23.94 -2.28 6.31
C GLY F 69 24.13 -0.84 5.87
N ILE F 70 23.71 -0.49 4.66
CA ILE F 70 23.86 0.87 4.20
C ILE F 70 23.04 1.81 5.05
N ASP F 71 23.73 2.63 5.86
CA ASP F 71 23.09 3.60 6.75
C ASP F 71 22.52 4.75 5.91
N PRO F 72 21.18 4.86 5.81
CA PRO F 72 20.57 5.92 5.01
C PRO F 72 20.94 7.35 5.40
N THR F 73 21.26 7.58 6.67
CA THR F 73 21.62 8.92 7.12
C THR F 73 23.03 9.30 6.68
N GLN F 74 23.92 8.32 6.78
CA GLN F 74 25.32 8.47 6.42
C GLN F 74 25.53 8.54 4.91
N ALA F 75 24.84 7.66 4.22
CA ALA F 75 24.95 7.57 2.77
C ALA F 75 23.68 7.94 2.08
N THR F 76 23.80 8.41 0.84
CA THR F 76 22.64 8.80 0.08
C THR F 76 22.26 7.66 -0.87
N LEU F 77 21.10 7.07 -0.60
CA LEU F 77 20.55 5.98 -1.39
C LEU F 77 19.32 6.59 -2.07
N PHE F 78 19.29 6.54 -3.40
CA PHE F 78 18.16 7.11 -4.13
C PHE F 78 17.97 6.47 -5.51
N ILE F 79 16.82 6.74 -6.12
CA ILE F 79 16.50 6.19 -7.44
C ILE F 79 16.86 7.23 -8.49
N GLN F 80 17.65 6.81 -9.48
CA GLN F 80 18.08 7.72 -10.52
C GLN F 80 16.98 8.62 -11.10
N SER F 81 15.98 8.02 -11.76
CA SER F 81 14.91 8.78 -12.41
C SER F 81 14.21 9.86 -11.57
N GLU F 82 14.23 9.71 -10.25
CA GLU F 82 13.62 10.68 -9.33
C GLU F 82 14.51 11.94 -9.14
N VAL F 83 15.56 12.03 -9.95
CA VAL F 83 16.47 13.17 -9.92
C VAL F 83 16.68 13.56 -11.39
N PRO F 84 15.81 14.42 -11.93
CA PRO F 84 15.84 14.87 -13.33
C PRO F 84 17.16 15.41 -13.84
N ALA F 85 18.03 15.81 -12.92
CA ALA F 85 19.33 16.36 -13.32
C ALA F 85 20.06 15.41 -14.26
N HIS F 86 20.05 14.12 -13.91
CA HIS F 86 20.72 13.11 -14.73
C HIS F 86 20.36 13.16 -16.22
N ALA F 87 19.07 13.14 -16.51
CA ALA F 87 18.65 13.18 -17.89
C ALA F 87 19.01 14.52 -18.52
N GLN F 88 19.06 15.56 -17.70
CA GLN F 88 19.43 16.89 -18.20
C GLN F 88 20.91 16.93 -18.53
N ALA F 89 21.73 16.48 -17.58
CA ALA F 89 23.19 16.43 -17.75
C ALA F 89 23.50 15.54 -18.92
N ALA F 90 22.80 14.41 -18.95
CA ALA F 90 22.98 13.40 -20.00
C ALA F 90 22.81 13.99 -21.38
N TRP F 91 21.87 14.91 -21.54
CA TRP F 91 21.69 15.47 -22.87
C TRP F 91 22.80 16.45 -23.26
N MET F 92 23.28 17.20 -22.29
CA MET F 92 24.35 18.17 -22.55
C MET F 92 25.62 17.44 -22.92
N LEU F 93 25.99 16.46 -22.09
CA LEU F 93 27.19 15.66 -22.34
C LEU F 93 27.09 14.92 -23.66
N GLN F 94 25.88 14.51 -24.02
CA GLN F 94 25.70 13.81 -25.28
C GLN F 94 26.10 14.72 -26.43
N CYS F 95 26.07 16.02 -26.18
CA CYS F 95 26.42 16.98 -27.22
C CYS F 95 27.91 17.31 -27.35
N ILE F 96 28.73 16.81 -26.43
CA ILE F 96 30.18 17.03 -26.49
C ILE F 96 30.93 15.70 -26.73
N VAL F 97 30.20 14.59 -26.74
CA VAL F 97 30.82 13.29 -26.98
C VAL F 97 30.64 13.05 -28.48
N TYR F 98 31.66 12.54 -29.15
CA TYR F 98 31.55 12.30 -30.59
C TYR F 98 30.97 10.91 -30.80
N ILE F 99 30.17 10.74 -31.86
CA ILE F 99 29.56 9.45 -32.13
C ILE F 99 30.61 8.34 -32.12
N GLY F 100 31.66 8.53 -32.93
CA GLY F 100 32.73 7.57 -33.00
C GLY F 100 33.10 6.98 -31.65
N GLU F 101 33.17 7.81 -30.61
CA GLU F 101 33.53 7.33 -29.28
C GLU F 101 32.55 6.35 -28.70
N LEU F 102 31.28 6.51 -29.04
CA LEU F 102 30.26 5.63 -28.51
C LEU F 102 30.27 4.30 -29.23
N GLU F 103 30.59 4.34 -30.53
CA GLU F 103 30.64 3.14 -31.34
C GLU F 103 31.83 2.25 -31.02
N ARG F 104 32.99 2.86 -30.80
CA ARG F 104 34.18 2.09 -30.48
C ARG F 104 34.08 1.52 -29.08
N MET F 105 32.94 1.70 -28.42
CA MET F 105 32.78 1.21 -27.07
C MET F 105 32.74 -0.31 -26.97
N THR F 106 33.85 -0.88 -26.51
CA THR F 106 34.00 -2.33 -26.33
C THR F 106 32.89 -2.91 -25.45
N GLN F 107 31.71 -3.05 -26.03
CA GLN F 107 30.53 -3.57 -25.35
C GLN F 107 29.43 -3.50 -26.38
N PHE F 108 29.50 -2.45 -27.19
CA PHE F 108 28.54 -2.18 -28.25
C PHE F 108 28.59 -3.27 -29.33
N LYS F 109 29.36 -4.32 -29.08
CA LYS F 109 29.44 -5.41 -30.03
C LYS F 109 28.05 -6.02 -30.04
N GLU F 110 27.30 -5.76 -28.97
CA GLU F 110 25.93 -6.23 -28.80
C GLU F 110 25.03 -5.75 -29.94
N LYS F 111 25.64 -5.18 -30.98
CA LYS F 111 24.89 -4.69 -32.13
C LYS F 111 24.39 -5.86 -32.96
N SER F 112 24.68 -7.07 -32.49
CA SER F 112 24.23 -8.27 -33.16
C SER F 112 24.71 -8.55 -34.58
N ALA F 113 25.98 -8.29 -34.85
CA ALA F 113 26.59 -8.53 -36.15
C ALA F 113 25.76 -7.96 -37.30
N GLY F 114 24.98 -6.94 -36.99
CA GLY F 114 24.13 -6.32 -38.00
C GLY F 114 22.66 -6.60 -37.71
N LYS F 115 22.29 -6.51 -36.43
CA LYS F 115 20.92 -6.75 -35.99
C LYS F 115 20.09 -5.46 -36.10
N GLU F 116 20.76 -4.33 -35.89
CA GLU F 116 20.15 -3.00 -35.95
C GLU F 116 19.08 -2.79 -34.88
N ALA F 117 18.37 -3.86 -34.55
CA ALA F 117 17.29 -3.84 -33.56
C ALA F 117 17.75 -3.63 -32.12
N VAL F 118 18.44 -2.54 -31.87
CA VAL F 118 18.92 -2.22 -30.53
C VAL F 118 18.37 -0.84 -30.14
N SER F 119 18.21 -0.62 -28.84
CA SER F 119 17.72 0.67 -28.34
C SER F 119 18.83 1.69 -28.60
N ALA F 120 18.46 2.89 -29.02
CA ALA F 120 19.46 3.93 -29.25
C ALA F 120 20.11 4.15 -27.89
N GLY F 121 19.34 3.91 -26.84
CA GLY F 121 19.85 4.09 -25.49
C GLY F 121 20.94 3.11 -25.15
N LEU F 122 21.11 2.10 -25.99
CA LEU F 122 22.13 1.11 -25.74
C LEU F 122 23.44 1.73 -26.18
N LEU F 123 23.37 2.54 -27.22
CA LEU F 123 24.52 3.26 -27.75
C LEU F 123 24.86 4.47 -26.87
N THR F 124 23.82 5.18 -26.44
CA THR F 124 23.99 6.40 -25.66
C THR F 124 23.97 6.34 -24.13
N TYR F 125 23.95 5.16 -23.53
CA TYR F 125 23.93 5.17 -22.07
C TYR F 125 25.25 5.62 -21.41
N PRO F 126 26.39 5.63 -22.17
CA PRO F 126 27.63 6.09 -21.55
C PRO F 126 27.46 7.51 -21.00
N PRO F 127 27.04 8.47 -21.86
CA PRO F 127 26.84 9.86 -21.44
C PRO F 127 25.95 10.04 -20.20
N LEU F 128 25.02 9.10 -20.00
CA LEU F 128 24.14 9.17 -18.83
C LEU F 128 24.90 8.58 -17.65
N MET F 129 25.88 7.72 -17.92
CA MET F 129 26.68 7.14 -16.84
C MET F 129 27.66 8.24 -16.42
N ALA F 130 28.21 8.93 -17.42
CA ALA F 130 29.11 10.06 -17.21
C ALA F 130 28.37 11.08 -16.32
N ALA F 131 27.13 11.37 -16.70
CA ALA F 131 26.27 12.30 -15.96
C ALA F 131 26.03 11.84 -14.52
N ASP F 132 25.80 10.55 -14.30
CA ASP F 132 25.53 10.07 -12.93
C ASP F 132 26.74 10.32 -12.05
N ILE F 133 27.92 10.20 -12.63
CA ILE F 133 29.15 10.39 -11.90
C ILE F 133 29.49 11.87 -11.70
N LEU F 134 29.66 12.58 -12.81
CA LEU F 134 30.04 13.99 -12.76
C LEU F 134 29.14 14.94 -11.97
N LEU F 135 27.84 14.68 -11.92
CA LEU F 135 26.94 15.58 -11.19
C LEU F 135 27.21 15.70 -9.71
N TYR F 136 28.06 14.84 -9.15
CA TYR F 136 28.32 14.91 -7.70
C TYR F 136 29.79 15.14 -7.31
N ASN F 137 30.59 15.60 -8.26
CA ASN F 137 32.02 15.84 -8.05
C ASN F 137 32.58 14.63 -7.29
N THR F 138 32.28 13.47 -7.84
CA THR F 138 32.70 12.22 -7.24
C THR F 138 34.17 11.98 -7.57
N ASP F 139 34.92 11.57 -6.56
CA ASP F 139 36.35 11.32 -6.68
C ASP F 139 36.58 9.87 -7.09
N ILE F 140 35.98 8.95 -6.35
CA ILE F 140 36.15 7.54 -6.59
C ILE F 140 34.87 6.84 -7.06
N VAL F 141 35.00 5.99 -8.07
CA VAL F 141 33.88 5.22 -8.59
C VAL F 141 34.27 3.73 -8.50
N PRO F 142 33.68 2.97 -7.57
CA PRO F 142 34.05 1.55 -7.49
C PRO F 142 33.42 0.70 -8.61
N VAL F 143 34.20 0.41 -9.64
CA VAL F 143 33.68 -0.39 -10.74
C VAL F 143 34.61 -1.52 -11.16
N GLY F 144 33.99 -2.56 -11.71
CA GLY F 144 34.69 -3.74 -12.16
C GLY F 144 35.68 -3.49 -13.28
N GLU F 145 36.42 -4.54 -13.63
CA GLU F 145 37.42 -4.45 -14.68
C GLU F 145 36.76 -4.09 -16.01
N ASP F 146 35.54 -4.58 -16.17
CA ASP F 146 34.75 -4.36 -17.38
C ASP F 146 34.29 -2.91 -17.55
N GLN F 147 33.76 -2.34 -16.47
CA GLN F 147 33.29 -0.96 -16.49
C GLN F 147 34.40 0.08 -16.66
N LYS F 148 35.65 -0.33 -16.47
CA LYS F 148 36.79 0.57 -16.59
C LYS F 148 36.74 1.45 -17.84
N GLN F 149 36.36 0.86 -18.96
CA GLN F 149 36.32 1.61 -20.19
C GLN F 149 35.28 2.72 -20.21
N HIS F 150 34.27 2.60 -19.34
CA HIS F 150 33.25 3.63 -19.29
C HIS F 150 33.74 4.80 -18.45
N ILE F 151 34.46 4.48 -17.38
CA ILE F 151 35.03 5.50 -16.53
C ILE F 151 36.00 6.34 -17.36
N GLU F 152 36.85 5.67 -18.13
CA GLU F 152 37.82 6.37 -18.94
C GLU F 152 37.15 7.38 -19.84
N LEU F 153 36.01 7.01 -20.39
CA LEU F 153 35.29 7.92 -21.26
C LEU F 153 34.74 9.09 -20.46
N THR F 154 34.18 8.82 -19.29
CA THR F 154 33.62 9.92 -18.52
C THR F 154 34.71 10.93 -18.17
N ARG F 155 35.93 10.43 -17.97
CA ARG F 155 37.06 11.29 -17.67
C ARG F 155 37.31 12.21 -18.87
N ASP F 156 37.36 11.61 -20.05
CA ASP F 156 37.57 12.36 -21.27
C ASP F 156 36.55 13.50 -21.46
N LEU F 157 35.32 13.27 -21.01
CA LEU F 157 34.27 14.27 -21.18
C LEU F 157 34.41 15.37 -20.14
N ALA F 158 34.60 14.99 -18.89
CA ALA F 158 34.75 15.98 -17.82
C ALA F 158 35.84 16.98 -18.17
N GLU F 159 36.96 16.49 -18.67
CA GLU F 159 38.05 17.37 -19.02
C GLU F 159 37.75 18.17 -20.28
N ARG F 160 37.13 17.51 -21.26
CA ARG F 160 36.78 18.18 -22.51
C ARG F 160 35.84 19.33 -22.19
N PHE F 161 34.92 19.08 -21.25
CA PHE F 161 33.99 20.10 -20.84
C PHE F 161 34.83 21.15 -20.11
N ASN F 162 35.56 20.73 -19.07
CA ASN F 162 36.43 21.63 -18.31
C ASN F 162 37.29 22.54 -19.23
N LYS F 163 37.81 22.00 -20.33
CA LYS F 163 38.62 22.83 -21.21
C LYS F 163 37.87 23.85 -22.05
N ARG F 164 36.69 23.48 -22.56
CA ARG F 164 35.91 24.41 -23.39
C ARG F 164 35.31 25.53 -22.55
N TYR F 165 34.77 25.17 -21.39
CA TYR F 165 34.11 26.14 -20.55
C TYR F 165 34.81 26.57 -19.27
N GLY F 166 35.58 25.67 -18.65
CA GLY F 166 36.26 26.03 -17.42
C GLY F 166 36.22 24.94 -16.37
N GLU F 167 37.21 24.94 -15.49
CA GLU F 167 37.25 23.92 -14.44
C GLU F 167 35.90 23.87 -13.77
N LEU F 168 35.24 22.72 -13.87
CA LEU F 168 33.94 22.53 -13.27
C LEU F 168 33.81 21.12 -12.66
N PHE F 169 34.13 20.10 -13.45
CA PHE F 169 34.05 18.72 -12.99
C PHE F 169 35.35 18.18 -12.46
N THR F 170 35.23 17.30 -11.48
CA THR F 170 36.37 16.63 -10.88
C THR F 170 36.64 15.38 -11.72
N ILE F 171 37.81 15.29 -12.36
CA ILE F 171 38.13 14.07 -13.13
C ILE F 171 38.10 12.95 -12.06
N PRO F 172 37.28 11.89 -12.26
CA PRO F 172 37.21 10.81 -11.27
C PRO F 172 38.14 9.63 -11.52
N GLU F 173 38.29 8.82 -10.47
CA GLU F 173 39.17 7.66 -10.49
C GLU F 173 38.35 6.38 -10.30
N ALA F 174 38.80 5.32 -10.96
CA ALA F 174 38.14 4.03 -10.86
C ALA F 174 38.96 3.17 -9.91
N ARG F 175 38.44 2.92 -8.71
CA ARG F 175 39.15 2.10 -7.75
C ARG F 175 38.58 0.69 -7.73
N ILE F 176 39.34 -0.22 -8.35
CA ILE F 176 39.02 -1.64 -8.52
C ILE F 176 39.04 -2.57 -7.29
N PRO F 177 38.08 -3.50 -7.21
CA PRO F 177 37.95 -4.48 -6.12
C PRO F 177 39.11 -5.48 -6.01
N LYS F 178 39.14 -6.19 -4.88
CA LYS F 178 40.20 -7.13 -4.54
C LYS F 178 40.20 -8.55 -5.18
N VAL F 179 41.12 -8.77 -6.14
CA VAL F 179 41.25 -10.05 -6.86
C VAL F 179 41.94 -11.19 -6.09
N GLY F 180 41.87 -11.13 -4.77
CA GLY F 180 42.45 -12.16 -3.94
C GLY F 180 41.23 -12.81 -3.29
N ALA F 181 40.16 -12.02 -3.32
CA ALA F 181 38.86 -12.39 -2.78
C ALA F 181 37.86 -12.59 -3.92
N ARG F 182 38.40 -12.80 -5.12
CA ARG F 182 37.58 -13.04 -6.30
C ARG F 182 36.95 -14.41 -6.13
N ILE F 183 35.64 -14.41 -5.93
CA ILE F 183 34.89 -15.64 -5.75
C ILE F 183 34.47 -16.21 -7.10
N MET F 184 34.80 -17.47 -7.35
CA MET F 184 34.46 -18.14 -8.60
C MET F 184 33.13 -18.92 -8.56
N SER F 185 32.71 -19.41 -9.72
CA SER F 185 31.49 -20.20 -9.89
C SER F 185 31.63 -21.54 -9.15
N LEU F 186 30.56 -21.97 -8.51
CA LEU F 186 30.56 -23.21 -7.77
C LEU F 186 30.67 -24.45 -8.68
N VAL F 187 30.20 -24.33 -9.91
CA VAL F 187 30.28 -25.47 -10.83
C VAL F 187 31.45 -25.37 -11.79
N ASP F 188 31.83 -24.17 -12.19
CA ASP F 188 33.00 -24.01 -13.05
C ASP F 188 33.87 -23.04 -12.25
N PRO F 189 34.89 -23.57 -11.54
CA PRO F 189 35.76 -22.69 -10.76
C PRO F 189 36.83 -21.93 -11.51
N THR F 190 36.74 -21.92 -12.83
CA THR F 190 37.72 -21.19 -13.62
C THR F 190 37.01 -19.92 -14.02
N LYS F 191 35.69 -20.02 -14.05
CA LYS F 191 34.81 -18.92 -14.42
C LYS F 191 34.40 -18.18 -13.14
N LYS F 192 34.16 -16.88 -13.25
CA LYS F 192 33.77 -16.07 -12.10
C LYS F 192 32.28 -16.21 -11.73
N MET F 193 31.98 -16.17 -10.44
CA MET F 193 30.60 -16.29 -10.00
C MET F 193 29.83 -15.10 -10.53
N SER F 194 28.69 -15.33 -11.16
CA SER F 194 27.88 -14.22 -11.66
C SER F 194 26.40 -14.47 -11.52
N LYS F 195 25.63 -13.39 -11.50
CA LYS F 195 24.18 -13.46 -11.40
C LYS F 195 23.66 -13.92 -12.75
N SER F 196 24.43 -13.64 -13.80
CA SER F 196 24.08 -14.00 -15.16
C SER F 196 24.56 -15.37 -15.62
N ASP F 197 24.96 -16.22 -14.68
CA ASP F 197 25.42 -17.57 -15.04
C ASP F 197 24.13 -18.35 -15.30
N PRO F 198 24.04 -19.03 -16.46
CA PRO F 198 22.83 -19.81 -16.75
C PRO F 198 22.52 -20.94 -15.76
N ASN F 199 23.53 -21.44 -15.07
CA ASN F 199 23.28 -22.49 -14.10
C ASN F 199 23.18 -21.93 -12.67
N PRO F 200 21.96 -21.85 -12.11
CA PRO F 200 21.66 -21.35 -10.75
C PRO F 200 22.45 -21.98 -9.63
N LYS F 201 23.08 -23.11 -9.93
CA LYS F 201 23.88 -23.87 -8.97
C LYS F 201 25.26 -23.19 -8.81
N ALA F 202 25.60 -22.33 -9.77
CA ALA F 202 26.89 -21.63 -9.80
C ALA F 202 27.01 -20.42 -8.87
N TYR F 203 25.92 -20.02 -8.25
CA TYR F 203 25.94 -18.86 -7.36
C TYR F 203 24.94 -18.93 -6.23
N ILE F 204 25.30 -18.30 -5.12
CA ILE F 204 24.45 -18.24 -3.95
C ILE F 204 24.00 -16.81 -3.77
N THR F 205 22.70 -16.57 -3.92
CA THR F 205 22.11 -15.25 -3.74
C THR F 205 21.96 -14.96 -2.25
N LEU F 206 22.05 -13.69 -1.87
CA LEU F 206 21.91 -13.34 -0.46
C LEU F 206 20.54 -13.81 0.02
N LEU F 207 19.62 -13.97 -0.93
CA LEU F 207 18.28 -14.41 -0.58
C LEU F 207 18.04 -15.90 -0.74
N ASP F 208 19.08 -16.67 -1.04
CA ASP F 208 18.90 -18.11 -1.15
C ASP F 208 18.56 -18.60 0.26
N ASP F 209 17.63 -19.55 0.35
CA ASP F 209 17.19 -20.10 1.62
C ASP F 209 18.08 -21.27 2.04
N ALA F 210 18.16 -21.49 3.35
CA ALA F 210 18.97 -22.55 3.94
C ALA F 210 19.03 -23.80 3.08
N LYS F 211 17.86 -24.34 2.76
CA LYS F 211 17.78 -25.55 1.94
C LYS F 211 18.49 -25.43 0.60
N THR F 212 18.37 -24.27 -0.05
CA THR F 212 18.99 -24.07 -1.34
C THR F 212 20.51 -23.88 -1.25
N ILE F 213 20.95 -23.29 -0.14
CA ILE F 213 22.37 -23.06 0.08
C ILE F 213 23.00 -24.42 0.34
N GLU F 214 22.42 -25.14 1.30
CA GLU F 214 22.88 -26.47 1.65
C GLU F 214 23.06 -27.32 0.38
N LYS F 215 22.02 -27.35 -0.45
CA LYS F 215 22.03 -28.11 -1.69
C LYS F 215 23.10 -27.64 -2.68
N LYS F 216 23.46 -26.37 -2.62
CA LYS F 216 24.45 -25.79 -3.51
C LYS F 216 25.90 -25.98 -3.05
N ILE F 217 26.13 -25.91 -1.75
CA ILE F 217 27.48 -26.11 -1.21
C ILE F 217 27.82 -27.59 -1.43
N LYS F 218 26.77 -28.40 -1.53
CA LYS F 218 26.92 -29.83 -1.77
C LYS F 218 27.45 -30.02 -3.18
N SER F 219 26.73 -29.51 -4.17
CA SER F 219 27.09 -29.61 -5.58
C SER F 219 28.40 -28.91 -5.94
N ALA F 220 28.94 -28.10 -5.02
CA ALA F 220 30.19 -27.38 -5.27
C ALA F 220 31.23 -28.34 -5.78
N VAL F 221 31.72 -28.14 -7.00
CA VAL F 221 32.72 -29.06 -7.50
C VAL F 221 33.95 -28.96 -6.62
N THR F 222 34.54 -30.12 -6.36
CA THR F 222 35.74 -30.23 -5.57
C THR F 222 36.74 -31.00 -6.44
N ASP F 223 37.61 -31.79 -5.82
CA ASP F 223 38.56 -32.59 -6.58
C ASP F 223 38.66 -33.99 -5.99
N SER F 224 39.60 -34.79 -6.51
CA SER F 224 39.77 -36.16 -6.03
C SER F 224 40.92 -36.36 -5.06
N GLU F 225 41.86 -35.41 -4.99
CA GLU F 225 42.97 -35.56 -4.06
C GLU F 225 42.40 -35.72 -2.65
N GLY F 226 41.17 -35.26 -2.47
CA GLY F 226 40.51 -35.37 -1.18
C GLY F 226 41.07 -34.57 0.00
N THR F 227 42.13 -33.80 -0.19
CA THR F 227 42.68 -33.04 0.93
C THR F 227 42.36 -31.55 0.84
N ILE F 228 42.08 -30.94 1.99
CA ILE F 228 41.74 -29.51 2.08
C ILE F 228 43.03 -28.72 2.16
N ARG F 229 43.44 -28.22 1.01
CA ARG F 229 44.67 -27.48 0.86
C ARG F 229 44.44 -26.47 -0.25
N TYR F 230 45.10 -25.31 -0.18
CA TYR F 230 44.92 -24.30 -1.22
C TYR F 230 45.76 -24.65 -2.45
N ASP F 231 45.28 -24.29 -3.63
CA ASP F 231 45.98 -24.57 -4.87
C ASP F 231 45.27 -23.79 -5.97
N LYS F 232 45.86 -22.70 -6.46
CA LYS F 232 45.21 -21.94 -7.53
C LYS F 232 44.83 -22.93 -8.65
N GLU F 233 45.83 -23.42 -9.38
CA GLU F 233 45.57 -24.42 -10.43
C GLU F 233 45.56 -25.74 -9.66
N ALA F 234 45.35 -26.86 -10.33
CA ALA F 234 45.28 -28.17 -9.67
C ALA F 234 43.98 -28.32 -8.89
N LYS F 235 43.89 -27.68 -7.73
CA LYS F 235 42.68 -27.75 -6.88
C LYS F 235 41.89 -26.42 -6.84
N PRO F 236 41.16 -26.09 -7.91
CA PRO F 236 40.40 -24.83 -7.92
C PRO F 236 39.24 -24.84 -6.93
N GLY F 237 38.28 -25.70 -7.22
CA GLY F 237 37.09 -25.84 -6.40
C GLY F 237 37.27 -25.70 -4.89
N ILE F 238 38.25 -26.41 -4.34
CA ILE F 238 38.50 -26.34 -2.91
C ILE F 238 39.10 -24.99 -2.52
N SER F 239 39.84 -24.39 -3.44
CA SER F 239 40.46 -23.10 -3.15
C SER F 239 39.37 -22.04 -3.08
N ASN F 240 38.43 -22.10 -4.01
CA ASN F 240 37.34 -21.15 -4.02
C ASN F 240 36.49 -21.34 -2.77
N LEU F 241 36.19 -22.60 -2.46
CA LEU F 241 35.38 -22.92 -1.30
C LEU F 241 36.02 -22.38 -0.02
N LEU F 242 37.35 -22.47 0.09
CA LEU F 242 38.09 -21.98 1.24
C LEU F 242 38.08 -20.46 1.25
N ASN F 243 37.98 -19.85 0.06
CA ASN F 243 37.93 -18.41 -0.01
C ASN F 243 36.63 -17.96 0.63
N ILE F 244 35.51 -18.48 0.14
CA ILE F 244 34.20 -18.15 0.68
C ILE F 244 34.20 -18.34 2.18
N TYR F 245 34.82 -19.42 2.64
CA TYR F 245 34.89 -19.74 4.05
C TYR F 245 35.70 -18.69 4.80
N SER F 246 36.92 -18.46 4.33
CA SER F 246 37.84 -17.51 4.95
C SER F 246 37.27 -16.11 5.11
N THR F 247 36.76 -15.55 4.02
CA THR F 247 36.18 -14.20 4.02
C THR F 247 34.92 -14.04 4.86
N LEU F 248 34.14 -15.10 5.04
CA LEU F 248 32.91 -15.00 5.82
C LEU F 248 33.08 -15.36 7.29
N SER F 249 34.20 -16.01 7.60
CA SER F 249 34.46 -16.42 8.97
C SER F 249 35.60 -15.71 9.63
N GLY F 250 36.40 -15.02 8.84
CA GLY F 250 37.52 -14.30 9.40
C GLY F 250 38.60 -15.21 9.95
N GLN F 251 38.70 -16.43 9.42
CA GLN F 251 39.76 -17.32 9.85
C GLN F 251 40.70 -17.41 8.67
N SER F 252 42.01 -17.30 8.91
CA SER F 252 42.96 -17.38 7.81
C SER F 252 42.75 -18.69 7.06
N ILE F 253 43.05 -18.67 5.77
CA ILE F 253 42.93 -19.86 4.94
C ILE F 253 43.88 -20.90 5.52
N GLU F 254 45.03 -20.41 5.99
CA GLU F 254 46.06 -21.24 6.59
C GLU F 254 45.44 -21.99 7.76
N GLU F 255 44.76 -21.25 8.63
CA GLU F 255 44.12 -21.83 9.80
C GLU F 255 43.10 -22.90 9.43
N LEU F 256 42.30 -22.64 8.39
CA LEU F 256 41.29 -23.60 7.95
C LEU F 256 41.94 -24.90 7.46
N GLU F 257 43.04 -24.76 6.74
CA GLU F 257 43.75 -25.95 6.24
C GLU F 257 44.12 -26.82 7.44
N ARG F 258 44.72 -26.18 8.44
CA ARG F 258 45.16 -26.85 9.65
C ARG F 258 44.00 -27.50 10.38
N GLN F 259 42.88 -26.79 10.42
CA GLN F 259 41.67 -27.24 11.08
C GLN F 259 41.01 -28.44 10.42
N TYR F 260 41.14 -28.52 9.11
CA TYR F 260 40.53 -29.63 8.39
C TYR F 260 41.52 -30.69 7.94
N GLU F 261 42.73 -30.62 8.49
CA GLU F 261 43.82 -31.54 8.17
C GLU F 261 43.37 -32.83 7.47
N GLY F 262 42.91 -33.79 8.26
CA GLY F 262 42.47 -35.06 7.71
C GLY F 262 40.97 -35.28 7.64
N LYS F 263 40.20 -34.20 7.77
CA LYS F 263 38.74 -34.30 7.69
C LYS F 263 38.41 -34.34 6.20
N GLY F 264 37.27 -34.93 5.86
CA GLY F 264 36.91 -35.01 4.45
C GLY F 264 36.02 -33.91 3.91
N TYR F 265 35.96 -33.83 2.59
CA TYR F 265 35.14 -32.84 1.92
C TYR F 265 33.72 -32.80 2.48
N GLY F 266 33.28 -33.89 3.10
CA GLY F 266 31.94 -33.94 3.62
C GLY F 266 31.70 -33.03 4.79
N VAL F 267 32.54 -33.11 5.82
CA VAL F 267 32.38 -32.26 7.01
C VAL F 267 32.78 -30.84 6.67
N PHE F 268 33.65 -30.67 5.68
CA PHE F 268 34.09 -29.35 5.28
C PHE F 268 32.91 -28.59 4.69
N LYS F 269 32.21 -29.23 3.77
CA LYS F 269 31.04 -28.63 3.12
C LYS F 269 29.88 -28.40 4.10
N ALA F 270 29.65 -29.35 5.00
CA ALA F 270 28.56 -29.18 5.96
C ALA F 270 28.83 -27.89 6.73
N ASP F 271 30.06 -27.76 7.25
CA ASP F 271 30.47 -26.59 8.02
C ASP F 271 30.37 -25.28 7.22
N LEU F 272 30.87 -25.32 5.99
CA LEU F 272 30.84 -24.15 5.14
C LEU F 272 29.40 -23.71 4.97
N ALA F 273 28.52 -24.70 4.80
CA ALA F 273 27.08 -24.46 4.61
C ALA F 273 26.49 -23.64 5.77
N GLN F 274 27.05 -23.80 6.96
CA GLN F 274 26.56 -23.08 8.11
C GLN F 274 27.11 -21.67 8.15
N VAL F 275 28.38 -21.51 7.83
CA VAL F 275 28.99 -20.18 7.87
C VAL F 275 28.27 -19.26 6.89
N VAL F 276 27.71 -19.83 5.81
CA VAL F 276 26.98 -19.06 4.80
C VAL F 276 25.53 -18.79 5.23
N ILE F 277 24.90 -19.77 5.86
CA ILE F 277 23.53 -19.62 6.32
C ILE F 277 23.51 -18.61 7.45
N GLU F 278 24.45 -18.77 8.37
CA GLU F 278 24.53 -17.87 9.51
C GLU F 278 24.75 -16.42 9.09
N THR F 279 25.69 -16.19 8.19
CA THR F 279 26.00 -14.86 7.69
C THR F 279 24.82 -14.17 6.99
N LEU F 280 24.04 -14.96 6.26
CA LEU F 280 22.90 -14.43 5.52
C LEU F 280 21.59 -14.34 6.31
N ARG F 281 21.46 -15.17 7.34
CA ARG F 281 20.25 -15.23 8.14
C ARG F 281 19.72 -13.85 8.59
N PRO F 282 20.53 -13.06 9.34
CA PRO F 282 20.12 -11.74 9.81
C PRO F 282 19.85 -10.78 8.65
N ILE F 283 20.66 -10.87 7.60
CA ILE F 283 20.47 -10.02 6.45
C ILE F 283 19.11 -10.29 5.84
N GLN F 284 18.71 -11.55 5.76
CA GLN F 284 17.41 -11.88 5.17
C GLN F 284 16.24 -11.38 6.02
N GLU F 285 16.41 -11.34 7.33
CA GLU F 285 15.33 -10.86 8.18
C GLU F 285 15.11 -9.37 7.89
N ARG F 286 16.14 -8.58 8.17
CA ARG F 286 16.07 -7.13 7.93
C ARG F 286 15.57 -6.84 6.53
N TYR F 287 15.90 -7.70 5.57
CA TYR F 287 15.45 -7.49 4.21
C TYR F 287 13.92 -7.47 4.21
N HIS F 288 13.31 -8.51 4.77
CA HIS F 288 11.85 -8.59 4.81
C HIS F 288 11.22 -7.47 5.64
N HIS F 289 11.92 -7.06 6.69
CA HIS F 289 11.41 -5.98 7.51
C HIS F 289 11.31 -4.76 6.62
N TRP F 290 12.40 -4.40 5.95
CA TRP F 290 12.39 -3.23 5.05
C TRP F 290 11.41 -3.36 3.90
N MET F 291 11.10 -4.59 3.51
CA MET F 291 10.17 -4.81 2.42
C MET F 291 8.76 -4.40 2.79
N GLU F 292 8.36 -4.71 4.03
CA GLU F 292 7.01 -4.38 4.49
C GLU F 292 7.00 -3.08 5.30
N SER F 293 8.18 -2.50 5.52
CA SER F 293 8.32 -1.26 6.26
C SER F 293 8.08 -0.07 5.32
N GLU F 294 7.26 0.89 5.75
CA GLU F 294 6.99 2.06 4.92
C GLU F 294 8.17 3.01 5.05
N GLU F 295 9.05 2.76 6.02
CA GLU F 295 10.24 3.57 6.24
C GLU F 295 11.11 3.51 5.00
N LEU F 296 10.84 2.53 4.14
CA LEU F 296 11.61 2.36 2.93
C LEU F 296 11.41 3.56 2.02
N ASP F 297 10.17 3.94 1.78
CA ASP F 297 9.91 5.08 0.90
C ASP F 297 10.37 6.36 1.55
N ARG F 298 10.42 6.38 2.86
CA ARG F 298 10.91 7.56 3.55
C ARG F 298 12.39 7.75 3.19
N VAL F 299 13.18 6.71 3.41
CA VAL F 299 14.62 6.72 3.13
C VAL F 299 14.94 7.14 1.69
N LEU F 300 14.14 6.60 0.77
CA LEU F 300 14.33 6.90 -0.64
C LEU F 300 13.88 8.30 -1.02
N ASP F 301 12.97 8.88 -0.22
CA ASP F 301 12.49 10.23 -0.49
C ASP F 301 13.59 11.19 -0.07
N GLU F 302 14.03 11.04 1.18
CA GLU F 302 15.09 11.86 1.72
C GLU F 302 16.29 11.75 0.81
N GLY F 303 16.56 10.53 0.36
CA GLY F 303 17.67 10.28 -0.53
C GLY F 303 17.55 10.98 -1.86
N ALA F 304 16.32 11.11 -2.37
CA ALA F 304 16.09 11.78 -3.65
C ALA F 304 16.40 13.26 -3.50
N GLU F 305 16.11 13.81 -2.32
CA GLU F 305 16.36 15.22 -2.07
C GLU F 305 17.85 15.46 -1.94
N LYS F 306 18.47 14.73 -1.01
CA LYS F 306 19.89 14.85 -0.82
C LYS F 306 20.64 14.74 -2.14
N ALA F 307 20.10 14.02 -3.12
CA ALA F 307 20.82 13.95 -4.37
C ALA F 307 20.42 15.11 -5.24
N ASN F 308 19.13 15.41 -5.27
CA ASN F 308 18.65 16.48 -6.11
C ASN F 308 19.12 17.87 -5.76
N ARG F 309 19.33 18.13 -4.47
CA ARG F 309 19.78 19.47 -4.10
C ARG F 309 21.23 19.72 -4.51
N VAL F 310 22.00 18.66 -4.70
CA VAL F 310 23.38 18.82 -5.13
C VAL F 310 23.44 18.79 -6.64
N ALA F 311 22.72 17.82 -7.20
CA ALA F 311 22.65 17.60 -8.63
C ALA F 311 22.11 18.78 -9.43
N SER F 312 21.05 19.39 -8.92
CA SER F 312 20.42 20.53 -9.59
C SER F 312 21.39 21.68 -9.69
N GLU F 313 22.04 21.96 -8.57
CA GLU F 313 23.00 23.03 -8.49
C GLU F 313 24.05 22.87 -9.57
N MET F 314 24.47 21.63 -9.77
CA MET F 314 25.47 21.34 -10.77
C MET F 314 24.95 21.52 -12.20
N VAL F 315 23.69 21.13 -12.42
CA VAL F 315 23.11 21.26 -13.75
C VAL F 315 23.02 22.75 -14.10
N ARG F 316 22.54 23.52 -13.14
CA ARG F 316 22.37 24.96 -13.29
C ARG F 316 23.70 25.54 -13.73
N LYS F 317 24.79 25.12 -13.10
CA LYS F 317 26.11 25.63 -13.47
C LYS F 317 26.52 25.20 -14.89
N MET F 318 26.08 24.00 -15.30
CA MET F 318 26.40 23.47 -16.63
C MET F 318 25.70 24.29 -17.72
N GLU F 319 24.42 24.59 -17.48
CA GLU F 319 23.64 25.37 -18.45
C GLU F 319 24.27 26.74 -18.61
N GLN F 320 24.61 27.35 -17.47
CA GLN F 320 25.24 28.67 -17.46
C GLN F 320 26.44 28.64 -18.41
N ALA F 321 27.33 27.69 -18.19
CA ALA F 321 28.52 27.55 -19.01
C ALA F 321 28.25 27.46 -20.51
N MET F 322 27.29 26.62 -20.89
CA MET F 322 26.99 26.41 -22.30
C MET F 322 26.10 27.47 -22.94
N GLY F 323 25.35 28.19 -22.11
CA GLY F 323 24.47 29.24 -22.60
C GLY F 323 23.09 28.75 -22.95
N LEU F 324 22.51 27.94 -22.07
CA LEU F 324 21.18 27.43 -22.29
C LEU F 324 20.25 28.29 -21.46
N GLY F 325 19.06 28.56 -21.99
CA GLY F 325 18.10 29.37 -21.25
C GLY F 325 18.48 30.80 -20.88
N ARG F 326 18.37 31.09 -19.57
CA ARG F 326 18.65 32.39 -18.98
C ARG F 326 19.72 32.33 -17.88
#